data_2Y1W
#
_entry.id   2Y1W
#
_cell.length_a   74.896
_cell.length_b   98.471
_cell.length_c   207.184
_cell.angle_alpha   90.00
_cell.angle_beta   90.00
_cell.angle_gamma   90.00
#
_symmetry.space_group_name_H-M   'P 21 21 2'
#
loop_
_entity.id
_entity.type
_entity.pdbx_description
1 polymer 'HISTONE-ARGININE METHYLTRANSFERASE CARM1'
2 non-polymer SINEFUNGIN
3 non-polymer '2-{4-[3-FLUORO-2-(2-METHOXYPHENYL)-1H-INDOL-5-YL] PIPERIDIN-1-YL}-N-METHYLETHANAMINE'
4 water water
#
_entity_poly.entity_id   1
_entity_poly.type   'polypeptide(L)'
_entity_poly.pdbx_seq_one_letter_code
;SVFSERTEESSAVQYFQFYGYLSQQQNMMQDYVRTGTYQRAILQNHTDFKDKIVLDVGCGSGILSFFAAQAGARKIYAVE
ASTMAQHAEVLVKSNNLTDRIVVIPGKVEEVSLPEQVDIIISEPMGYMLFNERMLESYLHAKKYLKPSGNMFPTIGDVHL
APFTDEQLYMEQFTKANFWYQPSFHGVDLSALRGAAVDEYFRQPVVDTFDIRILMAKSVKYTVNFLEAKEGDLHRIEIPF
KFHMLHSGLVHGLAFWFDVAFIGSIMTVWLSTAPTEPLTHWYQVRCLFQSPLFAKAGDTLSGTCLLIANKRQSYDISIVA
QVDQTGSKSSNLLDLKNPFFRYTGTTPS
;
_entity_poly.pdbx_strand_id   A,B,C,D
#
# COMPACT_ATOMS: atom_id res chain seq x y z
N SER A 1 -22.98 -13.31 38.01
CA SER A 1 -23.80 -12.09 37.73
C SER A 1 -25.03 -12.47 36.89
N VAL A 2 -25.81 -11.50 36.45
CA VAL A 2 -26.91 -11.79 35.51
C VAL A 2 -26.31 -12.37 34.22
N PHE A 3 -25.19 -11.79 33.78
CA PHE A 3 -24.59 -12.26 32.55
C PHE A 3 -24.11 -13.70 32.70
N SER A 4 -23.34 -13.99 33.74
CA SER A 4 -22.77 -15.31 33.86
C SER A 4 -23.87 -16.37 33.99
N GLU A 5 -24.92 -16.04 34.72
CA GLU A 5 -25.97 -16.99 35.01
C GLU A 5 -26.74 -17.42 33.75
N ARG A 6 -26.86 -16.52 32.78
CA ARG A 6 -27.59 -16.84 31.55
C ARG A 6 -26.67 -17.30 30.40
N THR A 7 -25.37 -17.37 30.63
CA THR A 7 -24.43 -17.64 29.55
C THR A 7 -23.43 -18.75 29.88
N GLU A 8 -23.34 -19.76 29.03
CA GLU A 8 -22.24 -20.71 29.22
C GLU A 8 -20.90 -20.01 29.00
N GLU A 9 -20.00 -20.16 29.97
CA GLU A 9 -18.74 -19.43 29.95
C GLU A 9 -17.96 -19.65 28.66
N SER A 10 -18.07 -20.84 28.08
CA SER A 10 -17.35 -21.09 26.85
C SER A 10 -17.93 -20.31 25.68
N SER A 11 -19.23 -20.07 25.74
CA SER A 11 -19.86 -19.20 24.74
C SER A 11 -19.33 -17.80 24.97
N ALA A 12 -19.26 -17.38 26.23
CA ALA A 12 -18.77 -16.04 26.55
C ALA A 12 -17.32 -15.82 26.10
N VAL A 13 -16.43 -16.73 26.50
CA VAL A 13 -15.07 -16.72 25.98
C VAL A 13 -15.08 -16.52 24.48
N GLN A 14 -15.75 -17.42 23.76
CA GLN A 14 -15.73 -17.36 22.32
C GLN A 14 -16.25 -16.02 21.81
N TYR A 15 -17.21 -15.48 22.54
CA TYR A 15 -17.91 -14.28 22.10
C TYR A 15 -17.01 -13.05 22.22
N PHE A 16 -16.39 -12.87 23.38
CA PHE A 16 -15.56 -11.71 23.61
C PHE A 16 -14.18 -11.83 22.96
N GLN A 17 -13.76 -13.05 22.68
CA GLN A 17 -12.61 -13.31 21.85
C GLN A 17 -12.86 -12.75 20.45
N PHE A 18 -14.08 -12.97 19.95
CA PHE A 18 -14.44 -12.52 18.61
C PHE A 18 -14.38 -10.99 18.54
N TYR A 19 -14.96 -10.31 19.52
CA TYR A 19 -14.96 -8.87 19.47
C TYR A 19 -13.61 -8.25 19.85
N GLY A 20 -12.70 -9.11 20.33
CA GLY A 20 -11.34 -8.67 20.59
C GLY A 20 -10.51 -8.40 19.33
N TYR A 21 -10.98 -8.85 18.18
CA TYR A 21 -10.24 -8.60 16.94
C TYR A 21 -10.56 -7.24 16.33
N LEU A 22 -9.50 -6.47 16.07
CA LEU A 22 -9.63 -5.20 15.40
C LEU A 22 -10.33 -5.39 14.06
N SER A 23 -10.03 -6.47 13.37
CA SER A 23 -10.69 -6.73 12.10
C SER A 23 -12.23 -6.83 12.23
N GLN A 24 -12.73 -7.34 13.36
CA GLN A 24 -14.17 -7.45 13.52
C GLN A 24 -14.79 -6.09 13.87
N GLN A 25 -14.11 -5.32 14.71
CA GLN A 25 -14.55 -3.96 14.98
C GLN A 25 -14.55 -3.20 13.66
N GLN A 26 -13.49 -3.40 12.88
CA GLN A 26 -13.38 -2.72 11.60
C GLN A 26 -14.60 -3.05 10.73
N ASN A 27 -14.98 -4.32 10.74
CA ASN A 27 -16.08 -4.79 9.89
C ASN A 27 -17.37 -4.05 10.25
N MET A 28 -17.60 -3.80 11.54
CA MET A 28 -18.79 -3.03 11.92
C MET A 28 -18.60 -1.56 11.59
N MET A 29 -17.41 -1.05 11.90
CA MET A 29 -17.16 0.36 11.62
C MET A 29 -17.36 0.70 10.15
N GLN A 30 -16.97 -0.21 9.26
CA GLN A 30 -17.00 0.04 7.81
C GLN A 30 -18.39 -0.09 7.23
N ASP A 31 -19.34 -0.60 8.00
CA ASP A 31 -20.72 -0.64 7.54
C ASP A 31 -21.21 0.82 7.61
N TYR A 32 -21.26 1.46 6.45
CA TYR A 32 -21.35 2.92 6.46
C TYR A 32 -22.77 3.31 6.90
N VAL A 33 -23.74 2.58 6.39
CA VAL A 33 -25.11 2.82 6.82
C VAL A 33 -25.22 2.72 8.35
N ARG A 34 -24.66 1.66 8.93
CA ARG A 34 -24.67 1.49 10.38
C ARG A 34 -24.00 2.66 11.10
N THR A 35 -22.76 2.94 10.72
CA THR A 35 -21.92 3.86 11.49
C THR A 35 -22.32 5.32 11.24
N GLY A 36 -22.69 5.61 9.99
CA GLY A 36 -23.08 6.95 9.63
C GLY A 36 -24.42 7.32 10.24
N THR A 37 -25.31 6.36 10.36
CA THR A 37 -26.61 6.64 10.92
C THR A 37 -26.53 6.83 12.42
N TYR A 38 -25.72 6.04 13.10
CA TYR A 38 -25.46 6.30 14.51
C TYR A 38 -24.90 7.73 14.72
N GLN A 39 -23.92 8.12 13.91
CA GLN A 39 -23.32 9.43 14.03
C GLN A 39 -24.36 10.53 13.76
N ARG A 40 -25.15 10.40 12.70
CA ARG A 40 -26.24 11.35 12.41
C ARG A 40 -27.23 11.47 13.56
N ALA A 41 -27.69 10.32 14.08
CA ALA A 41 -28.65 10.28 15.16
C ALA A 41 -28.13 11.03 16.38
N ILE A 42 -26.87 10.81 16.71
CA ILE A 42 -26.29 11.45 17.88
C ILE A 42 -26.02 12.95 17.64
N LEU A 43 -25.35 13.31 16.55
CA LEU A 43 -25.07 14.71 16.25
C LEU A 43 -26.33 15.56 15.96
N GLN A 44 -27.33 14.99 15.29
CA GLN A 44 -28.53 15.78 15.04
C GLN A 44 -29.42 15.94 16.27
N ASN A 45 -29.17 15.12 17.28
CA ASN A 45 -29.84 15.30 18.56
C ASN A 45 -28.86 15.77 19.66
N HIS A 46 -28.07 16.78 19.31
CA HIS A 46 -26.95 17.20 20.16
C HIS A 46 -27.42 17.74 21.51
N THR A 47 -28.63 18.28 21.55
CA THR A 47 -29.20 18.71 22.81
C THR A 47 -29.40 17.52 23.74
N ASP A 48 -29.58 16.32 23.18
CA ASP A 48 -29.66 15.15 24.03
C ASP A 48 -28.30 14.73 24.61
N PHE A 49 -27.23 15.36 24.14
CA PHE A 49 -25.92 15.00 24.64
C PHE A 49 -25.15 16.14 25.32
N LYS A 50 -25.43 17.37 24.91
CA LYS A 50 -24.66 18.52 25.35
C LYS A 50 -24.59 18.60 26.89
N ASP A 51 -23.38 18.45 27.43
CA ASP A 51 -23.12 18.49 28.87
C ASP A 51 -23.76 17.35 29.64
N LYS A 52 -24.12 16.28 28.94
CA LYS A 52 -24.78 15.13 29.57
C LYS A 52 -23.78 14.07 30.06
N ILE A 53 -24.27 13.18 30.92
CA ILE A 53 -23.52 11.99 31.30
C ILE A 53 -24.04 10.84 30.44
N VAL A 54 -23.14 10.10 29.82
CA VAL A 54 -23.51 9.09 28.84
C VAL A 54 -22.91 7.76 29.24
N LEU A 55 -23.69 6.70 29.01
CA LEU A 55 -23.17 5.35 29.08
C LEU A 55 -23.18 4.73 27.68
N ASP A 56 -22.03 4.17 27.28
CA ASP A 56 -21.90 3.43 26.03
C ASP A 56 -21.75 1.96 26.38
N VAL A 57 -22.77 1.17 26.08
CA VAL A 57 -22.74 -0.24 26.45
C VAL A 57 -22.09 -1.07 25.36
N GLY A 58 -20.91 -1.62 25.66
CA GLY A 58 -20.16 -2.36 24.66
C GLY A 58 -19.47 -1.46 23.64
N CYS A 59 -18.56 -0.60 24.11
CA CYS A 59 -18.06 0.51 23.28
C CYS A 59 -17.17 0.08 22.11
N GLY A 60 -16.65 -1.15 22.18
CA GLY A 60 -15.83 -1.64 21.09
C GLY A 60 -14.63 -0.71 20.95
N SER A 61 -14.37 -0.25 19.72
CA SER A 61 -13.29 0.69 19.46
C SER A 61 -13.50 2.02 20.22
N GLY A 62 -14.73 2.27 20.63
CA GLY A 62 -15.04 3.52 21.29
C GLY A 62 -15.82 4.44 20.39
N ILE A 63 -16.00 4.03 19.14
CA ILE A 63 -16.54 4.91 18.12
C ILE A 63 -17.80 5.71 18.52
N LEU A 64 -18.76 5.07 19.18
CA LEU A 64 -19.97 5.78 19.54
C LEU A 64 -19.73 6.81 20.63
N SER A 65 -18.84 6.50 21.56
CA SER A 65 -18.47 7.45 22.60
C SER A 65 -17.82 8.72 22.00
N PHE A 66 -17.02 8.54 20.96
CA PHE A 66 -16.46 9.70 20.27
C PHE A 66 -17.55 10.53 19.61
N PHE A 67 -18.61 9.88 19.14
CA PHE A 67 -19.74 10.63 18.60
C PHE A 67 -20.42 11.40 19.75
N ALA A 68 -20.60 10.75 20.89
CA ALA A 68 -21.20 11.42 22.03
C ALA A 68 -20.35 12.63 22.38
N ALA A 69 -19.04 12.45 22.33
CA ALA A 69 -18.10 13.52 22.63
C ALA A 69 -18.22 14.65 21.59
N GLN A 70 -18.42 14.30 20.33
CA GLN A 70 -18.57 15.29 19.29
C GLN A 70 -19.86 16.06 19.47
N ALA A 71 -20.85 15.42 20.08
CA ALA A 71 -22.11 16.09 20.33
C ALA A 71 -22.10 16.90 21.65
N GLY A 72 -20.99 16.88 22.37
CA GLY A 72 -20.85 17.74 23.53
C GLY A 72 -21.04 17.13 24.91
N ALA A 73 -21.06 15.80 25.01
CA ALA A 73 -21.29 15.16 26.30
C ALA A 73 -20.25 15.63 27.30
N ARG A 74 -20.62 15.69 28.56
CA ARG A 74 -19.69 16.10 29.59
C ARG A 74 -18.82 14.91 29.98
N LYS A 75 -19.45 13.75 30.15
CA LYS A 75 -18.75 12.55 30.59
C LYS A 75 -19.40 11.34 29.95
N ILE A 76 -18.56 10.43 29.45
CA ILE A 76 -19.01 9.21 28.83
C ILE A 76 -18.31 8.00 29.44
N TYR A 77 -19.10 7.12 30.06
CA TYR A 77 -18.55 5.85 30.49
C TYR A 77 -18.74 4.82 29.36
N ALA A 78 -17.62 4.33 28.86
CA ALA A 78 -17.62 3.41 27.74
C ALA A 78 -17.22 2.05 28.30
N VAL A 79 -18.20 1.15 28.43
CA VAL A 79 -17.96 -0.16 29.02
C VAL A 79 -17.75 -1.18 27.93
N GLU A 80 -16.75 -2.04 28.12
CA GLU A 80 -16.40 -3.03 27.10
C GLU A 80 -15.74 -4.26 27.71
N ALA A 81 -16.27 -5.43 27.38
CA ALA A 81 -15.91 -6.67 28.05
C ALA A 81 -14.78 -7.41 27.38
N SER A 82 -14.57 -7.17 26.08
CA SER A 82 -13.47 -7.84 25.38
C SER A 82 -12.17 -7.04 25.56
N THR A 83 -11.06 -7.61 25.11
CA THR A 83 -9.78 -6.94 25.22
C THR A 83 -9.75 -5.71 24.31
N MET A 84 -10.78 -5.55 23.48
CA MET A 84 -10.90 -4.30 22.71
C MET A 84 -10.90 -3.07 23.62
N ALA A 85 -11.28 -3.25 24.88
CA ALA A 85 -11.29 -2.13 25.82
C ALA A 85 -9.95 -1.41 25.90
N GLN A 86 -8.85 -2.17 25.78
CA GLN A 86 -7.51 -1.61 25.85
C GLN A 86 -7.22 -0.74 24.63
N HIS A 87 -7.67 -1.16 23.44
CA HIS A 87 -7.47 -0.36 22.24
C HIS A 87 -8.30 0.91 22.29
N ALA A 88 -9.53 0.80 22.79
CA ALA A 88 -10.38 1.97 22.98
C ALA A 88 -9.69 3.01 23.87
N GLU A 89 -9.02 2.55 24.92
CA GLU A 89 -8.33 3.46 25.82
C GLU A 89 -7.22 4.20 25.08
N VAL A 90 -6.46 3.47 24.26
CA VAL A 90 -5.44 4.08 23.42
C VAL A 90 -6.02 5.17 22.52
N LEU A 91 -7.14 4.90 21.88
CA LEU A 91 -7.79 5.91 21.06
C LEU A 91 -8.27 7.12 21.88
N VAL A 92 -8.71 6.90 23.10
CA VAL A 92 -9.20 8.00 23.91
C VAL A 92 -8.06 8.97 24.23
N LYS A 93 -6.89 8.42 24.52
CA LYS A 93 -5.69 9.23 24.75
C LYS A 93 -5.18 9.93 23.49
N SER A 94 -5.08 9.19 22.39
CA SER A 94 -4.54 9.78 21.18
C SER A 94 -5.49 10.82 20.60
N ASN A 95 -6.76 10.77 20.98
CA ASN A 95 -7.71 11.78 20.53
C ASN A 95 -7.93 12.84 21.61
N ASN A 96 -7.12 12.77 22.66
CA ASN A 96 -7.09 13.82 23.69
C ASN A 96 -8.46 14.04 24.34
N LEU A 97 -9.14 12.93 24.67
CA LEU A 97 -10.47 13.00 25.25
C LEU A 97 -10.49 12.29 26.59
N THR A 98 -9.34 12.16 27.23
CA THR A 98 -9.24 11.45 28.49
C THR A 98 -10.06 12.16 29.58
N ASP A 99 -10.32 13.45 29.36
CA ASP A 99 -11.11 14.22 30.32
C ASP A 99 -12.61 13.95 30.21
N ARG A 100 -13.03 13.34 29.11
CA ARG A 100 -14.46 13.16 28.86
C ARG A 100 -14.92 11.73 28.62
N ILE A 101 -14.06 10.88 28.10
CA ILE A 101 -14.44 9.50 27.90
C ILE A 101 -13.66 8.62 28.86
N VAL A 102 -14.40 7.86 29.65
CA VAL A 102 -13.78 6.94 30.59
C VAL A 102 -14.08 5.50 30.22
N VAL A 103 -13.05 4.78 29.85
CA VAL A 103 -13.20 3.38 29.47
C VAL A 103 -13.24 2.52 30.72
N ILE A 104 -14.23 1.64 30.79
CA ILE A 104 -14.38 0.73 31.91
C ILE A 104 -14.43 -0.69 31.39
N PRO A 105 -13.35 -1.45 31.58
CA PRO A 105 -13.23 -2.84 31.15
C PRO A 105 -14.17 -3.73 31.96
N GLY A 106 -14.90 -4.60 31.25
CA GLY A 106 -15.74 -5.58 31.93
C GLY A 106 -17.15 -5.67 31.34
N LYS A 107 -17.92 -6.63 31.84
CA LYS A 107 -19.31 -6.76 31.41
C LYS A 107 -20.16 -5.70 32.10
N VAL A 108 -21.10 -5.09 31.36
CA VAL A 108 -21.91 -4.03 31.92
C VAL A 108 -22.71 -4.59 33.12
N GLU A 109 -22.90 -5.90 33.15
CA GLU A 109 -23.62 -6.54 34.26
C GLU A 109 -22.75 -6.69 35.52
N GLU A 110 -21.45 -6.41 35.40
CA GLU A 110 -20.50 -6.74 36.45
C GLU A 110 -19.62 -5.57 36.90
N VAL A 111 -19.64 -4.47 36.16
CA VAL A 111 -18.81 -3.33 36.54
C VAL A 111 -19.59 -2.39 37.46
N SER A 112 -18.88 -1.42 38.02
CA SER A 112 -19.51 -0.34 38.78
C SER A 112 -19.35 0.97 38.03
N LEU A 113 -20.45 1.66 37.80
CA LEU A 113 -20.38 3.06 37.35
C LEU A 113 -20.35 3.97 38.57
N PRO A 114 -19.60 5.08 38.48
CA PRO A 114 -19.57 6.02 39.61
C PRO A 114 -20.90 6.76 39.82
N GLU A 115 -21.66 6.94 38.74
CA GLU A 115 -22.86 7.74 38.81
C GLU A 115 -23.90 7.32 37.80
N GLN A 116 -25.12 7.82 37.97
CA GLN A 116 -26.22 7.54 37.04
C GLN A 116 -26.05 8.41 35.82
N VAL A 117 -26.63 7.98 34.69
CA VAL A 117 -26.39 8.68 33.45
C VAL A 117 -27.69 9.24 32.87
N ASP A 118 -27.55 10.19 31.95
CA ASP A 118 -28.69 10.84 31.30
C ASP A 118 -29.17 10.04 30.10
N ILE A 119 -28.27 9.28 29.51
CA ILE A 119 -28.59 8.60 28.28
C ILE A 119 -27.63 7.44 28.04
N ILE A 120 -28.20 6.30 27.67
CA ILE A 120 -27.42 5.15 27.30
C ILE A 120 -27.44 5.07 25.77
N ILE A 121 -26.27 4.82 25.20
CA ILE A 121 -26.17 4.53 23.78
C ILE A 121 -25.55 3.14 23.63
N SER A 122 -25.89 2.47 22.54
CA SER A 122 -25.34 1.15 22.26
C SER A 122 -25.68 0.71 20.85
N GLU A 123 -24.84 -0.17 20.33
CA GLU A 123 -25.24 -0.95 19.17
C GLU A 123 -25.14 -2.42 19.57
N PRO A 124 -26.26 -2.95 20.10
CA PRO A 124 -26.43 -4.29 20.64
C PRO A 124 -27.20 -5.26 19.71
N MET A 125 -27.44 -4.89 18.46
CA MET A 125 -28.30 -5.70 17.57
C MET A 125 -27.54 -6.83 16.89
N GLY A 126 -28.06 -8.05 16.97
CA GLY A 126 -27.53 -9.13 16.16
C GLY A 126 -28.40 -9.46 14.97
N TYR A 127 -28.10 -10.58 14.29
CA TYR A 127 -28.97 -11.08 13.22
C TYR A 127 -30.38 -11.19 13.74
N MET A 128 -31.36 -10.83 12.93
CA MET A 128 -32.75 -10.92 13.37
C MET A 128 -32.95 -10.09 14.61
N LEU A 129 -32.12 -9.06 14.78
CA LEU A 129 -32.17 -8.21 15.97
C LEU A 129 -31.67 -8.87 17.26
N PHE A 130 -32.18 -10.07 17.58
CA PHE A 130 -32.02 -10.61 18.92
C PHE A 130 -30.78 -11.45 19.10
N ASN A 131 -30.18 -11.94 18.00
CA ASN A 131 -29.06 -12.87 18.16
C ASN A 131 -27.98 -12.22 18.98
N GLU A 132 -27.25 -13.02 19.76
CA GLU A 132 -26.17 -12.58 20.66
C GLU A 132 -26.65 -12.19 22.07
N ARG A 133 -27.94 -11.86 22.18
CA ARG A 133 -28.58 -11.56 23.46
C ARG A 133 -27.90 -10.37 24.12
N MET A 134 -27.34 -9.50 23.30
CA MET A 134 -26.78 -8.29 23.86
C MET A 134 -27.87 -7.26 24.16
N LEU A 135 -29.02 -7.36 23.50
CA LEU A 135 -30.11 -6.48 23.88
C LEU A 135 -30.42 -6.56 25.39
N GLU A 136 -30.21 -7.72 26.00
CA GLU A 136 -30.48 -7.86 27.43
C GLU A 136 -29.48 -7.09 28.26
N SER A 137 -28.24 -7.03 27.78
CA SER A 137 -27.22 -6.26 28.48
C SER A 137 -27.56 -4.78 28.39
N TYR A 138 -28.09 -4.39 27.23
CA TYR A 138 -28.54 -3.01 27.00
C TYR A 138 -29.65 -2.63 27.98
N LEU A 139 -30.66 -3.48 28.08
CA LEU A 139 -31.76 -3.29 29.03
C LEU A 139 -31.27 -3.32 30.48
N HIS A 140 -30.41 -4.28 30.79
CA HIS A 140 -29.81 -4.38 32.12
C HIS A 140 -29.13 -3.08 32.56
N ALA A 141 -28.56 -2.37 31.59
CA ALA A 141 -27.83 -1.13 31.88
C ALA A 141 -28.75 0.00 32.35
N LYS A 142 -30.06 -0.14 32.14
CA LYS A 142 -31.00 0.85 32.63
C LYS A 142 -30.96 1.02 34.14
N LYS A 143 -30.36 0.06 34.84
CA LYS A 143 -30.12 0.23 36.27
C LYS A 143 -29.26 1.46 36.53
N TYR A 144 -28.54 1.94 35.52
CA TYR A 144 -27.74 3.15 35.69
C TYR A 144 -28.39 4.38 35.10
N LEU A 145 -29.62 4.23 34.59
CA LEU A 145 -30.26 5.35 33.91
C LEU A 145 -31.04 6.22 34.86
N LYS A 146 -30.79 7.53 34.82
CA LYS A 146 -31.61 8.45 35.58
C LYS A 146 -33.07 8.35 35.13
N PRO A 147 -34.01 8.71 36.02
CA PRO A 147 -35.44 8.79 35.70
C PRO A 147 -35.64 9.68 34.48
N SER A 148 -36.41 9.19 33.52
CA SER A 148 -36.61 9.90 32.28
C SER A 148 -35.32 10.09 31.48
N GLY A 149 -34.29 9.32 31.80
CA GLY A 149 -33.15 9.23 30.89
C GLY A 149 -33.55 8.58 29.56
N ASN A 150 -32.76 8.81 28.52
CA ASN A 150 -33.11 8.28 27.21
C ASN A 150 -32.22 7.10 26.80
N MET A 151 -32.64 6.43 25.73
CA MET A 151 -31.94 5.26 25.20
C MET A 151 -31.80 5.42 23.71
N PHE A 152 -30.57 5.25 23.22
CA PHE A 152 -30.23 5.40 21.81
C PHE A 152 -29.53 4.12 21.33
N PRO A 153 -30.25 3.26 20.60
CA PRO A 153 -31.62 3.41 20.07
C PRO A 153 -32.74 3.26 21.11
N THR A 154 -33.92 3.75 20.74
CA THR A 154 -35.02 3.82 21.67
C THR A 154 -35.99 2.64 21.50
N ILE A 155 -36.22 2.23 20.25
CA ILE A 155 -37.07 1.09 20.01
C ILE A 155 -36.45 0.24 18.92
N GLY A 156 -36.76 -1.05 18.91
CA GLY A 156 -36.47 -1.87 17.75
C GLY A 156 -37.70 -2.58 17.20
N ASP A 157 -37.84 -2.60 15.88
CA ASP A 157 -38.88 -3.36 15.18
C ASP A 157 -38.24 -4.55 14.46
N VAL A 158 -38.68 -5.76 14.80
CA VAL A 158 -38.44 -6.91 13.95
C VAL A 158 -39.57 -7.10 12.95
N HIS A 159 -39.21 -7.29 11.68
CA HIS A 159 -40.19 -7.57 10.63
C HIS A 159 -40.10 -9.02 10.13
N LEU A 160 -41.26 -9.63 9.93
CA LEU A 160 -41.39 -10.95 9.34
C LEU A 160 -42.29 -10.85 8.14
N ALA A 161 -41.93 -11.56 7.07
CA ALA A 161 -42.81 -11.68 5.90
C ALA A 161 -42.51 -13.03 5.25
N PRO A 162 -43.55 -13.67 4.68
CA PRO A 162 -43.39 -14.94 3.98
C PRO A 162 -42.71 -14.68 2.64
N PHE A 163 -41.89 -15.63 2.17
CA PHE A 163 -41.23 -15.47 0.87
C PHE A 163 -41.44 -16.73 0.05
N THR A 164 -41.30 -16.62 -1.26
CA THR A 164 -41.23 -17.80 -2.10
C THR A 164 -39.84 -17.80 -2.72
N ASP A 165 -39.16 -18.94 -2.70
CA ASP A 165 -37.84 -19.02 -3.32
C ASP A 165 -37.56 -20.46 -3.60
N GLU A 166 -37.99 -20.87 -4.78
CA GLU A 166 -38.10 -22.29 -5.12
C GLU A 166 -36.68 -22.85 -5.20
N GLN A 167 -35.78 -22.04 -5.74
CA GLN A 167 -34.38 -22.43 -5.81
C GLN A 167 -33.73 -22.62 -4.43
N LEU A 168 -34.02 -21.74 -3.48
CA LEU A 168 -33.43 -21.89 -2.16
C LEU A 168 -33.93 -23.15 -1.48
N TYR A 169 -35.23 -23.42 -1.61
CA TYR A 169 -35.80 -24.61 -0.96
C TYR A 169 -35.14 -25.84 -1.58
N MET A 170 -35.14 -25.92 -2.89
CA MET A 170 -34.67 -27.13 -3.56
C MET A 170 -33.18 -27.37 -3.33
N GLU A 171 -32.45 -26.31 -3.03
CA GLU A 171 -31.03 -26.42 -2.86
C GLU A 171 -30.71 -27.28 -1.62
N GLN A 172 -31.60 -27.28 -0.64
CA GLN A 172 -31.37 -28.08 0.55
C GLN A 172 -31.27 -29.56 0.19
N PHE A 173 -32.21 -30.04 -0.63
CA PHE A 173 -32.24 -31.44 -1.00
C PHE A 173 -31.10 -31.81 -1.94
N THR A 174 -30.78 -30.90 -2.84
CA THR A 174 -29.66 -31.08 -3.75
C THR A 174 -28.37 -31.28 -2.99
N LYS A 175 -28.19 -30.49 -1.93
CA LYS A 175 -27.03 -30.68 -1.09
C LYS A 175 -27.14 -31.97 -0.32
N ALA A 176 -28.31 -32.23 0.25
CA ALA A 176 -28.44 -33.43 1.06
C ALA A 176 -28.35 -34.71 0.18
N ASN A 177 -28.62 -34.59 -1.11
CA ASN A 177 -28.64 -35.79 -1.93
C ASN A 177 -27.24 -36.32 -2.21
N PHE A 178 -26.25 -35.54 -1.84
CA PHE A 178 -24.90 -36.09 -1.77
C PHE A 178 -24.97 -37.46 -1.10
N TRP A 179 -25.70 -37.56 0.01
CA TRP A 179 -25.75 -38.81 0.77
C TRP A 179 -26.56 -39.90 0.07
N TYR A 180 -27.35 -39.55 -0.94
CA TYR A 180 -28.26 -40.52 -1.53
C TYR A 180 -27.58 -41.20 -2.70
N GLN A 181 -26.53 -41.97 -2.40
CA GLN A 181 -25.92 -42.75 -3.43
C GLN A 181 -25.47 -44.07 -2.84
N PRO A 182 -25.65 -45.18 -3.58
CA PRO A 182 -25.53 -46.55 -3.06
C PRO A 182 -24.08 -47.05 -3.07
N SER A 183 -23.21 -46.39 -3.80
CA SER A 183 -21.82 -46.80 -3.83
C SER A 183 -20.87 -45.63 -3.94
N PHE A 184 -20.68 -44.91 -2.83
CA PHE A 184 -19.73 -43.80 -2.81
C PHE A 184 -18.37 -44.42 -2.48
N HIS A 185 -17.52 -44.62 -3.47
CA HIS A 185 -16.29 -45.37 -3.25
C HIS A 185 -16.62 -46.67 -2.52
N GLY A 186 -17.74 -47.30 -2.89
CA GLY A 186 -18.08 -48.61 -2.36
C GLY A 186 -19.07 -48.60 -1.21
N VAL A 187 -19.39 -47.44 -0.68
CA VAL A 187 -20.27 -47.34 0.48
C VAL A 187 -21.65 -46.79 0.11
N ASP A 188 -22.69 -47.44 0.64
CA ASP A 188 -24.04 -46.95 0.53
C ASP A 188 -24.27 -45.91 1.63
N LEU A 189 -24.49 -44.66 1.23
CA LEU A 189 -24.53 -43.52 2.13
C LEU A 189 -25.96 -43.15 2.43
N SER A 190 -26.88 -43.82 1.72
CA SER A 190 -28.21 -43.28 1.56
C SER A 190 -28.96 -43.21 2.87
N ALA A 191 -28.59 -44.08 3.81
CA ALA A 191 -29.26 -44.07 5.10
C ALA A 191 -29.10 -42.74 5.89
N LEU A 192 -28.15 -41.90 5.50
CA LEU A 192 -27.95 -40.63 6.19
C LEU A 192 -28.62 -39.46 5.48
N ARG A 193 -29.31 -39.72 4.39
CA ARG A 193 -29.86 -38.61 3.63
C ARG A 193 -30.88 -37.80 4.45
N GLY A 194 -31.77 -38.46 5.17
CA GLY A 194 -32.74 -37.73 5.98
C GLY A 194 -32.11 -36.84 7.06
N ALA A 195 -31.02 -37.30 7.66
CA ALA A 195 -30.33 -36.52 8.68
C ALA A 195 -29.66 -35.31 8.06
N ALA A 196 -29.07 -35.49 6.88
CA ALA A 196 -28.53 -34.34 6.18
C ALA A 196 -29.63 -33.32 5.95
N VAL A 197 -30.79 -33.74 5.44
CA VAL A 197 -31.88 -32.80 5.19
C VAL A 197 -32.26 -32.04 6.46
N ASP A 198 -32.49 -32.75 7.56
CA ASP A 198 -32.84 -32.11 8.82
C ASP A 198 -31.79 -31.10 9.23
N GLU A 199 -30.52 -31.47 9.08
CA GLU A 199 -29.44 -30.56 9.44
C GLU A 199 -29.47 -29.25 8.65
N TYR A 200 -29.63 -29.31 7.33
CA TYR A 200 -29.65 -28.06 6.60
C TYR A 200 -30.84 -27.19 7.02
N PHE A 201 -32.00 -27.80 7.27
CA PHE A 201 -33.21 -27.04 7.54
C PHE A 201 -33.18 -26.36 8.90
N ARG A 202 -32.35 -26.87 9.81
CA ARG A 202 -32.21 -26.24 11.13
C ARG A 202 -31.48 -24.90 11.07
N GLN A 203 -30.87 -24.60 9.91
CA GLN A 203 -30.05 -23.38 9.79
C GLN A 203 -30.76 -22.21 9.14
N PRO A 204 -30.95 -21.13 9.88
CA PRO A 204 -31.46 -19.93 9.23
C PRO A 204 -30.46 -19.45 8.16
N VAL A 205 -30.97 -18.93 7.07
CA VAL A 205 -30.09 -18.54 5.99
C VAL A 205 -29.78 -17.06 5.99
N VAL A 206 -28.50 -16.73 6.05
CA VAL A 206 -28.09 -15.34 6.00
C VAL A 206 -27.62 -14.97 4.58
N ASP A 207 -28.40 -14.08 3.95
CA ASP A 207 -28.00 -13.35 2.74
C ASP A 207 -29.10 -12.35 2.43
N THR A 208 -28.99 -11.64 1.31
CA THR A 208 -30.05 -10.73 0.94
C THR A 208 -30.79 -11.36 -0.23
N PHE A 209 -31.82 -10.70 -0.71
CA PHE A 209 -32.61 -11.27 -1.80
C PHE A 209 -33.33 -10.12 -2.43
N ASP A 210 -33.82 -10.34 -3.64
CA ASP A 210 -34.71 -9.39 -4.32
C ASP A 210 -36.03 -9.37 -3.60
N ILE A 211 -36.56 -8.17 -3.36
CA ILE A 211 -37.76 -8.04 -2.54
C ILE A 211 -38.97 -8.64 -3.22
N ARG A 212 -38.83 -9.01 -4.49
CA ARG A 212 -39.97 -9.62 -5.16
C ARG A 212 -40.30 -11.04 -4.73
N ILE A 213 -39.45 -11.67 -3.92
CA ILE A 213 -39.80 -12.98 -3.38
C ILE A 213 -40.81 -12.84 -2.22
N LEU A 214 -40.96 -11.63 -1.69
CA LEU A 214 -41.88 -11.41 -0.56
C LEU A 214 -43.34 -11.47 -1.04
N MET A 215 -44.21 -12.12 -0.25
CA MET A 215 -45.58 -12.47 -0.67
C MET A 215 -46.60 -11.67 0.10
N ALA A 216 -46.12 -10.90 1.06
CA ALA A 216 -47.03 -10.20 1.93
C ALA A 216 -46.31 -9.10 2.63
N LYS A 217 -47.08 -8.08 2.96
CA LYS A 217 -46.58 -7.01 3.78
C LYS A 217 -46.08 -7.61 5.09
N SER A 218 -44.94 -7.10 5.57
CA SER A 218 -44.32 -7.64 6.77
C SER A 218 -45.19 -7.39 7.99
N VAL A 219 -45.07 -8.28 8.97
CA VAL A 219 -45.62 -8.02 10.27
C VAL A 219 -44.48 -7.54 11.17
N LYS A 220 -44.81 -6.69 12.11
CA LYS A 220 -43.81 -5.97 12.87
C LYS A 220 -43.93 -6.37 14.33
N TYR A 221 -42.81 -6.64 14.98
CA TYR A 221 -42.83 -6.83 16.44
C TYR A 221 -41.88 -5.83 17.10
N THR A 222 -42.37 -5.08 18.09
CA THR A 222 -41.64 -3.91 18.58
C THR A 222 -41.16 -4.06 20.00
N VAL A 223 -39.91 -3.73 20.24
CA VAL A 223 -39.38 -3.69 21.59
C VAL A 223 -39.09 -2.23 21.87
N ASN A 224 -39.69 -1.71 22.93
CA ASN A 224 -39.44 -0.36 23.36
C ASN A 224 -38.37 -0.45 24.43
N PHE A 225 -37.18 0.05 24.17
CA PHE A 225 -36.07 -0.18 25.10
C PHE A 225 -36.22 0.64 26.41
N LEU A 226 -36.96 1.74 26.32
CA LEU A 226 -37.24 2.55 27.50
C LEU A 226 -38.07 1.74 28.50
N GLU A 227 -38.90 0.84 27.99
CA GLU A 227 -39.89 0.13 28.81
C GLU A 227 -39.56 -1.32 29.12
N ALA A 228 -38.90 -2.02 28.21
CA ALA A 228 -38.76 -3.47 28.30
C ALA A 228 -37.87 -3.84 29.48
N LYS A 229 -38.10 -5.03 30.01
CA LYS A 229 -37.17 -5.59 31.01
C LYS A 229 -36.35 -6.70 30.35
N GLU A 230 -35.16 -6.96 30.89
CA GLU A 230 -34.36 -8.10 30.47
C GLU A 230 -35.23 -9.32 30.23
N GLY A 231 -36.06 -9.63 31.23
CA GLY A 231 -36.84 -10.86 31.20
C GLY A 231 -37.75 -10.98 30.01
N ASP A 232 -38.14 -9.84 29.42
CA ASP A 232 -39.06 -9.83 28.29
C ASP A 232 -38.42 -10.52 27.09
N LEU A 233 -37.11 -10.63 27.12
CA LEU A 233 -36.41 -11.13 25.94
C LEU A 233 -36.04 -12.60 26.05
N HIS A 234 -36.41 -13.22 27.17
CA HIS A 234 -36.11 -14.62 27.37
C HIS A 234 -36.99 -15.51 26.51
N ARG A 235 -38.19 -15.03 26.21
CA ARG A 235 -39.17 -15.78 25.44
C ARG A 235 -39.99 -14.78 24.67
N ILE A 236 -39.79 -14.75 23.36
CA ILE A 236 -40.40 -13.71 22.54
C ILE A 236 -41.38 -14.42 21.63
N GLU A 237 -42.66 -14.12 21.83
CA GLU A 237 -43.69 -14.75 21.01
C GLU A 237 -44.15 -13.74 20.02
N ILE A 238 -44.03 -14.08 18.75
CA ILE A 238 -44.43 -13.19 17.67
C ILE A 238 -45.49 -13.88 16.86
N PRO A 239 -46.77 -13.52 17.11
CA PRO A 239 -47.90 -14.02 16.34
C PRO A 239 -47.88 -13.33 15.01
N PHE A 240 -48.43 -13.96 13.99
CA PHE A 240 -48.55 -13.30 12.72
C PHE A 240 -49.75 -13.77 11.97
N LYS A 241 -50.25 -12.87 11.13
CA LYS A 241 -51.39 -13.12 10.27
C LYS A 241 -51.04 -12.28 9.05
N PHE A 242 -50.49 -12.91 8.02
CA PHE A 242 -50.16 -12.17 6.80
C PHE A 242 -51.35 -12.15 5.87
N HIS A 243 -51.60 -10.97 5.33
CA HIS A 243 -52.57 -10.83 4.27
C HIS A 243 -51.79 -10.95 2.95
N MET A 244 -52.05 -12.05 2.24
CA MET A 244 -51.23 -12.44 1.11
C MET A 244 -51.57 -11.48 0.01
N LEU A 245 -50.53 -10.88 -0.56
CA LEU A 245 -50.66 -9.93 -1.64
C LEU A 245 -50.36 -10.66 -2.96
N HIS A 246 -49.78 -11.86 -2.85
CA HIS A 246 -49.38 -12.65 -4.03
C HIS A 246 -49.75 -14.11 -3.91
N SER A 247 -50.13 -14.75 -5.02
CA SER A 247 -50.42 -16.17 -4.97
C SER A 247 -49.15 -17.00 -5.30
N GLY A 248 -48.88 -18.05 -4.54
CA GLY A 248 -47.76 -18.95 -4.85
C GLY A 248 -47.35 -19.86 -3.69
N LEU A 249 -46.26 -20.61 -3.83
CA LEU A 249 -45.78 -21.45 -2.72
C LEU A 249 -44.97 -20.64 -1.72
N VAL A 250 -45.37 -20.68 -0.45
CA VAL A 250 -44.61 -19.99 0.56
C VAL A 250 -43.56 -20.94 1.13
N HIS A 251 -42.28 -20.63 0.96
CA HIS A 251 -41.22 -21.52 1.42
C HIS A 251 -40.70 -21.17 2.79
N GLY A 252 -40.95 -19.95 3.25
CA GLY A 252 -40.55 -19.64 4.61
C GLY A 252 -40.84 -18.22 5.03
N LEU A 253 -40.20 -17.82 6.14
CA LEU A 253 -40.26 -16.45 6.61
C LEU A 253 -38.92 -15.78 6.50
N ALA A 254 -38.95 -14.54 6.04
CA ALA A 254 -37.78 -13.68 5.99
C ALA A 254 -37.86 -12.70 7.15
N PHE A 255 -36.71 -12.40 7.73
CA PHE A 255 -36.64 -11.48 8.86
C PHE A 255 -35.69 -10.35 8.56
N TRP A 256 -36.03 -9.15 9.04
CA TRP A 256 -35.06 -8.06 9.13
C TRP A 256 -35.47 -7.16 10.30
N PHE A 257 -34.75 -6.07 10.54
CA PHE A 257 -35.10 -5.24 11.66
C PHE A 257 -34.67 -3.80 11.47
N ASP A 258 -35.39 -2.89 12.13
CA ASP A 258 -35.11 -1.45 12.12
C ASP A 258 -34.92 -1.07 13.57
N VAL A 259 -34.11 -0.05 13.86
CA VAL A 259 -34.18 0.57 15.17
C VAL A 259 -34.38 2.07 15.04
N ALA A 260 -35.00 2.69 16.03
CA ALA A 260 -35.19 4.13 15.96
C ALA A 260 -34.50 4.81 17.14
N PHE A 261 -33.81 5.90 16.84
CA PHE A 261 -33.23 6.77 17.84
C PHE A 261 -34.20 7.93 17.94
N ILE A 262 -34.99 7.93 19.01
CA ILE A 262 -36.01 8.95 19.17
C ILE A 262 -35.41 10.06 20.03
N GLY A 263 -34.87 11.07 19.36
CA GLY A 263 -34.22 12.17 20.07
C GLY A 263 -35.12 13.38 20.27
N SER A 264 -34.64 14.33 21.07
CA SER A 264 -35.38 15.56 21.33
C SER A 264 -35.60 16.39 20.10
N ILE A 265 -34.65 16.37 19.17
CA ILE A 265 -34.77 17.18 17.95
C ILE A 265 -35.40 16.39 16.80
N MET A 266 -34.95 15.15 16.59
CA MET A 266 -35.56 14.33 15.55
C MET A 266 -35.43 12.83 15.83
N THR A 267 -36.20 12.05 15.07
CA THR A 267 -36.11 10.60 15.16
C THR A 267 -35.36 10.09 13.95
N VAL A 268 -34.30 9.34 14.17
CA VAL A 268 -33.52 8.77 13.08
C VAL A 268 -33.67 7.26 13.08
N TRP A 269 -33.89 6.72 11.89
CA TRP A 269 -34.06 5.29 11.71
C TRP A 269 -32.83 4.65 11.07
N LEU A 270 -32.39 3.55 11.65
CA LEU A 270 -31.46 2.63 10.98
C LEU A 270 -32.23 1.39 10.53
N SER A 271 -32.30 1.15 9.23
CA SER A 271 -33.03 -0.03 8.73
C SER A 271 -32.11 -1.09 8.09
N THR A 272 -32.39 -2.38 8.32
CA THR A 272 -31.71 -3.46 7.57
C THR A 272 -32.67 -4.15 6.60
N ALA A 273 -33.73 -3.44 6.21
CA ALA A 273 -34.77 -4.03 5.36
C ALA A 273 -34.21 -4.27 3.97
N PRO A 274 -34.74 -5.27 3.25
CA PRO A 274 -34.24 -5.60 1.92
C PRO A 274 -34.55 -4.53 0.89
N THR A 275 -35.42 -3.59 1.23
CA THR A 275 -35.70 -2.46 0.33
C THR A 275 -34.63 -1.36 0.51
N GLU A 276 -33.79 -1.52 1.52
CA GLU A 276 -32.80 -0.50 1.88
C GLU A 276 -31.41 -1.00 1.51
N PRO A 277 -30.46 -0.08 1.43
CA PRO A 277 -29.11 -0.55 1.11
C PRO A 277 -28.58 -1.57 2.12
N LEU A 278 -27.81 -2.51 1.59
CA LEU A 278 -27.32 -3.63 2.38
C LEU A 278 -26.47 -3.20 3.59
N THR A 279 -26.68 -3.85 4.74
CA THR A 279 -25.78 -3.64 5.88
C THR A 279 -25.07 -4.95 6.18
N HIS A 280 -24.16 -4.96 7.14
CA HIS A 280 -23.48 -6.21 7.48
C HIS A 280 -24.42 -7.19 8.23
N TRP A 281 -25.67 -6.78 8.47
CA TRP A 281 -26.65 -7.70 9.03
C TRP A 281 -27.39 -8.48 7.93
N TYR A 282 -27.24 -8.04 6.68
CA TYR A 282 -28.02 -8.63 5.60
C TYR A 282 -29.48 -8.80 6.02
N GLN A 283 -30.06 -9.92 5.62
CA GLN A 283 -31.35 -10.37 6.15
C GLN A 283 -31.28 -11.86 6.51
N VAL A 284 -32.33 -12.36 7.15
CA VAL A 284 -32.31 -13.74 7.60
C VAL A 284 -33.55 -14.46 7.11
N ARG A 285 -33.35 -15.66 6.55
CA ARG A 285 -34.51 -16.47 6.15
C ARG A 285 -34.57 -17.82 6.80
N CYS A 286 -35.75 -18.18 7.31
CA CYS A 286 -36.01 -19.51 7.87
C CYS A 286 -37.01 -20.26 6.97
N LEU A 287 -36.62 -21.41 6.46
CA LEU A 287 -37.54 -22.25 5.67
C LEU A 287 -38.60 -23.00 6.47
N PHE A 288 -39.79 -23.19 5.89
CA PHE A 288 -40.72 -24.19 6.40
C PHE A 288 -40.22 -25.54 5.94
N GLN A 289 -40.57 -26.59 6.68
CA GLN A 289 -40.25 -27.94 6.24
C GLN A 289 -40.97 -28.36 4.96
N SER A 290 -42.19 -27.84 4.76
CA SER A 290 -42.96 -28.08 3.54
C SER A 290 -43.58 -26.78 3.10
N PRO A 291 -43.60 -26.52 1.79
CA PRO A 291 -44.21 -25.26 1.34
C PRO A 291 -45.71 -25.21 1.52
N LEU A 292 -46.25 -24.00 1.58
CA LEU A 292 -47.70 -23.87 1.69
C LEU A 292 -48.22 -23.06 0.50
N PHE A 293 -49.16 -23.62 -0.24
CA PHE A 293 -49.83 -22.82 -1.24
C PHE A 293 -50.78 -21.80 -0.58
N ALA A 294 -50.59 -20.53 -0.92
CA ALA A 294 -51.55 -19.49 -0.51
C ALA A 294 -51.98 -18.66 -1.74
N LYS A 295 -53.24 -18.23 -1.77
CA LYS A 295 -53.71 -17.27 -2.79
C LYS A 295 -53.59 -15.85 -2.25
N ALA A 296 -53.43 -14.86 -3.13
CA ALA A 296 -53.50 -13.47 -2.66
C ALA A 296 -54.87 -13.27 -2.01
N GLY A 297 -54.92 -12.46 -0.94
CA GLY A 297 -56.13 -12.38 -0.16
C GLY A 297 -56.30 -13.44 0.94
N ASP A 298 -55.67 -14.60 0.79
CA ASP A 298 -55.68 -15.59 1.88
C ASP A 298 -54.98 -15.05 3.09
N THR A 299 -55.10 -15.78 4.19
CA THR A 299 -54.36 -15.42 5.36
C THR A 299 -53.44 -16.54 5.80
N LEU A 300 -52.20 -16.19 6.09
CA LEU A 300 -51.23 -17.16 6.59
C LEU A 300 -50.95 -16.75 8.01
N SER A 301 -51.33 -17.60 8.94
CA SER A 301 -51.22 -17.25 10.34
C SER A 301 -50.38 -18.28 11.11
N GLY A 302 -49.82 -17.82 12.22
CA GLY A 302 -49.13 -18.70 13.12
C GLY A 302 -48.28 -17.91 14.08
N THR A 303 -47.20 -18.55 14.54
CA THR A 303 -46.40 -17.97 15.57
C THR A 303 -44.93 -18.22 15.30
N CYS A 304 -44.13 -17.19 15.55
CA CYS A 304 -42.71 -17.36 15.64
C CYS A 304 -42.27 -17.21 17.12
N LEU A 305 -41.80 -18.30 17.71
CA LEU A 305 -41.42 -18.30 19.11
C LEU A 305 -39.88 -18.37 19.27
N LEU A 306 -39.30 -17.37 19.91
CA LEU A 306 -37.87 -17.37 20.13
C LEU A 306 -37.61 -17.66 21.59
N ILE A 307 -36.87 -18.73 21.85
CA ILE A 307 -36.52 -19.09 23.20
C ILE A 307 -35.02 -18.93 23.41
N ALA A 308 -34.63 -18.05 24.32
CA ALA A 308 -33.22 -17.75 24.52
C ALA A 308 -32.54 -19.00 25.07
N ASN A 309 -31.29 -19.23 24.67
CA ASN A 309 -30.52 -20.34 25.21
C ASN A 309 -29.22 -19.81 25.79
N LYS A 310 -28.44 -20.69 26.40
CA LYS A 310 -27.21 -20.23 27.05
C LYS A 310 -26.03 -20.13 26.10
N ARG A 311 -26.27 -20.27 24.79
CA ARG A 311 -25.25 -20.06 23.78
C ARG A 311 -25.37 -18.63 23.21
N GLN A 312 -25.98 -17.76 23.99
CA GLN A 312 -26.18 -16.37 23.61
C GLN A 312 -27.00 -16.21 22.36
N SER A 313 -27.91 -17.15 22.12
CA SER A 313 -28.77 -17.07 20.96
C SER A 313 -30.16 -17.63 21.29
N TYR A 314 -30.88 -18.01 20.23
CA TYR A 314 -32.26 -18.44 20.36
C TYR A 314 -32.52 -19.72 19.59
N ASP A 315 -33.37 -20.56 20.17
CA ASP A 315 -34.07 -21.57 19.40
C ASP A 315 -35.35 -20.94 18.84
N ILE A 316 -35.55 -21.13 17.55
CA ILE A 316 -36.61 -20.49 16.84
C ILE A 316 -37.65 -21.53 16.49
N SER A 317 -38.87 -21.27 16.88
CA SER A 317 -39.96 -22.17 16.53
C SER A 317 -40.92 -21.42 15.63
N ILE A 318 -41.18 -21.95 14.43
CA ILE A 318 -42.15 -21.30 13.57
C ILE A 318 -43.25 -22.27 13.21
N VAL A 319 -44.48 -21.87 13.52
CA VAL A 319 -45.63 -22.64 13.11
C VAL A 319 -46.47 -21.73 12.22
N ALA A 320 -46.92 -22.27 11.11
CA ALA A 320 -47.70 -21.47 10.16
C ALA A 320 -48.75 -22.31 9.50
N GLN A 321 -49.87 -21.67 9.18
CA GLN A 321 -50.94 -22.34 8.46
C GLN A 321 -51.71 -21.37 7.58
N VAL A 322 -52.18 -21.89 6.45
CA VAL A 322 -53.02 -21.11 5.56
C VAL A 322 -54.44 -21.21 6.06
N ASP A 323 -54.96 -20.09 6.55
CA ASP A 323 -56.19 -20.17 7.32
C ASP A 323 -57.34 -20.71 6.50
N GLN A 324 -57.43 -20.29 5.24
CA GLN A 324 -58.57 -20.67 4.39
C GLN A 324 -58.50 -22.11 3.97
N THR A 325 -57.31 -22.71 4.06
CA THR A 325 -57.10 -24.03 3.50
C THR A 325 -56.80 -25.08 4.56
N GLY A 326 -56.35 -24.65 5.74
CA GLY A 326 -56.01 -25.59 6.80
C GLY A 326 -54.60 -26.15 6.66
N SER A 327 -53.98 -25.89 5.51
CA SER A 327 -52.67 -26.42 5.23
C SER A 327 -51.63 -25.79 6.18
N LYS A 328 -50.71 -26.64 6.66
CA LYS A 328 -49.86 -26.34 7.81
C LYS A 328 -48.41 -26.75 7.61
N SER A 329 -47.50 -25.99 8.20
CA SER A 329 -46.13 -26.45 8.38
C SER A 329 -45.45 -25.83 9.59
N SER A 330 -44.24 -26.27 9.85
CA SER A 330 -43.41 -25.64 10.86
C SER A 330 -41.92 -25.81 10.60
N ASN A 331 -41.11 -25.31 11.52
CA ASN A 331 -39.72 -25.72 11.56
C ASN A 331 -39.13 -25.31 12.90
N LEU A 332 -38.01 -25.94 13.23
CA LEU A 332 -37.21 -25.67 14.41
C LEU A 332 -35.86 -25.23 13.94
N LEU A 333 -35.42 -24.04 14.30
CA LEU A 333 -34.11 -23.59 13.82
C LEU A 333 -33.20 -23.15 14.97
N ASP A 334 -31.91 -23.27 14.74
CA ASP A 334 -30.95 -22.94 15.74
C ASP A 334 -30.22 -21.70 15.24
N LEU A 335 -30.52 -20.56 15.85
CA LEU A 335 -30.00 -19.28 15.38
C LEU A 335 -28.51 -19.14 15.65
N LYS A 336 -27.96 -19.89 16.61
CA LYS A 336 -26.52 -19.80 16.83
C LYS A 336 -25.73 -20.28 15.63
N ASN A 337 -26.36 -21.12 14.81
CA ASN A 337 -25.64 -21.75 13.72
C ASN A 337 -26.18 -21.39 12.35
N PRO A 338 -26.21 -20.09 12.00
CA PRO A 338 -26.86 -19.70 10.75
C PRO A 338 -26.03 -20.16 9.56
N PHE A 339 -26.65 -20.29 8.40
CA PHE A 339 -25.88 -20.61 7.19
C PHE A 339 -25.59 -19.36 6.37
N PHE A 340 -24.33 -18.99 6.27
CA PHE A 340 -23.97 -17.79 5.54
C PHE A 340 -23.85 -18.04 4.05
N ARG A 341 -24.82 -17.53 3.30
CA ARG A 341 -25.03 -17.91 1.91
C ARG A 341 -24.76 -16.77 0.94
N TYR A 342 -24.57 -15.57 1.45
CA TYR A 342 -24.30 -14.45 0.57
C TYR A 342 -22.95 -14.62 -0.16
N THR A 343 -22.85 -14.04 -1.36
CA THR A 343 -21.56 -13.98 -2.06
C THR A 343 -21.27 -12.64 -2.72
N GLY A 344 -20.07 -12.28 -2.81
N SER B 1 15.18 45.29 -6.19
CA SER B 1 13.99 45.61 -7.02
C SER B 1 12.82 44.89 -6.37
N VAL B 2 11.60 45.14 -6.87
CA VAL B 2 10.47 44.32 -6.45
C VAL B 2 10.78 42.83 -6.64
N PHE B 3 11.52 42.49 -7.70
CA PHE B 3 11.76 41.09 -7.97
C PHE B 3 12.75 40.49 -6.97
N SER B 4 13.90 41.13 -6.75
CA SER B 4 14.92 40.50 -5.90
C SER B 4 14.50 40.45 -4.42
N GLU B 5 13.62 41.38 -4.03
CA GLU B 5 13.09 41.36 -2.66
C GLU B 5 12.20 40.15 -2.44
N ARG B 6 11.54 39.67 -3.50
CA ARG B 6 10.65 38.55 -3.32
C ARG B 6 11.29 37.21 -3.69
N THR B 7 12.54 37.27 -4.16
CA THR B 7 13.19 36.09 -4.74
C THR B 7 14.57 35.75 -4.17
N GLU B 8 14.74 34.57 -3.57
CA GLU B 8 16.09 34.07 -3.28
C GLU B 8 16.97 34.03 -4.53
N GLU B 9 18.21 34.47 -4.35
CA GLU B 9 19.17 34.52 -5.43
C GLU B 9 19.31 33.15 -6.06
N SER B 10 19.64 32.15 -5.23
CA SER B 10 19.91 30.84 -5.79
C SER B 10 18.70 30.32 -6.58
N SER B 11 17.52 30.87 -6.31
CA SER B 11 16.33 30.45 -7.03
C SER B 11 16.32 31.15 -8.38
N ALA B 12 16.55 32.47 -8.37
CA ALA B 12 16.53 33.27 -9.60
C ALA B 12 17.64 32.83 -10.57
N VAL B 13 18.75 32.36 -10.02
CA VAL B 13 19.85 31.93 -10.84
C VAL B 13 19.48 30.64 -11.58
N GLN B 14 18.94 29.65 -10.87
CA GLN B 14 18.43 28.45 -11.52
C GLN B 14 17.39 28.80 -12.59
N TYR B 15 16.52 29.77 -12.28
CA TYR B 15 15.30 30.00 -13.04
C TYR B 15 15.64 30.52 -14.42
N PHE B 16 16.44 31.57 -14.46
CA PHE B 16 16.79 32.15 -15.74
C PHE B 16 17.87 31.38 -16.49
N GLN B 17 18.63 30.59 -15.77
CA GLN B 17 19.50 29.61 -16.40
C GLN B 17 18.65 28.62 -17.22
N PHE B 18 17.55 28.17 -16.62
CA PHE B 18 16.66 27.21 -17.27
C PHE B 18 16.08 27.78 -18.55
N TYR B 19 15.65 29.03 -18.53
CA TYR B 19 15.01 29.62 -19.69
C TYR B 19 16.04 30.13 -20.71
N GLY B 20 17.32 30.04 -20.31
CA GLY B 20 18.41 30.31 -21.21
C GLY B 20 18.65 29.24 -22.25
N TYR B 21 18.08 28.05 -22.07
CA TYR B 21 18.29 26.96 -23.02
C TYR B 21 17.32 26.99 -24.19
N LEU B 22 17.87 26.91 -25.40
CA LEU B 22 17.05 26.88 -26.59
C LEU B 22 16.14 25.69 -26.55
N SER B 23 16.63 24.60 -25.95
CA SER B 23 15.78 23.42 -25.85
C SER B 23 14.54 23.63 -25.00
N GLN B 24 14.61 24.49 -23.99
CA GLN B 24 13.41 24.74 -23.19
C GLN B 24 12.46 25.69 -23.91
N GLN B 25 13.00 26.65 -24.64
CA GLN B 25 12.18 27.55 -25.43
C GLN B 25 11.47 26.73 -26.49
N GLN B 26 12.19 25.77 -27.05
CA GLN B 26 11.66 24.94 -28.10
C GLN B 26 10.51 24.13 -27.54
N ASN B 27 10.69 23.60 -26.32
CA ASN B 27 9.65 22.81 -25.66
C ASN B 27 8.33 23.57 -25.53
N MET B 28 8.40 24.87 -25.25
CA MET B 28 7.18 25.69 -25.17
C MET B 28 6.67 25.99 -26.58
N MET B 29 7.57 26.34 -27.48
CA MET B 29 7.17 26.65 -28.83
C MET B 29 6.43 25.51 -29.48
N GLN B 30 6.92 24.30 -29.26
CA GLN B 30 6.34 23.09 -29.84
C GLN B 30 5.01 22.68 -29.27
N ASP B 31 4.64 23.23 -28.11
CA ASP B 31 3.28 22.99 -27.59
C ASP B 31 2.33 23.73 -28.56
N TYR B 32 1.71 22.98 -29.46
CA TYR B 32 1.03 23.60 -30.58
C TYR B 32 -0.27 24.23 -30.13
N VAL B 33 -0.95 23.59 -29.20
CA VAL B 33 -2.13 24.19 -28.59
C VAL B 33 -1.75 25.55 -27.98
N ARG B 34 -0.66 25.59 -27.21
CA ARG B 34 -0.19 26.83 -26.60
C ARG B 34 0.10 27.88 -27.69
N THR B 35 0.95 27.52 -28.63
CA THR B 35 1.60 28.52 -29.47
C THR B 35 0.62 28.97 -30.54
N GLY B 36 -0.21 28.03 -31.00
CA GLY B 36 -1.16 28.34 -32.05
C GLY B 36 -2.35 29.12 -31.52
N THR B 37 -2.67 28.90 -30.24
CA THR B 37 -3.76 29.67 -29.65
C THR B 37 -3.34 31.10 -29.37
N TYR B 38 -2.12 31.28 -28.86
CA TYR B 38 -1.61 32.64 -28.74
C TYR B 38 -1.63 33.35 -30.07
N GLN B 39 -1.19 32.68 -31.13
CA GLN B 39 -1.14 33.33 -32.43
C GLN B 39 -2.57 33.68 -32.88
N ARG B 40 -3.50 32.74 -32.79
CA ARG B 40 -4.90 33.03 -33.15
C ARG B 40 -5.48 34.22 -32.34
N ALA B 41 -5.29 34.19 -31.03
CA ALA B 41 -5.77 35.25 -30.15
C ALA B 41 -5.25 36.61 -30.60
N ILE B 42 -3.98 36.65 -30.99
CA ILE B 42 -3.38 37.91 -31.43
C ILE B 42 -3.81 38.29 -32.84
N LEU B 43 -3.69 37.38 -33.80
CA LEU B 43 -4.06 37.70 -35.19
C LEU B 43 -5.54 37.96 -35.40
N GLN B 44 -6.41 37.26 -34.68
CA GLN B 44 -7.84 37.49 -34.85
C GLN B 44 -8.33 38.75 -34.12
N ASN B 45 -7.52 39.25 -33.20
CA ASN B 45 -7.77 40.55 -32.60
C ASN B 45 -6.80 41.60 -33.10
N HIS B 46 -6.56 41.60 -34.41
CA HIS B 46 -5.53 42.45 -35.01
C HIS B 46 -5.77 43.94 -34.74
N THR B 47 -7.03 44.37 -34.65
CA THR B 47 -7.31 45.77 -34.34
C THR B 47 -6.76 46.14 -32.96
N ASP B 48 -6.65 45.17 -32.06
CA ASP B 48 -5.97 45.47 -30.79
C ASP B 48 -4.47 45.67 -30.93
N PHE B 49 -3.92 45.39 -32.11
CA PHE B 49 -2.47 45.53 -32.25
C PHE B 49 -2.07 46.54 -33.34
N LYS B 50 -2.90 46.68 -34.37
CA LYS B 50 -2.57 47.51 -35.53
C LYS B 50 -2.10 48.91 -35.11
N ASP B 51 -0.85 49.22 -35.38
CA ASP B 51 -0.24 50.51 -35.06
C ASP B 51 -0.11 50.79 -33.59
N LYS B 52 -0.18 49.75 -32.77
CA LYS B 52 -0.10 49.94 -31.32
C LYS B 52 1.31 49.78 -30.79
N ILE B 53 1.49 50.21 -29.55
CA ILE B 53 2.71 49.97 -28.78
C ILE B 53 2.46 48.78 -27.87
N VAL B 54 3.36 47.82 -27.88
CA VAL B 54 3.15 46.56 -27.18
C VAL B 54 4.29 46.30 -26.24
N LEU B 55 3.99 45.70 -25.10
CA LEU B 55 5.04 45.15 -24.26
C LEU B 55 4.86 43.63 -24.16
N ASP B 56 5.95 42.88 -24.39
CA ASP B 56 5.98 41.43 -24.28
C ASP B 56 6.78 41.07 -23.04
N VAL B 57 6.11 40.55 -22.01
CA VAL B 57 6.82 40.31 -20.75
C VAL B 57 7.42 38.91 -20.70
N GLY B 58 8.74 38.84 -20.76
CA GLY B 58 9.39 37.55 -20.84
C GLY B 58 9.34 36.98 -22.26
N CYS B 59 9.96 37.63 -23.23
CA CYS B 59 9.69 37.32 -24.64
C CYS B 59 10.30 35.99 -25.10
N GLY B 60 11.19 35.44 -24.28
CA GLY B 60 11.83 34.18 -24.64
C GLY B 60 12.48 34.31 -26.00
N SER B 61 12.16 33.40 -26.92
CA SER B 61 12.67 33.45 -28.29
C SER B 61 12.20 34.67 -29.04
N GLY B 62 11.11 35.28 -28.57
CA GLY B 62 10.59 36.46 -29.24
C GLY B 62 9.24 36.14 -29.88
N ILE B 63 8.82 34.88 -29.79
CA ILE B 63 7.77 34.37 -30.65
C ILE B 63 6.46 35.19 -30.56
N LEU B 64 6.08 35.65 -29.39
CA LEU B 64 4.83 36.41 -29.26
C LEU B 64 4.99 37.81 -29.85
N SER B 65 6.18 38.38 -29.70
CA SER B 65 6.40 39.66 -30.33
C SER B 65 6.31 39.59 -31.84
N PHE B 66 6.75 38.48 -32.43
CA PHE B 66 6.58 38.32 -33.88
C PHE B 66 5.11 38.21 -34.24
N PHE B 67 4.32 37.60 -33.37
CA PHE B 67 2.88 37.56 -33.63
C PHE B 67 2.29 38.99 -33.59
N ALA B 68 2.65 39.75 -32.55
CA ALA B 68 2.23 41.16 -32.46
C ALA B 68 2.67 41.92 -33.71
N ALA B 69 3.88 41.64 -34.20
CA ALA B 69 4.32 42.26 -35.45
C ALA B 69 3.46 41.82 -36.63
N GLN B 70 3.07 40.54 -36.66
CA GLN B 70 2.26 40.05 -37.77
C GLN B 70 0.89 40.71 -37.75
N ALA B 71 0.47 41.10 -36.56
CA ALA B 71 -0.83 41.73 -36.41
C ALA B 71 -0.75 43.26 -36.65
N GLY B 72 0.44 43.77 -36.90
CA GLY B 72 0.55 45.16 -37.31
C GLY B 72 0.99 46.16 -36.24
N ALA B 73 1.48 45.69 -35.10
CA ALA B 73 1.94 46.59 -34.06
C ALA B 73 2.97 47.56 -34.61
N ARG B 74 3.02 48.76 -34.04
CA ARG B 74 3.98 49.76 -34.50
C ARG B 74 5.32 49.54 -33.80
N LYS B 75 5.26 49.21 -32.52
CA LYS B 75 6.46 49.04 -31.74
C LYS B 75 6.22 48.03 -30.63
N ILE B 76 7.16 47.10 -30.47
CA ILE B 76 7.03 46.07 -29.46
C ILE B 76 8.28 46.01 -28.59
N TYR B 77 8.13 46.28 -27.31
CA TYR B 77 9.26 46.11 -26.42
C TYR B 77 9.23 44.71 -25.86
N ALA B 78 10.26 43.92 -26.15
CA ALA B 78 10.28 42.54 -25.77
C ALA B 78 11.28 42.38 -24.64
N VAL B 79 10.79 42.20 -23.43
CA VAL B 79 11.68 42.17 -22.26
C VAL B 79 11.97 40.74 -21.84
N GLU B 80 13.26 40.44 -21.65
CA GLU B 80 13.64 39.08 -21.32
C GLU B 80 14.86 39.04 -20.42
N ALA B 81 14.77 38.29 -19.33
CA ALA B 81 15.79 38.38 -18.31
C ALA B 81 16.88 37.32 -18.46
N SER B 82 16.56 36.18 -19.09
CA SER B 82 17.61 35.18 -19.35
C SER B 82 18.50 35.59 -20.54
N THR B 83 19.57 34.84 -20.75
CA THR B 83 20.44 35.06 -21.91
C THR B 83 19.70 34.76 -23.22
N MET B 84 18.51 34.15 -23.12
CA MET B 84 17.66 34.01 -24.32
C MET B 84 17.39 35.32 -25.03
N ALA B 85 17.54 36.43 -24.31
CA ALA B 85 17.38 37.75 -24.94
C ALA B 85 18.31 37.97 -26.13
N GLN B 86 19.52 37.42 -26.05
CA GLN B 86 20.47 37.62 -27.14
C GLN B 86 20.02 36.83 -28.40
N HIS B 87 19.48 35.64 -28.21
CA HIS B 87 18.98 34.86 -29.34
C HIS B 87 17.74 35.54 -29.98
N ALA B 88 16.85 36.06 -29.13
CA ALA B 88 15.70 36.83 -29.63
C ALA B 88 16.17 37.93 -30.54
N GLU B 89 17.22 38.65 -30.13
CA GLU B 89 17.70 39.76 -30.91
C GLU B 89 18.16 39.25 -32.27
N VAL B 90 18.89 38.13 -32.29
CA VAL B 90 19.34 37.54 -33.54
C VAL B 90 18.13 37.28 -34.47
N LEU B 91 17.05 36.72 -33.93
CA LEU B 91 15.86 36.45 -34.72
C LEU B 91 15.20 37.72 -35.23
N VAL B 92 15.23 38.77 -34.43
CA VAL B 92 14.62 40.03 -34.86
C VAL B 92 15.37 40.57 -36.09
N LYS B 93 16.71 40.49 -36.06
CA LYS B 93 17.48 40.92 -37.24
C LYS B 93 17.28 40.03 -38.44
N SER B 94 17.39 38.73 -38.25
CA SER B 94 17.25 37.83 -39.39
C SER B 94 15.84 37.83 -39.98
N ASN B 95 14.86 38.31 -39.21
CA ASN B 95 13.50 38.44 -39.71
C ASN B 95 13.20 39.87 -40.15
N ASN B 96 14.23 40.72 -40.14
CA ASN B 96 14.11 42.09 -40.63
C ASN B 96 12.98 42.86 -39.96
N LEU B 97 12.93 42.76 -38.63
CA LEU B 97 11.94 43.47 -37.84
C LEU B 97 12.61 44.38 -36.79
N THR B 98 13.84 44.82 -37.08
CA THR B 98 14.58 45.65 -36.14
C THR B 98 13.91 47.01 -35.97
N ASP B 99 13.09 47.39 -36.96
CA ASP B 99 12.38 48.65 -36.91
C ASP B 99 11.12 48.59 -36.05
N ARG B 100 10.69 47.40 -35.64
CA ARG B 100 9.46 47.26 -34.86
C ARG B 100 9.58 46.48 -33.56
N ILE B 101 10.51 45.56 -33.49
CA ILE B 101 10.68 44.83 -32.24
C ILE B 101 11.99 45.19 -31.58
N VAL B 102 11.90 45.63 -30.33
CA VAL B 102 13.03 46.09 -29.58
C VAL B 102 13.21 45.22 -28.37
N VAL B 103 14.28 44.44 -28.39
CA VAL B 103 14.55 43.56 -27.30
C VAL B 103 15.15 44.40 -26.16
N ILE B 104 14.69 44.18 -24.94
CA ILE B 104 15.28 44.83 -23.78
C ILE B 104 15.65 43.81 -22.71
N PRO B 105 16.95 43.48 -22.60
CA PRO B 105 17.48 42.49 -21.65
C PRO B 105 17.29 42.93 -20.20
N GLY B 106 16.82 42.02 -19.36
CA GLY B 106 16.63 42.31 -17.95
C GLY B 106 15.26 41.90 -17.41
N LYS B 107 15.09 42.01 -16.08
CA LYS B 107 13.82 41.70 -15.44
C LYS B 107 12.85 42.85 -15.65
N VAL B 108 11.59 42.55 -15.96
CA VAL B 108 10.63 43.60 -16.27
C VAL B 108 10.46 44.53 -15.04
N GLU B 109 10.83 44.02 -13.87
CA GLU B 109 10.81 44.81 -12.63
C GLU B 109 12.01 45.77 -12.53
N GLU B 110 13.01 45.62 -13.40
CA GLU B 110 14.25 46.36 -13.26
C GLU B 110 14.64 47.17 -14.48
N VAL B 111 13.99 46.96 -15.61
CA VAL B 111 14.38 47.69 -16.81
C VAL B 111 13.62 49.01 -16.88
N SER B 112 14.00 49.87 -17.84
CA SER B 112 13.25 51.06 -18.21
C SER B 112 12.69 50.96 -19.61
N LEU B 113 11.39 51.16 -19.75
CA LEU B 113 10.79 51.29 -21.06
C LEU B 113 10.80 52.74 -21.40
N PRO B 114 10.95 53.07 -22.68
CA PRO B 114 10.92 54.48 -23.11
C PRO B 114 9.55 55.14 -23.05
N GLU B 115 8.50 54.34 -23.13
CA GLU B 115 7.14 54.88 -23.21
C GLU B 115 6.11 53.89 -22.68
N GLN B 116 4.88 54.37 -22.51
CA GLN B 116 3.80 53.53 -22.00
C GLN B 116 3.25 52.78 -23.19
N VAL B 117 2.57 51.66 -22.93
CA VAL B 117 2.12 50.79 -24.02
C VAL B 117 0.62 50.62 -24.01
N ASP B 118 0.09 50.20 -25.16
CA ASP B 118 -1.33 50.01 -25.38
C ASP B 118 -1.79 48.66 -24.89
N ILE B 119 -0.88 47.70 -24.93
CA ILE B 119 -1.24 46.34 -24.58
C ILE B 119 -0.01 45.56 -24.12
N ILE B 120 -0.21 44.76 -23.08
CA ILE B 120 0.82 43.86 -22.62
C ILE B 120 0.44 42.45 -23.00
N ILE B 121 1.39 41.70 -23.57
CA ILE B 121 1.15 40.30 -23.87
C ILE B 121 2.19 39.53 -23.09
N SER B 122 1.82 38.30 -22.70
CA SER B 122 2.77 37.46 -22.00
C SER B 122 2.27 36.04 -21.96
N GLU B 123 3.21 35.12 -21.75
CA GLU B 123 2.83 33.80 -21.34
C GLU B 123 3.57 33.51 -20.04
N PRO B 124 2.93 33.88 -18.92
CA PRO B 124 3.46 33.81 -17.55
C PRO B 124 2.93 32.67 -16.72
N MET B 125 2.22 31.72 -17.33
CA MET B 125 1.54 30.65 -16.58
C MET B 125 2.47 29.49 -16.23
N GLY B 126 2.53 29.13 -14.95
CA GLY B 126 3.19 27.91 -14.56
C GLY B 126 2.19 26.77 -14.32
N TYR B 127 2.69 25.64 -13.86
CA TYR B 127 1.84 24.58 -13.36
C TYR B 127 0.80 25.17 -12.44
N MET B 128 -0.42 24.63 -12.48
CA MET B 128 -1.46 25.13 -11.58
C MET B 128 -1.63 26.64 -11.76
N LEU B 129 -1.23 27.15 -12.93
CA LEU B 129 -1.28 28.58 -13.23
C LEU B 129 -0.21 29.40 -12.47
N PHE B 130 -0.13 29.23 -11.14
CA PHE B 130 0.63 30.17 -10.32
C PHE B 130 2.12 29.87 -10.15
N ASN B 131 2.54 28.63 -10.42
CA ASN B 131 3.93 28.27 -10.20
C ASN B 131 4.84 29.20 -10.98
N GLU B 132 6.01 29.46 -10.40
CA GLU B 132 7.05 30.34 -10.95
C GLU B 132 6.85 31.81 -10.55
N ARG B 133 5.63 32.15 -10.15
CA ARG B 133 5.30 33.51 -9.70
C ARG B 133 5.55 34.53 -10.77
N MET B 134 5.55 34.08 -12.02
CA MET B 134 5.72 35.05 -13.11
C MET B 134 4.46 35.90 -13.33
N LEU B 135 3.31 35.44 -12.84
CA LEU B 135 2.09 36.24 -12.98
C LEU B 135 2.26 37.61 -12.26
N GLU B 136 3.06 37.62 -11.21
CA GLU B 136 3.33 38.87 -10.50
C GLU B 136 4.13 39.85 -11.33
N SER B 137 5.11 39.33 -12.10
CA SER B 137 5.88 40.19 -12.99
C SER B 137 4.94 40.73 -14.04
N TYR B 138 4.02 39.90 -14.52
CA TYR B 138 3.06 40.32 -15.55
C TYR B 138 2.21 41.45 -15.00
N LEU B 139 1.72 41.29 -13.77
CA LEU B 139 0.92 42.32 -13.13
C LEU B 139 1.76 43.55 -12.86
N HIS B 140 2.97 43.34 -12.36
CA HIS B 140 3.91 44.44 -12.14
C HIS B 140 4.07 45.30 -13.38
N ALA B 141 3.95 44.69 -14.56
CA ALA B 141 4.26 45.37 -15.82
C ALA B 141 3.19 46.40 -16.15
N LYS B 142 2.07 46.32 -15.43
CA LYS B 142 0.98 47.25 -15.68
C LYS B 142 1.38 48.67 -15.35
N LYS B 143 2.47 48.84 -14.60
CA LYS B 143 3.06 50.16 -14.43
C LYS B 143 3.40 50.83 -15.75
N TYR B 144 3.55 50.06 -16.83
CA TYR B 144 3.80 50.65 -18.15
C TYR B 144 2.54 50.74 -19.02
N LEU B 145 1.42 50.31 -18.47
CA LEU B 145 0.21 50.21 -19.27
C LEU B 145 -0.58 51.54 -19.32
N LYS B 146 -0.92 51.99 -20.51
CA LYS B 146 -1.73 53.18 -20.63
C LYS B 146 -3.09 52.92 -19.99
N PRO B 147 -3.79 54.00 -19.59
CA PRO B 147 -5.17 53.91 -19.11
C PRO B 147 -6.04 53.21 -20.14
N SER B 148 -6.76 52.18 -19.69
CA SER B 148 -7.59 51.38 -20.58
C SER B 148 -6.78 50.57 -21.62
N GLY B 149 -5.49 50.41 -21.36
CA GLY B 149 -4.70 49.45 -22.11
C GLY B 149 -5.19 48.03 -21.82
N ASN B 150 -4.92 47.10 -22.73
CA ASN B 150 -5.39 45.74 -22.53
C ASN B 150 -4.26 44.80 -22.08
N MET B 151 -4.64 43.58 -21.71
CA MET B 151 -3.72 42.55 -21.29
C MET B 151 -4.09 41.26 -22.00
N PHE B 152 -3.08 40.60 -22.55
CA PHE B 152 -3.28 39.35 -23.29
C PHE B 152 -2.32 38.31 -22.74
N PRO B 153 -2.82 37.35 -21.96
CA PRO B 153 -4.22 37.05 -21.62
C PRO B 153 -4.82 38.05 -20.64
N THR B 154 -6.14 38.06 -20.55
CA THR B 154 -6.89 39.05 -19.76
C THR B 154 -7.32 38.53 -18.38
N ILE B 155 -7.70 37.26 -18.34
CA ILE B 155 -8.08 36.63 -17.09
C ILE B 155 -7.56 35.20 -17.06
N GLY B 156 -7.45 34.65 -15.85
CA GLY B 156 -7.11 33.26 -15.70
C GLY B 156 -8.08 32.60 -14.75
N ASP B 157 -8.51 31.38 -15.09
CA ASP B 157 -9.35 30.56 -14.22
C ASP B 157 -8.59 29.33 -13.78
N VAL B 158 -8.44 29.15 -12.47
CA VAL B 158 -7.97 27.91 -11.95
C VAL B 158 -9.17 27.07 -11.56
N HIS B 159 -9.15 25.82 -11.98
CA HIS B 159 -10.17 24.84 -11.63
C HIS B 159 -9.65 23.79 -10.68
N LEU B 160 -10.48 23.47 -9.68
CA LEU B 160 -10.23 22.40 -8.72
C LEU B 160 -11.40 21.44 -8.77
N ALA B 161 -11.11 20.15 -8.74
CA ALA B 161 -12.14 19.13 -8.57
C ALA B 161 -11.55 17.94 -7.84
N PRO B 162 -12.34 17.28 -6.97
CA PRO B 162 -11.92 16.08 -6.25
C PRO B 162 -11.79 14.90 -7.22
N PHE B 163 -10.82 14.02 -6.98
CA PHE B 163 -10.62 12.88 -7.86
C PHE B 163 -10.39 11.60 -7.10
N THR B 164 -10.54 10.48 -7.81
CA THR B 164 -10.24 9.20 -7.21
C THR B 164 -9.22 8.50 -8.11
N ASP B 165 -8.15 7.98 -7.52
CA ASP B 165 -7.15 7.29 -8.31
C ASP B 165 -6.25 6.42 -7.44
N GLU B 166 -6.74 5.24 -7.13
CA GLU B 166 -6.08 4.39 -6.16
C GLU B 166 -4.69 4.03 -6.63
N GLN B 167 -4.54 3.86 -7.94
CA GLN B 167 -3.28 3.43 -8.47
C GLN B 167 -2.22 4.52 -8.27
N LEU B 168 -2.58 5.79 -8.44
CA LEU B 168 -1.64 6.88 -8.19
C LEU B 168 -1.29 6.95 -6.72
N TYR B 169 -2.30 6.81 -5.88
CA TYR B 169 -2.11 6.93 -4.44
C TYR B 169 -1.15 5.86 -3.93
N MET B 170 -1.41 4.63 -4.36
CA MET B 170 -0.60 3.48 -3.93
C MET B 170 0.81 3.61 -4.45
N GLU B 171 0.95 4.22 -5.62
CA GLU B 171 2.23 4.35 -6.26
C GLU B 171 3.11 5.28 -5.43
N GLN B 172 2.54 6.40 -5.01
CA GLN B 172 3.27 7.31 -4.15
C GLN B 172 3.43 6.70 -2.80
N PHE B 173 2.39 6.02 -2.33
CA PHE B 173 2.44 5.45 -1.01
C PHE B 173 3.51 4.36 -0.95
N THR B 174 3.62 3.54 -1.99
CA THR B 174 4.64 2.50 -1.99
C THR B 174 6.03 3.14 -1.90
N LYS B 175 6.28 4.17 -2.70
CA LYS B 175 7.52 4.94 -2.58
C LYS B 175 7.92 5.33 -1.14
N ALA B 176 7.01 5.97 -0.41
CA ALA B 176 7.26 6.39 0.97
C ALA B 176 7.57 5.22 1.91
N ASN B 177 7.02 4.05 1.61
CA ASN B 177 7.10 2.92 2.52
C ASN B 177 8.42 2.16 2.39
N PHE B 178 9.29 2.62 1.51
CA PHE B 178 10.68 2.17 1.57
C PHE B 178 11.20 2.42 2.99
N TRP B 179 10.71 3.49 3.61
CA TRP B 179 11.25 3.95 4.89
C TRP B 179 10.47 3.36 6.08
N TYR B 180 9.67 2.35 5.77
CA TYR B 180 8.96 1.57 6.75
C TYR B 180 9.79 0.35 7.13
N GLN B 181 10.72 -0.07 6.28
CA GLN B 181 11.38 -1.34 6.55
C GLN B 181 12.32 -1.31 7.78
N PRO B 182 12.23 -2.35 8.62
CA PRO B 182 12.96 -2.43 9.91
C PRO B 182 14.37 -2.98 9.75
N SER B 183 14.67 -3.56 8.59
CA SER B 183 15.98 -4.16 8.39
C SER B 183 16.59 -3.94 6.98
N PHE B 184 16.71 -2.68 6.56
CA PHE B 184 17.37 -2.37 5.29
C PHE B 184 18.88 -2.59 5.41
N HIS B 185 19.40 -3.64 4.77
CA HIS B 185 20.78 -4.05 5.03
C HIS B 185 21.10 -4.09 6.53
N GLY B 186 20.23 -4.70 7.32
CA GLY B 186 20.44 -4.74 8.76
C GLY B 186 20.11 -3.47 9.53
N VAL B 187 19.51 -2.49 8.86
CA VAL B 187 19.29 -1.18 9.49
C VAL B 187 17.82 -0.82 9.56
N ASP B 188 17.37 -0.32 10.70
CA ASP B 188 15.93 -0.05 10.85
C ASP B 188 15.62 1.39 10.47
N LEU B 189 14.95 1.54 9.32
CA LEU B 189 14.62 2.87 8.81
C LEU B 189 13.29 3.36 9.36
N SER B 190 12.54 2.46 9.98
CA SER B 190 11.11 2.64 10.08
C SER B 190 10.78 3.92 10.84
N ALA B 191 11.73 4.43 11.63
CA ALA B 191 11.47 5.65 12.38
C ALA B 191 11.30 6.89 11.49
N LEU B 192 11.71 6.81 10.22
CA LEU B 192 11.59 7.96 9.31
C LEU B 192 10.38 7.87 8.39
N ARG B 193 9.64 6.77 8.53
CA ARG B 193 8.53 6.50 7.63
C ARG B 193 7.52 7.64 7.55
N GLY B 194 7.23 8.26 8.70
CA GLY B 194 6.27 9.34 8.70
C GLY B 194 6.79 10.51 7.90
N ALA B 195 8.10 10.77 8.00
CA ALA B 195 8.68 11.95 7.35
C ALA B 195 8.78 11.72 5.87
N ALA B 196 8.96 10.47 5.50
CA ALA B 196 8.96 10.10 4.10
C ALA B 196 7.56 10.33 3.49
N VAL B 197 6.51 9.71 4.05
CA VAL B 197 5.15 9.96 3.55
C VAL B 197 4.89 11.45 3.42
N ASP B 198 5.24 12.24 4.42
CA ASP B 198 5.09 13.68 4.28
C ASP B 198 5.81 14.25 3.07
N GLU B 199 7.05 13.82 2.83
CA GLU B 199 7.82 14.39 1.73
C GLU B 199 7.21 14.00 0.37
N TYR B 200 6.86 12.74 0.19
CA TYR B 200 6.29 12.34 -1.09
C TYR B 200 4.94 13.01 -1.35
N PHE B 201 4.10 13.14 -0.33
CA PHE B 201 2.77 13.65 -0.59
C PHE B 201 2.79 15.16 -0.65
N ARG B 202 3.96 15.73 -0.36
CA ARG B 202 4.15 17.16 -0.56
C ARG B 202 4.24 17.52 -2.05
N GLN B 203 4.56 16.54 -2.89
CA GLN B 203 4.79 16.80 -4.31
C GLN B 203 3.53 16.79 -5.15
N PRO B 204 3.23 17.92 -5.81
CA PRO B 204 2.08 17.80 -6.70
C PRO B 204 2.46 16.91 -7.86
N VAL B 205 1.47 16.19 -8.37
CA VAL B 205 1.70 15.23 -9.42
C VAL B 205 1.30 15.85 -10.77
N VAL B 206 2.27 15.94 -11.66
CA VAL B 206 2.01 16.52 -12.94
C VAL B 206 1.89 15.42 -14.00
N ASP B 207 0.69 15.33 -14.55
CA ASP B 207 0.42 14.53 -15.74
C ASP B 207 -1.05 14.63 -16.09
N THR B 208 -1.51 13.85 -17.06
CA THR B 208 -2.89 13.96 -17.43
C THR B 208 -3.63 12.72 -16.95
N PHE B 209 -4.93 12.67 -17.17
CA PHE B 209 -5.73 11.57 -16.67
C PHE B 209 -7.08 11.65 -17.37
N ASP B 210 -7.89 10.61 -17.21
CA ASP B 210 -9.24 10.54 -17.78
C ASP B 210 -10.25 11.25 -16.86
N ILE B 211 -11.15 12.00 -17.46
CA ILE B 211 -12.09 12.82 -16.72
C ILE B 211 -13.03 11.96 -15.87
N ARG B 212 -13.02 10.66 -16.14
CA ARG B 212 -13.86 9.74 -15.41
C ARG B 212 -13.43 9.66 -13.96
N ILE B 213 -12.17 9.99 -13.68
CA ILE B 213 -11.68 9.92 -12.30
C ILE B 213 -12.20 11.09 -11.47
N LEU B 214 -12.81 12.09 -12.11
CA LEU B 214 -13.29 13.24 -11.35
C LEU B 214 -14.63 12.92 -10.73
N MET B 215 -14.81 13.28 -9.45
CA MET B 215 -16.02 12.91 -8.72
C MET B 215 -16.98 14.07 -8.45
N ALA B 216 -16.75 15.22 -9.06
CA ALA B 216 -17.65 16.36 -8.87
C ALA B 216 -17.29 17.41 -9.90
N LYS B 217 -18.21 18.35 -10.13
CA LYS B 217 -17.99 19.47 -11.03
C LYS B 217 -16.95 20.38 -10.38
N SER B 218 -16.04 20.93 -11.19
CA SER B 218 -14.93 21.75 -10.68
C SER B 218 -15.43 23.05 -10.08
N VAL B 219 -14.71 23.53 -9.07
CA VAL B 219 -14.84 24.90 -8.62
C VAL B 219 -13.80 25.76 -9.32
N LYS B 220 -14.15 27.01 -9.53
CA LYS B 220 -13.35 27.91 -10.36
C LYS B 220 -12.90 29.09 -9.53
N TYR B 221 -11.62 29.45 -9.62
CA TYR B 221 -11.12 30.67 -9.01
C TYR B 221 -10.54 31.54 -10.11
N THR B 222 -10.93 32.80 -10.16
CA THR B 222 -10.61 33.66 -11.28
C THR B 222 -9.71 34.82 -10.88
N VAL B 223 -8.64 35.03 -11.64
CA VAL B 223 -7.82 36.21 -11.52
C VAL B 223 -8.03 37.04 -12.75
N ASN B 224 -8.43 38.29 -12.54
CA ASN B 224 -8.64 39.23 -13.64
C ASN B 224 -7.37 40.08 -13.72
N PHE B 225 -6.60 39.91 -14.78
CA PHE B 225 -5.29 40.54 -14.86
C PHE B 225 -5.37 42.05 -15.08
N LEU B 226 -6.44 42.51 -15.71
CA LEU B 226 -6.69 43.94 -15.78
C LEU B 226 -6.77 44.58 -14.39
N GLU B 227 -7.28 43.85 -13.41
CA GLU B 227 -7.61 44.44 -12.11
C GLU B 227 -6.67 44.05 -10.97
N ALA B 228 -6.16 42.83 -10.99
CA ALA B 228 -5.39 42.34 -9.84
C ALA B 228 -4.09 43.13 -9.62
N LYS B 229 -3.64 43.14 -8.38
CA LYS B 229 -2.35 43.72 -8.03
C LYS B 229 -1.40 42.61 -7.65
N GLU B 230 -0.11 42.85 -7.86
CA GLU B 230 0.91 41.88 -7.46
C GLU B 230 0.61 41.25 -6.11
N GLY B 231 0.34 42.09 -5.11
CA GLY B 231 0.15 41.58 -3.76
C GLY B 231 -1.05 40.66 -3.61
N ASP B 232 -1.99 40.70 -4.54
CA ASP B 232 -3.10 39.77 -4.52
C ASP B 232 -2.64 38.32 -4.64
N LEU B 233 -1.44 38.11 -5.16
CA LEU B 233 -1.01 36.76 -5.46
C LEU B 233 -0.07 36.24 -4.39
N HIS B 234 0.18 37.04 -3.36
CA HIS B 234 1.04 36.56 -2.28
C HIS B 234 0.39 35.51 -1.42
N ARG B 235 -0.92 35.64 -1.25
CA ARG B 235 -1.72 34.71 -0.47
C ARG B 235 -3.06 34.48 -1.18
N ILE B 236 -3.22 33.30 -1.76
CA ILE B 236 -4.42 33.03 -2.55
C ILE B 236 -5.30 32.04 -1.79
N GLU B 237 -6.51 32.44 -1.43
CA GLU B 237 -7.38 31.58 -0.65
C GLU B 237 -8.51 31.14 -1.54
N ILE B 238 -8.59 29.83 -1.74
CA ILE B 238 -9.62 29.27 -2.59
C ILE B 238 -10.53 28.32 -1.79
N PRO B 239 -11.68 28.85 -1.35
CA PRO B 239 -12.68 28.08 -0.63
C PRO B 239 -13.36 27.21 -1.67
N PHE B 240 -13.89 26.08 -1.25
CA PHE B 240 -14.61 25.21 -2.16
C PHE B 240 -15.63 24.38 -1.43
N LYS B 241 -16.66 23.99 -2.18
CA LYS B 241 -17.72 23.15 -1.66
C LYS B 241 -18.17 22.28 -2.83
N PHE B 242 -17.73 21.04 -2.84
CA PHE B 242 -18.08 20.14 -3.92
C PHE B 242 -19.33 19.34 -3.57
N HIS B 243 -20.21 19.20 -4.55
CA HIS B 243 -21.33 18.30 -4.41
C HIS B 243 -20.98 16.99 -5.09
N MET B 244 -20.70 15.97 -4.27
CA MET B 244 -20.16 14.72 -4.80
C MET B 244 -21.14 14.07 -5.76
N LEU B 245 -20.71 13.83 -6.98
CA LEU B 245 -21.50 13.11 -7.96
C LEU B 245 -21.32 11.60 -7.94
N HIS B 246 -20.30 11.11 -7.24
CA HIS B 246 -20.02 9.68 -7.21
C HIS B 246 -19.59 9.30 -5.81
N SER B 247 -19.86 8.06 -5.42
CA SER B 247 -19.37 7.54 -4.16
C SER B 247 -17.93 7.05 -4.37
N GLY B 248 -17.13 7.10 -3.32
CA GLY B 248 -15.81 6.52 -3.41
C GLY B 248 -14.77 7.18 -2.53
N LEU B 249 -13.52 6.76 -2.68
CA LEU B 249 -12.39 7.40 -2.05
C LEU B 249 -12.00 8.68 -2.78
N VAL B 250 -11.91 9.79 -2.06
CA VAL B 250 -11.34 10.99 -2.62
C VAL B 250 -9.86 11.01 -2.31
N HIS B 251 -9.05 10.89 -3.37
CA HIS B 251 -7.62 10.85 -3.21
C HIS B 251 -6.92 12.20 -3.25
N GLY B 252 -7.65 13.24 -3.65
CA GLY B 252 -7.09 14.59 -3.62
C GLY B 252 -7.84 15.52 -4.55
N LEU B 253 -7.27 16.69 -4.82
CA LEU B 253 -7.84 17.59 -5.81
C LEU B 253 -7.00 17.63 -7.08
N ALA B 254 -7.67 17.74 -8.21
CA ALA B 254 -7.00 17.94 -9.47
C ALA B 254 -7.15 19.41 -9.84
N PHE B 255 -6.09 19.99 -10.41
CA PHE B 255 -6.11 21.37 -10.85
C PHE B 255 -5.77 21.49 -12.31
N TRP B 256 -6.44 22.43 -12.98
CA TRP B 256 -6.00 22.88 -14.30
C TRP B 256 -6.40 24.33 -14.45
N PHE B 257 -6.07 24.96 -15.57
CA PHE B 257 -6.42 26.35 -15.73
C PHE B 257 -6.70 26.71 -17.18
N ASP B 258 -7.51 27.76 -17.37
CA ASP B 258 -7.79 28.34 -18.67
C ASP B 258 -7.37 29.81 -18.60
N VAL B 259 -6.96 30.40 -19.72
CA VAL B 259 -6.87 31.85 -19.76
C VAL B 259 -7.67 32.36 -20.95
N ALA B 260 -8.22 33.57 -20.82
CA ALA B 260 -8.96 34.16 -21.92
C ALA B 260 -8.26 35.43 -22.37
N PHE B 261 -8.14 35.56 -23.69
CA PHE B 261 -7.70 36.80 -24.31
C PHE B 261 -8.96 37.52 -24.78
N ILE B 262 -9.33 38.59 -24.05
CA ILE B 262 -10.59 39.25 -24.33
C ILE B 262 -10.27 40.43 -25.25
N GLY B 263 -10.33 40.18 -26.55
CA GLY B 263 -10.03 41.21 -27.51
C GLY B 263 -11.24 42.03 -27.94
N SER B 264 -11.00 43.09 -28.70
CA SER B 264 -12.04 43.91 -29.28
C SER B 264 -12.92 43.16 -30.28
N ILE B 265 -12.35 42.22 -31.02
CA ILE B 265 -13.12 41.52 -32.03
C ILE B 265 -13.69 40.23 -31.48
N MET B 266 -12.90 39.51 -30.70
CA MET B 266 -13.40 38.26 -30.10
C MET B 266 -12.60 37.82 -28.89
N THR B 267 -13.19 36.93 -28.13
CA THR B 267 -12.51 36.36 -26.99
C THR B 267 -12.02 34.98 -27.37
N VAL B 268 -10.73 34.72 -27.15
CA VAL B 268 -10.14 33.43 -27.44
C VAL B 268 -9.69 32.80 -26.15
N TRP B 269 -10.07 31.54 -25.96
CA TRP B 269 -9.66 30.81 -24.77
C TRP B 269 -8.49 29.85 -25.02
N LEU B 270 -7.56 29.78 -24.07
CA LEU B 270 -6.55 28.70 -24.08
C LEU B 270 -6.80 27.86 -22.84
N SER B 271 -7.10 26.58 -23.01
CA SER B 271 -7.49 25.72 -21.90
C SER B 271 -6.46 24.61 -21.69
N THR B 272 -6.17 24.30 -20.44
CA THR B 272 -5.35 23.13 -20.15
C THR B 272 -6.18 22.06 -19.44
N ALA B 273 -7.49 22.09 -19.68
CA ALA B 273 -8.41 21.17 -19.00
C ALA B 273 -8.24 19.75 -19.52
N PRO B 274 -8.52 18.75 -18.67
CA PRO B 274 -8.34 17.36 -19.09
C PRO B 274 -9.35 16.93 -20.18
N THR B 275 -10.39 17.73 -20.41
CA THR B 275 -11.31 17.44 -21.49
C THR B 275 -10.78 17.99 -22.80
N GLU B 276 -9.72 18.79 -22.72
CA GLU B 276 -9.13 19.40 -23.90
C GLU B 276 -7.83 18.70 -24.29
N PRO B 277 -7.35 18.94 -25.53
CA PRO B 277 -6.09 18.34 -25.95
C PRO B 277 -4.90 18.75 -25.09
N LEU B 278 -3.95 17.84 -24.96
CA LEU B 278 -2.92 17.94 -23.95
C LEU B 278 -1.98 19.10 -24.30
N THR B 279 -1.57 19.88 -23.30
CA THR B 279 -0.55 20.92 -23.47
C THR B 279 0.66 20.53 -22.61
N HIS B 280 1.73 21.30 -22.72
CA HIS B 280 2.91 21.01 -21.92
C HIS B 280 2.69 21.35 -20.44
N TRP B 281 1.55 21.93 -20.11
CA TRP B 281 1.17 22.07 -18.69
C TRP B 281 0.50 20.85 -18.08
N TYR B 282 0.11 19.89 -18.92
CA TYR B 282 -0.65 18.75 -18.41
C TYR B 282 -1.76 19.20 -17.47
N GLN B 283 -1.97 18.43 -16.40
CA GLN B 283 -2.73 18.89 -15.25
C GLN B 283 -1.96 18.57 -13.99
N VAL B 284 -2.46 19.05 -12.84
CA VAL B 284 -1.80 18.84 -11.56
C VAL B 284 -2.71 18.24 -10.52
N ARG B 285 -2.23 17.22 -9.82
CA ARG B 285 -3.03 16.63 -8.76
C ARG B 285 -2.29 16.68 -7.42
N CYS B 286 -2.94 17.24 -6.40
CA CYS B 286 -2.45 17.14 -5.03
C CYS B 286 -3.17 16.02 -4.28
N LEU B 287 -2.39 15.05 -3.83
CA LEU B 287 -2.88 13.91 -3.10
C LEU B 287 -3.08 14.22 -1.61
N PHE B 288 -3.96 13.45 -0.97
CA PHE B 288 -4.09 13.46 0.49
C PHE B 288 -3.34 12.25 1.04
N GLN B 289 -2.62 12.43 2.15
CA GLN B 289 -1.94 11.30 2.79
C GLN B 289 -3.02 10.29 3.16
N SER B 290 -4.19 10.80 3.49
CA SER B 290 -5.29 9.93 3.90
C SER B 290 -6.57 10.34 3.21
N PRO B 291 -6.96 9.59 2.16
CA PRO B 291 -8.09 9.89 1.28
C PRO B 291 -9.39 9.93 2.05
N LEU B 292 -10.37 10.68 1.55
CA LEU B 292 -11.64 10.80 2.25
C LEU B 292 -12.63 9.88 1.58
N PHE B 293 -13.41 9.15 2.37
CA PHE B 293 -14.56 8.45 1.79
C PHE B 293 -15.80 9.33 1.70
N ALA B 294 -16.38 9.41 0.52
CA ALA B 294 -17.64 10.14 0.39
C ALA B 294 -18.67 9.38 -0.44
N LYS B 295 -19.94 9.75 -0.26
CA LYS B 295 -21.05 9.17 -1.01
C LYS B 295 -21.60 10.22 -1.95
N ALA B 296 -22.00 9.79 -3.15
CA ALA B 296 -22.74 10.67 -4.04
C ALA B 296 -23.72 11.47 -3.21
N GLY B 297 -23.73 12.78 -3.42
CA GLY B 297 -24.66 13.64 -2.71
C GLY B 297 -24.07 14.27 -1.45
N ASP B 298 -22.94 13.78 -0.96
CA ASP B 298 -22.28 14.51 0.12
C ASP B 298 -21.69 15.82 -0.44
N THR B 299 -21.41 16.78 0.43
CA THR B 299 -20.67 17.98 0.01
C THR B 299 -19.30 17.87 0.64
N LEU B 300 -18.28 18.18 -0.16
CA LEU B 300 -16.91 18.19 0.30
C LEU B 300 -16.45 19.64 0.29
N SER B 301 -16.17 20.16 1.47
CA SER B 301 -15.86 21.57 1.57
C SER B 301 -14.53 21.77 2.27
N GLY B 302 -13.92 22.92 1.98
CA GLY B 302 -12.68 23.28 2.63
C GLY B 302 -12.02 24.43 1.89
N THR B 303 -10.70 24.50 2.06
CA THR B 303 -9.95 25.61 1.51
C THR B 303 -8.65 25.11 0.92
N CYS B 304 -8.31 25.67 -0.23
CA CYS B 304 -6.97 25.57 -0.76
C CYS B 304 -6.28 26.94 -0.61
N LEU B 305 -5.23 26.98 0.20
CA LEU B 305 -4.52 28.23 0.46
C LEU B 305 -3.12 28.19 -0.16
N LEU B 306 -2.84 29.14 -1.05
CA LEU B 306 -1.52 29.20 -1.67
C LEU B 306 -0.78 30.40 -1.10
N ILE B 307 0.37 30.13 -0.49
CA ILE B 307 1.19 31.17 0.08
C ILE B 307 2.51 31.27 -0.70
N ALA B 308 2.72 32.41 -1.36
CA ALA B 308 3.91 32.63 -2.17
C ALA B 308 5.17 32.54 -1.31
N ASN B 309 6.22 31.93 -1.84
CA ASN B 309 7.50 31.90 -1.14
C ASN B 309 8.58 32.54 -2.01
N LYS B 310 9.77 32.67 -1.47
CA LYS B 310 10.85 33.32 -2.20
C LYS B 310 11.62 32.35 -3.14
N ARG B 311 11.12 31.14 -3.31
CA ARG B 311 11.63 30.22 -4.31
C ARG B 311 10.76 30.28 -5.57
N GLN B 312 10.07 31.40 -5.76
CA GLN B 312 9.27 31.65 -6.95
C GLN B 312 8.14 30.64 -7.10
N SER B 313 7.64 30.14 -5.97
CA SER B 313 6.54 29.20 -5.98
C SER B 313 5.64 29.40 -4.78
N TYR B 314 4.87 28.37 -4.45
CA TYR B 314 3.88 28.43 -3.38
C TYR B 314 3.94 27.26 -2.45
N ASP B 315 3.71 27.53 -1.17
CA ASP B 315 3.32 26.51 -0.22
C ASP B 315 1.81 26.38 -0.29
N ILE B 316 1.37 25.15 -0.51
CA ILE B 316 -0.03 24.85 -0.75
C ILE B 316 -0.59 24.21 0.50
N SER B 317 -1.67 24.77 1.01
CA SER B 317 -2.35 24.18 2.13
C SER B 317 -3.72 23.74 1.64
N ILE B 318 -4.07 22.46 1.84
CA ILE B 318 -5.42 22.03 1.52
C ILE B 318 -6.08 21.40 2.73
N VAL B 319 -7.21 21.97 3.11
CA VAL B 319 -8.03 21.38 4.17
C VAL B 319 -9.38 21.05 3.56
N ALA B 320 -9.81 19.83 3.79
CA ALA B 320 -11.08 19.38 3.22
C ALA B 320 -11.82 18.53 4.24
N GLN B 321 -13.14 18.64 4.25
CA GLN B 321 -13.93 17.72 5.04
C GLN B 321 -15.20 17.28 4.32
N VAL B 322 -15.57 16.02 4.54
CA VAL B 322 -16.85 15.50 4.10
C VAL B 322 -17.82 15.97 5.18
N ASP B 323 -18.70 16.91 4.81
CA ASP B 323 -19.50 17.54 5.84
C ASP B 323 -20.35 16.52 6.57
N GLN B 324 -20.78 15.48 5.86
CA GLN B 324 -21.68 14.49 6.44
C GLN B 324 -21.07 13.59 7.51
N THR B 325 -19.76 13.40 7.50
CA THR B 325 -19.15 12.55 8.52
C THR B 325 -18.20 13.34 9.40
N GLY B 326 -17.92 14.57 8.99
CA GLY B 326 -16.86 15.31 9.64
C GLY B 326 -15.49 14.67 9.43
N SER B 327 -15.35 13.80 8.42
CA SER B 327 -14.01 13.30 8.13
C SER B 327 -13.19 14.42 7.45
N LYS B 328 -12.07 14.75 8.05
CA LYS B 328 -11.33 15.96 7.69
C LYS B 328 -9.95 15.55 7.19
N SER B 329 -9.48 16.17 6.12
CA SER B 329 -8.10 15.96 5.67
C SER B 329 -7.28 17.25 5.46
N SER B 330 -6.06 17.26 6.00
CA SER B 330 -5.17 18.42 5.93
C SER B 330 -3.85 18.05 5.29
N ASN B 331 -3.41 18.91 4.38
CA ASN B 331 -2.25 18.62 3.54
C ASN B 331 -1.51 19.91 3.22
N LEU B 332 -0.19 19.84 3.13
CA LEU B 332 0.58 20.96 2.60
C LEU B 332 1.46 20.48 1.47
N LEU B 333 1.40 21.14 0.33
CA LEU B 333 2.20 20.72 -0.81
C LEU B 333 3.13 21.82 -1.29
N ASP B 334 4.34 21.42 -1.62
CA ASP B 334 5.39 22.33 -2.11
C ASP B 334 5.35 22.37 -3.64
N LEU B 335 4.74 23.41 -4.20
CA LEU B 335 4.55 23.51 -5.63
C LEU B 335 5.84 23.59 -6.44
N LYS B 336 6.88 24.15 -5.85
CA LYS B 336 8.15 24.30 -6.55
C LYS B 336 8.72 22.95 -6.96
N ASN B 337 8.30 21.91 -6.26
CA ASN B 337 8.95 20.62 -6.35
C ASN B 337 7.99 19.50 -6.76
N PRO B 338 7.38 19.61 -7.94
CA PRO B 338 6.40 18.62 -8.42
C PRO B 338 7.04 17.27 -8.77
N PHE B 339 6.21 16.23 -8.84
CA PHE B 339 6.63 14.94 -9.37
C PHE B 339 6.06 14.87 -10.79
N PHE B 340 6.93 14.82 -11.79
CA PHE B 340 6.49 14.77 -13.18
C PHE B 340 6.36 13.31 -13.52
N ARG B 341 5.12 12.84 -13.51
CA ARG B 341 4.78 11.43 -13.69
C ARG B 341 4.61 11.11 -15.17
N TYR B 342 4.24 12.10 -15.97
CA TYR B 342 3.88 11.84 -17.35
C TYR B 342 4.91 11.03 -18.11
N THR B 343 4.42 10.02 -18.79
CA THR B 343 5.24 9.18 -19.62
C THR B 343 4.43 8.88 -20.89
N GLY B 344 3.19 8.73 -20.75
N SER C 1 -7.46 -36.59 31.06
CA SER C 1 -6.70 -37.53 30.18
C SER C 1 -5.65 -36.70 29.45
N VAL C 2 -4.71 -37.39 28.80
CA VAL C 2 -3.73 -36.72 27.95
C VAL C 2 -4.37 -35.69 27.03
N PHE C 3 -5.64 -35.92 26.65
CA PHE C 3 -6.29 -34.97 25.75
C PHE C 3 -6.76 -33.72 26.46
N SER C 4 -7.51 -33.90 27.55
CA SER C 4 -8.05 -32.75 28.29
C SER C 4 -6.90 -31.98 28.93
N GLU C 5 -5.80 -32.69 29.20
CA GLU C 5 -4.62 -32.03 29.72
C GLU C 5 -4.11 -30.95 28.78
N ARG C 6 -4.10 -31.26 27.48
CA ARG C 6 -3.45 -30.39 26.48
C ARG C 6 -4.47 -29.52 25.75
N THR C 7 -5.73 -29.65 26.12
CA THR C 7 -6.75 -28.95 25.37
C THR C 7 -7.66 -28.22 26.31
N GLU C 8 -7.96 -26.97 26.01
CA GLU C 8 -9.05 -26.31 26.71
C GLU C 8 -10.32 -27.04 26.36
N GLU C 9 -11.01 -27.54 27.39
CA GLU C 9 -12.29 -28.20 27.16
C GLU C 9 -13.15 -27.29 26.31
N SER C 10 -12.97 -25.99 26.47
CA SER C 10 -13.70 -25.06 25.63
C SER C 10 -13.41 -25.39 24.15
N SER C 11 -12.14 -25.34 23.77
CA SER C 11 -11.74 -25.58 22.38
C SER C 11 -12.26 -26.91 21.85
N ALA C 12 -12.23 -27.93 22.70
CA ALA C 12 -12.58 -29.30 22.29
C ALA C 12 -14.07 -29.41 22.00
N VAL C 13 -14.83 -28.56 22.67
CA VAL C 13 -16.27 -28.50 22.49
C VAL C 13 -16.56 -28.07 21.07
N GLN C 14 -16.10 -26.88 20.73
CA GLN C 14 -16.28 -26.35 19.39
C GLN C 14 -15.73 -27.29 18.30
N TYR C 15 -14.62 -27.95 18.61
CA TYR C 15 -13.92 -28.80 17.66
C TYR C 15 -14.76 -30.01 17.28
N PHE C 16 -15.28 -30.71 18.28
CA PHE C 16 -16.10 -31.87 18.01
C PHE C 16 -17.52 -31.53 17.60
N GLN C 17 -17.98 -30.34 17.96
CA GLN C 17 -19.22 -29.80 17.42
C GLN C 17 -19.08 -29.68 15.90
N PHE C 18 -17.96 -29.12 15.47
CA PHE C 18 -17.70 -28.88 14.06
C PHE C 18 -17.75 -30.21 13.29
N TYR C 19 -17.05 -31.22 13.78
CA TYR C 19 -17.03 -32.50 13.09
C TYR C 19 -18.33 -33.31 13.23
N GLY C 20 -19.25 -32.77 14.04
CA GLY C 20 -20.55 -33.39 14.20
C GLY C 20 -21.48 -33.08 13.05
N TYR C 21 -21.13 -32.11 12.21
CA TYR C 21 -21.96 -31.79 11.04
C TYR C 21 -21.71 -32.68 9.85
N LEU C 22 -22.77 -33.28 9.35
CA LEU C 22 -22.67 -34.10 8.16
C LEU C 22 -22.09 -33.28 7.04
N SER C 23 -22.42 -32.00 6.99
CA SER C 23 -21.90 -31.18 5.90
C SER C 23 -20.36 -31.08 5.94
N GLN C 24 -19.77 -31.13 7.13
CA GLN C 24 -18.31 -31.03 7.20
C GLN C 24 -17.66 -32.35 6.85
N GLN C 25 -18.28 -33.44 7.26
CA GLN C 25 -17.82 -34.74 6.83
C GLN C 25 -17.91 -34.80 5.32
N GLN C 26 -19.01 -34.29 4.78
CA GLN C 26 -19.25 -34.37 3.34
C GLN C 26 -18.14 -33.60 2.64
N ASN C 27 -17.78 -32.45 3.20
CA ASN C 27 -16.73 -31.60 2.66
C ASN C 27 -15.41 -32.36 2.55
N MET C 28 -15.05 -33.16 3.55
CA MET C 28 -13.84 -33.97 3.43
C MET C 28 -14.02 -35.12 2.46
N MET C 29 -15.17 -35.78 2.52
CA MET C 29 -15.42 -36.90 1.64
C MET C 29 -15.36 -36.51 0.18
N GLN C 30 -15.86 -35.33 -0.13
CA GLN C 30 -15.90 -34.85 -1.53
C GLN C 30 -14.56 -34.41 -2.07
N ASP C 31 -13.58 -34.24 -1.20
CA ASP C 31 -12.22 -33.98 -1.67
C ASP C 31 -11.77 -35.29 -2.31
N TYR C 32 -11.84 -35.34 -3.64
CA TYR C 32 -11.68 -36.60 -4.33
C TYR C 32 -10.22 -37.07 -4.30
N VAL C 33 -9.29 -36.13 -4.44
CA VAL C 33 -7.88 -36.42 -4.28
C VAL C 33 -7.64 -37.06 -2.91
N ARG C 34 -8.18 -36.44 -1.85
CA ARG C 34 -8.03 -36.96 -0.49
C ARG C 34 -8.62 -38.37 -0.36
N THR C 35 -9.90 -38.50 -0.69
CA THR C 35 -10.63 -39.73 -0.40
C THR C 35 -10.23 -40.86 -1.34
N GLY C 36 -10.02 -40.52 -2.62
CA GLY C 36 -9.62 -41.54 -3.60
C GLY C 36 -8.21 -42.06 -3.34
N THR C 37 -7.34 -41.19 -2.83
CA THR C 37 -5.97 -41.60 -2.54
C THR C 37 -5.92 -42.48 -1.31
N TYR C 38 -6.68 -42.13 -0.27
CA TYR C 38 -6.80 -43.05 0.85
C TYR C 38 -7.28 -44.43 0.43
N GLN C 39 -8.32 -44.46 -0.41
CA GLN C 39 -8.89 -45.73 -0.84
C GLN C 39 -7.86 -46.51 -1.65
N ARG C 40 -7.12 -45.85 -2.54
CA ARG C 40 -6.09 -46.51 -3.33
C ARG C 40 -5.01 -47.09 -2.42
N ALA C 41 -4.55 -46.28 -1.47
CA ALA C 41 -3.50 -46.68 -0.55
C ALA C 41 -3.92 -47.93 0.20
N ILE C 42 -5.18 -47.97 0.63
CA ILE C 42 -5.63 -49.12 1.39
C ILE C 42 -5.88 -50.34 0.50
N LEU C 43 -6.65 -50.16 -0.57
CA LEU C 43 -6.95 -51.29 -1.45
C LEU C 43 -5.74 -51.89 -2.17
N GLN C 44 -4.79 -51.05 -2.57
CA GLN C 44 -3.63 -51.56 -3.27
C GLN C 44 -2.63 -52.22 -2.32
N ASN C 45 -2.74 -51.87 -1.04
CA ASN C 45 -2.00 -52.57 -0.01
C ASN C 45 -2.87 -53.52 0.79
N HIS C 46 -3.65 -54.33 0.07
CA HIS C 46 -4.67 -55.16 0.69
C HIS C 46 -4.08 -56.22 1.60
N THR C 47 -2.85 -56.66 1.30
CA THR C 47 -2.18 -57.63 2.17
C THR C 47 -1.94 -57.02 3.55
N ASP C 48 -1.80 -55.70 3.62
CA ASP C 48 -1.67 -55.08 4.93
C ASP C 48 -2.98 -55.04 5.71
N PHE C 49 -4.08 -55.43 5.08
CA PHE C 49 -5.36 -55.43 5.77
C PHE C 49 -6.03 -56.80 5.88
N LYS C 50 -5.77 -57.68 4.91
CA LYS C 50 -6.47 -58.98 4.84
C LYS C 50 -6.39 -59.77 6.15
N ASP C 51 -7.54 -59.95 6.78
CA ASP C 51 -7.67 -60.65 8.07
C ASP C 51 -6.98 -59.95 9.23
N LYS C 52 -6.70 -58.66 9.08
CA LYS C 52 -6.03 -57.91 10.14
C LYS C 52 -6.99 -57.24 11.12
N ILE C 53 -6.46 -56.82 12.25
CA ILE C 53 -7.19 -55.99 13.20
C ILE C 53 -6.74 -54.57 12.98
N VAL C 54 -7.71 -53.65 12.91
CA VAL C 54 -7.43 -52.29 12.46
C VAL C 54 -8.01 -51.33 13.48
N LEU C 55 -7.31 -50.23 13.70
CA LEU C 55 -7.87 -49.12 14.42
C LEU C 55 -7.96 -47.91 13.46
N ASP C 56 -9.11 -47.26 13.43
CA ASP C 56 -9.34 -46.04 12.64
C ASP C 56 -9.49 -44.91 13.63
N VAL C 57 -8.52 -44.03 13.72
CA VAL C 57 -8.57 -42.96 14.70
C VAL C 57 -9.34 -41.74 14.19
N GLY C 58 -10.51 -41.48 14.77
CA GLY C 58 -11.35 -40.38 14.29
C GLY C 58 -12.06 -40.75 13.00
N CYS C 59 -12.94 -41.75 13.04
CA CYS C 59 -13.46 -42.37 11.83
C CYS C 59 -14.46 -41.49 11.05
N GLY C 60 -15.01 -40.46 11.72
CA GLY C 60 -15.94 -39.58 11.06
C GLY C 60 -17.12 -40.39 10.58
N SER C 61 -17.44 -40.28 9.30
CA SER C 61 -18.53 -41.03 8.72
C SER C 61 -18.26 -42.52 8.73
N GLY C 62 -17.01 -42.90 8.92
CA GLY C 62 -16.65 -44.30 8.90
C GLY C 62 -15.89 -44.64 7.64
N ILE C 63 -15.84 -43.68 6.71
CA ILE C 63 -15.40 -43.96 5.36
C ILE C 63 -14.11 -44.80 5.26
N LEU C 64 -13.11 -44.53 6.09
CA LEU C 64 -11.84 -45.28 5.95
C LEU C 64 -12.00 -46.69 6.48
N SER C 65 -12.80 -46.88 7.52
CA SER C 65 -13.04 -48.23 7.99
C SER C 65 -13.72 -49.08 6.91
N PHE C 66 -14.60 -48.47 6.11
CA PHE C 66 -15.19 -49.23 5.01
C PHE C 66 -14.12 -49.62 4.02
N PHE C 67 -13.11 -48.77 3.83
CA PHE C 67 -12.06 -49.13 2.89
C PHE C 67 -11.26 -50.31 3.48
N ALA C 68 -10.92 -50.24 4.77
CA ALA C 68 -10.29 -51.38 5.46
C ALA C 68 -11.12 -52.64 5.32
N ALA C 69 -12.44 -52.51 5.45
CA ALA C 69 -13.33 -53.64 5.22
C ALA C 69 -13.27 -54.14 3.79
N GLN C 70 -13.15 -53.22 2.83
CA GLN C 70 -13.12 -53.65 1.43
C GLN C 70 -11.83 -54.38 1.13
N ALA C 71 -10.79 -54.07 1.90
CA ALA C 71 -9.51 -54.70 1.67
C ALA C 71 -9.36 -55.96 2.50
N GLY C 72 -10.42 -56.32 3.23
CA GLY C 72 -10.45 -57.62 3.87
C GLY C 72 -10.12 -57.69 5.37
N ALA C 73 -10.03 -56.56 6.05
CA ALA C 73 -9.76 -56.60 7.48
C ALA C 73 -10.73 -57.54 8.19
N ARG C 74 -10.29 -58.11 9.28
CA ARG C 74 -11.14 -59.02 10.06
C ARG C 74 -11.98 -58.20 11.03
N LYS C 75 -11.34 -57.22 11.66
CA LYS C 75 -12.01 -56.40 12.64
C LYS C 75 -11.44 -55.00 12.64
N ILE C 76 -12.33 -54.01 12.65
CA ILE C 76 -11.91 -52.62 12.62
C ILE C 76 -12.56 -51.87 13.78
N TYR C 77 -11.74 -51.31 14.68
CA TYR C 77 -12.27 -50.44 15.72
C TYR C 77 -12.25 -49.01 15.23
N ALA C 78 -13.42 -48.42 15.12
CA ALA C 78 -13.55 -47.10 14.53
C ALA C 78 -13.88 -46.10 15.63
N VAL C 79 -12.89 -45.37 16.08
CA VAL C 79 -13.06 -44.48 17.22
C VAL C 79 -13.38 -43.07 16.77
N GLU C 80 -14.43 -42.49 17.36
CA GLU C 80 -14.83 -41.15 16.97
C GLU C 80 -15.43 -40.38 18.13
N ALA C 81 -14.96 -39.15 18.33
CA ALA C 81 -15.31 -38.40 19.53
C ALA C 81 -16.54 -37.53 19.37
N SER C 82 -16.85 -37.09 18.15
CA SER C 82 -18.00 -36.21 17.93
C SER C 82 -19.27 -37.07 17.83
N THR C 83 -20.43 -36.42 17.79
CA THR C 83 -21.67 -37.15 17.62
C THR C 83 -21.74 -37.85 16.27
N MET C 84 -20.81 -37.55 15.37
CA MET C 84 -20.77 -38.25 14.08
C MET C 84 -20.64 -39.78 14.30
N ALA C 85 -20.19 -40.18 15.49
CA ALA C 85 -20.08 -41.62 15.77
C ALA C 85 -21.42 -42.33 15.60
N GLN C 86 -22.51 -41.61 15.86
CA GLN C 86 -23.80 -42.26 15.80
C GLN C 86 -24.20 -42.53 14.33
N HIS C 87 -23.93 -41.57 13.46
CA HIS C 87 -24.19 -41.71 12.03
C HIS C 87 -23.29 -42.80 11.43
N ALA C 88 -22.05 -42.88 11.88
CA ALA C 88 -21.16 -43.96 11.43
C ALA C 88 -21.78 -45.31 11.73
N GLU C 89 -22.33 -45.45 12.94
CA GLU C 89 -22.94 -46.71 13.33
C GLU C 89 -24.12 -47.02 12.41
N VAL C 90 -24.94 -46.02 12.12
CA VAL C 90 -26.03 -46.22 11.17
C VAL C 90 -25.49 -46.78 9.83
N LEU C 91 -24.42 -46.19 9.30
CA LEU C 91 -23.85 -46.68 8.06
C LEU C 91 -23.29 -48.07 8.15
N VAL C 92 -22.71 -48.44 9.29
CA VAL C 92 -22.19 -49.79 9.46
C VAL C 92 -23.31 -50.83 9.36
N LYS C 93 -24.45 -50.53 9.98
CA LYS C 93 -25.61 -51.44 9.90
C LYS C 93 -26.20 -51.50 8.51
N SER C 94 -26.43 -50.33 7.90
CA SER C 94 -27.06 -50.34 6.59
C SER C 94 -26.14 -50.94 5.54
N ASN C 95 -24.83 -50.96 5.79
CA ASN C 95 -23.93 -51.62 4.87
C ASN C 95 -23.63 -53.06 5.25
N ASN C 96 -24.33 -53.56 6.27
CA ASN C 96 -24.18 -54.93 6.72
C ASN C 96 -22.76 -55.32 7.07
N LEU C 97 -22.09 -54.48 7.85
CA LEU C 97 -20.72 -54.71 8.26
C LEU C 97 -20.57 -54.71 9.76
N THR C 98 -21.66 -55.02 10.48
CA THR C 98 -21.64 -54.96 11.94
C THR C 98 -20.71 -56.03 12.48
N ASP C 99 -20.45 -57.06 11.68
CA ASP C 99 -19.59 -58.15 12.11
C ASP C 99 -18.12 -57.79 11.98
N ARG C 100 -17.81 -56.68 11.32
CA ARG C 100 -16.43 -56.34 11.07
C ARG C 100 -16.01 -54.94 11.48
N ILE C 101 -16.95 -53.98 11.49
CA ILE C 101 -16.62 -52.64 11.95
C ILE C 101 -17.33 -52.34 13.23
N VAL C 102 -16.55 -51.97 14.22
CA VAL C 102 -17.07 -51.71 15.54
C VAL C 102 -16.81 -50.28 15.89
N VAL C 103 -17.87 -49.47 15.93
CA VAL C 103 -17.70 -48.07 16.27
C VAL C 103 -17.53 -47.97 17.77
N ILE C 104 -16.58 -47.16 18.20
CA ILE C 104 -16.38 -46.85 19.62
C ILE C 104 -16.39 -45.34 19.86
N PRO C 105 -17.49 -44.83 20.39
CA PRO C 105 -17.65 -43.39 20.69
C PRO C 105 -16.66 -42.94 21.76
N GLY C 106 -15.95 -41.85 21.50
CA GLY C 106 -15.07 -41.29 22.51
C GLY C 106 -13.76 -40.77 21.92
N LYS C 107 -12.98 -40.07 22.74
CA LYS C 107 -11.65 -39.63 22.33
C LYS C 107 -10.72 -40.85 22.34
N VAL C 108 -9.82 -40.96 21.36
CA VAL C 108 -8.95 -42.13 21.31
C VAL C 108 -8.03 -42.18 22.55
N GLU C 109 -7.88 -41.02 23.21
CA GLU C 109 -7.08 -40.95 24.44
C GLU C 109 -7.83 -41.49 25.68
N GLU C 110 -9.13 -41.71 25.54
CA GLU C 110 -10.00 -41.96 26.69
C GLU C 110 -10.80 -43.24 26.58
N VAL C 111 -10.81 -43.88 25.42
CA VAL C 111 -11.62 -45.10 25.28
C VAL C 111 -10.77 -46.31 25.64
N SER C 112 -11.41 -47.48 25.71
CA SER C 112 -10.70 -48.76 25.82
C SER C 112 -10.92 -49.63 24.60
N LEU C 113 -9.84 -50.11 24.01
CA LEU C 113 -9.96 -51.11 22.96
C LEU C 113 -9.87 -52.48 23.60
N PRO C 114 -10.59 -53.45 23.06
CA PRO C 114 -10.50 -54.80 23.61
C PRO C 114 -9.15 -55.50 23.33
N GLU C 115 -8.44 -55.05 22.30
CA GLU C 115 -7.23 -55.75 21.88
C GLU C 115 -6.28 -54.83 21.13
N GLN C 116 -5.06 -55.30 20.90
CA GLN C 116 -4.08 -54.55 20.12
C GLN C 116 -4.32 -54.76 18.62
N VAL C 117 -3.89 -53.80 17.80
CA VAL C 117 -4.22 -53.86 16.38
C VAL C 117 -2.94 -54.01 15.54
N ASP C 118 -3.13 -54.47 14.31
CA ASP C 118 -2.05 -54.68 13.36
C ASP C 118 -1.71 -53.40 12.63
N ILE C 119 -2.65 -52.47 12.58
CA ILE C 119 -2.45 -51.30 11.78
C ILE C 119 -3.40 -50.23 12.23
N ILE C 120 -2.88 -49.02 12.30
CA ILE C 120 -3.70 -47.85 12.55
C ILE C 120 -3.85 -47.05 11.27
N ILE C 121 -5.07 -46.61 10.99
CA ILE C 121 -5.32 -45.72 9.87
C ILE C 121 -5.95 -44.46 10.43
N SER C 122 -5.68 -43.34 9.80
CA SER C 122 -6.31 -42.09 10.20
C SER C 122 -6.12 -41.03 9.12
N GLU C 123 -6.98 -40.03 9.14
CA GLU C 123 -6.70 -38.81 8.43
C GLU C 123 -6.76 -37.68 9.45
N PRO C 124 -5.61 -37.38 10.06
CA PRO C 124 -5.41 -36.44 11.16
C PRO C 124 -4.78 -35.11 10.77
N MET C 125 -4.62 -34.85 9.47
CA MET C 125 -3.85 -33.70 8.99
C MET C 125 -4.71 -32.44 8.93
N GLY C 126 -4.20 -31.35 9.52
CA GLY C 126 -4.85 -30.07 9.38
C GLY C 126 -4.08 -29.16 8.42
N TYR C 127 -4.46 -27.89 8.35
CA TYR C 127 -3.68 -26.93 7.61
C TYR C 127 -2.23 -27.03 8.02
N MET C 128 -1.31 -26.88 7.06
CA MET C 128 0.11 -26.93 7.41
C MET C 128 0.44 -28.25 8.10
N LEU C 129 -0.35 -29.28 7.82
CA LEU C 129 -0.19 -30.59 8.44
C LEU C 129 -0.56 -30.61 9.92
N PHE C 130 -0.02 -29.67 10.71
CA PHE C 130 -0.10 -29.77 12.18
C PHE C 130 -1.35 -29.17 12.84
N ASN C 131 -2.03 -28.25 12.18
CA ASN C 131 -3.19 -27.63 12.80
C ASN C 131 -4.18 -28.67 13.32
N GLU C 132 -4.86 -28.33 14.41
CA GLU C 132 -5.85 -29.18 15.09
C GLU C 132 -5.22 -30.15 16.09
N ARG C 133 -3.92 -30.43 15.92
CA ARG C 133 -3.18 -31.26 16.87
C ARG C 133 -3.71 -32.67 16.93
N MET C 134 -4.37 -33.08 15.85
CA MET C 134 -4.88 -34.44 15.84
C MET C 134 -3.74 -35.43 15.54
N LEU C 135 -2.64 -34.95 14.99
CA LEU C 135 -1.48 -35.83 14.79
C LEU C 135 -1.01 -36.46 16.11
N GLU C 136 -1.16 -35.72 17.21
CA GLU C 136 -0.83 -36.24 18.54
C GLU C 136 -1.74 -37.36 19.01
N SER C 137 -3.03 -37.26 18.69
CA SER C 137 -3.97 -38.34 18.99
C SER C 137 -3.60 -39.56 18.16
N TYR C 138 -3.23 -39.34 16.90
CA TYR C 138 -2.79 -40.43 16.02
C TYR C 138 -1.55 -41.14 16.60
N LEU C 139 -0.57 -40.36 17.07
CA LEU C 139 0.61 -40.94 17.69
C LEU C 139 0.25 -41.61 19.01
N HIS C 140 -0.59 -40.95 19.80
CA HIS C 140 -1.08 -41.50 21.08
C HIS C 140 -1.66 -42.91 20.91
N ALA C 141 -2.34 -43.12 19.78
CA ALA C 141 -3.03 -44.39 19.50
C ALA C 141 -2.07 -45.57 19.36
N LYS C 142 -0.78 -45.25 19.22
CA LYS C 142 0.21 -46.32 19.05
C LYS C 142 0.30 -47.18 20.28
N LYS C 143 -0.22 -46.68 21.40
CA LYS C 143 -0.34 -47.54 22.57
C LYS C 143 -1.16 -48.78 22.27
N TYR C 144 -1.95 -48.76 21.20
CA TYR C 144 -2.72 -49.95 20.85
C TYR C 144 -2.08 -50.74 19.74
N LEU C 145 -0.93 -50.30 19.26
CA LEU C 145 -0.34 -50.92 18.09
C LEU C 145 0.56 -52.10 18.48
N LYS C 146 0.34 -53.24 17.85
CA LYS C 146 1.24 -54.38 18.05
C LYS C 146 2.65 -54.02 17.57
N PRO C 147 3.66 -54.68 18.17
CA PRO C 147 5.05 -54.53 17.73
C PRO C 147 5.16 -54.74 16.20
N SER C 148 5.79 -53.78 15.54
CA SER C 148 5.91 -53.82 14.09
C SER C 148 4.58 -53.64 13.37
N GLY C 149 3.55 -53.18 14.07
CA GLY C 149 2.31 -52.81 13.39
C GLY C 149 2.54 -51.62 12.48
N ASN C 150 1.69 -51.43 11.48
CA ASN C 150 1.92 -50.31 10.57
C ASN C 150 1.02 -49.12 10.87
N MET C 151 1.35 -48.01 10.24
CA MET C 151 0.58 -46.76 10.35
C MET C 151 0.28 -46.26 8.94
N PHE C 152 -0.97 -45.87 8.72
CA PHE C 152 -1.40 -45.38 7.40
C PHE C 152 -2.15 -44.09 7.65
N PRO C 153 -1.53 -42.93 7.36
CA PRO C 153 -0.23 -42.71 6.70
C PRO C 153 0.97 -43.01 7.60
N THR C 154 2.13 -43.22 6.99
CA THR C 154 3.32 -43.68 7.69
C THR C 154 4.25 -42.50 8.02
N ILE C 155 4.42 -41.59 7.07
CA ILE C 155 5.18 -40.39 7.32
C ILE C 155 4.48 -39.14 6.79
N GLY C 156 4.87 -37.99 7.31
CA GLY C 156 4.41 -36.73 6.78
C GLY C 156 5.58 -35.81 6.50
N ASP C 157 5.59 -35.16 5.33
CA ASP C 157 6.57 -34.12 5.01
C ASP C 157 5.89 -32.74 4.96
N VAL C 158 6.38 -31.82 5.76
CA VAL C 158 5.98 -30.44 5.58
C VAL C 158 7.02 -29.74 4.68
N HIS C 159 6.54 -29.05 3.64
CA HIS C 159 7.40 -28.21 2.82
C HIS C 159 7.22 -26.72 3.08
N LEU C 160 8.36 -26.02 3.11
CA LEU C 160 8.45 -24.57 3.22
C LEU C 160 9.25 -24.03 2.04
N ALA C 161 8.77 -22.94 1.46
CA ALA C 161 9.53 -22.22 0.44
C ALA C 161 9.14 -20.73 0.48
N PRO C 162 10.13 -19.84 0.25
CA PRO C 162 9.88 -18.38 0.21
C PRO C 162 9.08 -18.00 -1.04
N PHE C 163 8.24 -16.99 -0.94
CA PHE C 163 7.44 -16.55 -2.09
C PHE C 163 7.34 -15.02 -2.24
N THR C 164 7.11 -14.59 -3.46
CA THR C 164 6.82 -13.19 -3.70
C THR C 164 5.39 -13.09 -4.18
N ASP C 165 4.63 -12.15 -3.62
CA ASP C 165 3.26 -11.95 -4.06
C ASP C 165 2.78 -10.61 -3.56
N GLU C 166 3.03 -9.60 -4.36
CA GLU C 166 2.89 -8.22 -3.94
C GLU C 166 1.41 -7.92 -3.77
N GLN C 167 0.59 -8.56 -4.58
CA GLN C 167 -0.84 -8.32 -4.56
C GLN C 167 -1.43 -8.79 -3.24
N LEU C 168 -1.00 -9.96 -2.78
CA LEU C 168 -1.50 -10.46 -1.52
C LEU C 168 -0.99 -9.57 -0.38
N TYR C 169 0.29 -9.23 -0.43
CA TYR C 169 0.87 -8.36 0.59
C TYR C 169 0.07 -7.06 0.68
N MET C 170 -0.23 -6.46 -0.45
CA MET C 170 -0.90 -5.16 -0.42
C MET C 170 -2.35 -5.29 0.04
N GLU C 171 -2.97 -6.41 -0.33
CA GLU C 171 -4.34 -6.68 0.03
C GLU C 171 -4.45 -6.71 1.54
N GLN C 172 -3.53 -7.44 2.14
CA GLN C 172 -3.50 -7.55 3.57
C GLN C 172 -3.07 -6.24 4.19
N PHE C 173 -2.10 -5.58 3.58
CA PHE C 173 -1.64 -4.30 4.09
C PHE C 173 -2.77 -3.24 4.01
N THR C 174 -3.48 -3.20 2.91
CA THR C 174 -4.54 -2.23 2.74
C THR C 174 -5.58 -2.41 3.84
N LYS C 175 -5.89 -3.65 4.20
CA LYS C 175 -6.80 -3.89 5.33
C LYS C 175 -6.33 -3.24 6.62
N ALA C 176 -5.02 -3.33 6.91
CA ALA C 176 -4.53 -2.85 8.19
C ALA C 176 -4.45 -1.34 8.21
N ASN C 177 -4.31 -0.72 7.03
CA ASN C 177 -4.19 0.73 6.95
C ASN C 177 -5.50 1.46 7.16
N PHE C 178 -6.60 0.72 7.28
CA PHE C 178 -7.84 1.31 7.78
C PHE C 178 -7.58 2.02 9.14
N TRP C 179 -6.67 1.45 9.92
CA TRP C 179 -6.37 1.92 11.26
C TRP C 179 -5.27 2.99 11.24
N TYR C 180 -4.99 3.43 10.02
CA TYR C 180 -4.00 4.45 9.77
C TYR C 180 -4.74 5.78 9.61
N GLN C 181 -6.03 5.74 9.31
CA GLN C 181 -6.70 6.99 9.00
C GLN C 181 -6.93 7.91 10.21
N PRO C 182 -6.56 9.19 10.05
CA PRO C 182 -6.57 10.26 11.07
C PRO C 182 -7.95 10.85 11.36
N SER C 183 -8.91 10.59 10.47
CA SER C 183 -10.22 11.18 10.63
C SER C 183 -11.39 10.33 10.15
N PHE C 184 -11.52 9.12 10.67
CA PHE C 184 -12.63 8.24 10.33
C PHE C 184 -13.90 8.71 11.06
N HIS C 185 -14.88 9.22 10.31
CA HIS C 185 -15.95 10.01 10.91
C HIS C 185 -15.41 10.95 12.01
N GLY C 186 -14.29 11.63 11.74
CA GLY C 186 -13.81 12.64 12.67
C GLY C 186 -12.99 12.07 13.82
N VAL C 187 -12.51 10.84 13.68
CA VAL C 187 -11.78 10.18 14.77
C VAL C 187 -10.43 9.65 14.31
N ASP C 188 -9.39 9.96 15.06
CA ASP C 188 -8.04 9.56 14.64
C ASP C 188 -7.79 8.15 15.13
N LEU C 189 -7.61 7.22 14.20
CA LEU C 189 -7.47 5.83 14.61
C LEU C 189 -5.98 5.47 14.68
N SER C 190 -5.14 6.39 14.20
CA SER C 190 -3.81 6.04 13.73
C SER C 190 -2.91 5.45 14.82
N ALA C 191 -3.30 5.62 16.08
CA ALA C 191 -2.54 5.01 17.16
C ALA C 191 -2.56 3.49 17.11
N LEU C 192 -3.59 2.91 16.48
CA LEU C 192 -3.84 1.47 16.53
C LEU C 192 -3.28 0.74 15.30
N ARG C 193 -2.62 1.50 14.44
CA ARG C 193 -2.13 0.95 13.18
C ARG C 193 -1.11 -0.18 13.39
N GLY C 194 -0.18 0.03 14.32
CA GLY C 194 0.81 -0.99 14.60
C GLY C 194 0.10 -2.26 15.02
N ALA C 195 -0.89 -2.11 15.88
CA ALA C 195 -1.62 -3.26 16.41
C ALA C 195 -2.52 -3.90 15.34
N ALA C 196 -3.06 -3.08 14.43
CA ALA C 196 -3.83 -3.61 13.32
C ALA C 196 -2.93 -4.39 12.35
N VAL C 197 -1.74 -3.85 12.09
CA VAL C 197 -0.82 -4.52 11.19
C VAL C 197 -0.33 -5.82 11.84
N ASP C 198 -0.06 -5.79 13.14
CA ASP C 198 0.24 -7.03 13.86
C ASP C 198 -0.87 -8.07 13.76
N GLU C 199 -2.12 -7.64 13.90
CA GLU C 199 -3.22 -8.59 13.94
C GLU C 199 -3.40 -9.23 12.57
N TYR C 200 -3.44 -8.42 11.52
CA TYR C 200 -3.71 -8.97 10.21
C TYR C 200 -2.60 -9.91 9.77
N PHE C 201 -1.36 -9.56 10.10
CA PHE C 201 -0.25 -10.36 9.61
C PHE C 201 -0.01 -11.61 10.42
N ARG C 202 -0.67 -11.72 11.59
CA ARG C 202 -0.63 -12.96 12.34
C ARG C 202 -1.42 -14.08 11.65
N GLN C 203 -2.32 -13.72 10.73
CA GLN C 203 -3.24 -14.69 10.13
C GLN C 203 -2.63 -15.41 8.97
N PRO C 204 -2.38 -16.71 9.10
CA PRO C 204 -1.92 -17.41 7.90
C PRO C 204 -2.97 -17.30 6.83
N VAL C 205 -2.54 -17.30 5.58
CA VAL C 205 -3.46 -17.13 4.46
C VAL C 205 -3.61 -18.45 3.72
N VAL C 206 -4.85 -18.93 3.63
CA VAL C 206 -5.11 -20.22 2.99
C VAL C 206 -5.73 -20.03 1.62
N ASP C 207 -5.03 -20.53 0.63
CA ASP C 207 -5.58 -20.62 -0.71
C ASP C 207 -4.48 -21.14 -1.59
N THR C 208 -4.74 -21.27 -2.88
CA THR C 208 -3.72 -21.81 -3.75
C THR C 208 -3.03 -20.68 -4.54
N PHE C 209 -1.96 -21.03 -5.24
CA PHE C 209 -1.20 -20.06 -6.00
C PHE C 209 -0.39 -20.77 -7.08
N ASP C 210 0.00 -20.04 -8.11
CA ASP C 210 0.87 -20.53 -9.18
C ASP C 210 2.25 -20.73 -8.57
N ILE C 211 2.97 -21.76 -8.98
CA ILE C 211 4.26 -22.03 -8.39
C ILE C 211 5.30 -21.02 -8.85
N ARG C 212 4.90 -20.20 -9.82
CA ARG C 212 5.75 -19.14 -10.36
C ARG C 212 6.15 -18.17 -9.26
N ILE C 213 5.41 -18.18 -8.14
CA ILE C 213 5.69 -17.20 -7.11
C ILE C 213 6.75 -17.69 -6.14
N LEU C 214 7.12 -18.96 -6.26
CA LEU C 214 8.15 -19.51 -5.36
C LEU C 214 9.57 -19.18 -5.82
N MET C 215 10.37 -18.69 -4.88
CA MET C 215 11.68 -18.16 -5.16
C MET C 215 12.87 -19.08 -4.84
N ALA C 216 12.61 -20.27 -4.31
CA ALA C 216 13.69 -21.23 -4.08
C ALA C 216 13.07 -22.61 -4.01
N LYS C 217 13.90 -23.66 -4.06
CA LYS C 217 13.42 -25.03 -3.90
C LYS C 217 12.97 -25.15 -2.44
N SER C 218 11.88 -25.88 -2.21
CA SER C 218 11.35 -26.05 -0.85
C SER C 218 12.33 -26.79 0.07
N VAL C 219 12.30 -26.45 1.35
CA VAL C 219 12.92 -27.26 2.38
C VAL C 219 11.86 -28.18 3.00
N LYS C 220 12.29 -29.36 3.41
CA LYS C 220 11.38 -30.43 3.80
C LYS C 220 11.61 -30.77 5.26
N TYR C 221 10.54 -30.94 6.01
CA TYR C 221 10.65 -31.40 7.40
C TYR C 221 9.80 -32.65 7.52
N THR C 222 10.39 -33.73 8.02
CA THR C 222 9.71 -35.00 8.03
C THR C 222 9.37 -35.50 9.42
N VAL C 223 8.13 -35.96 9.57
CA VAL C 223 7.71 -36.66 10.78
C VAL C 223 7.42 -38.10 10.40
N ASN C 224 8.12 -39.03 11.04
CA ASN C 224 7.94 -40.44 10.79
C ASN C 224 7.01 -40.95 11.88
N PHE C 225 5.78 -41.30 11.52
CA PHE C 225 4.74 -41.61 12.51
C PHE C 225 5.01 -42.92 13.25
N LEU C 226 5.71 -43.84 12.59
CA LEU C 226 6.15 -45.06 13.26
C LEU C 226 7.02 -44.76 14.49
N GLU C 227 7.80 -43.68 14.41
CA GLU C 227 8.84 -43.39 15.41
C GLU C 227 8.50 -42.23 16.35
N ALA C 228 7.79 -41.22 15.85
CA ALA C 228 7.58 -40.03 16.66
C ALA C 228 6.75 -40.30 17.92
N LYS C 229 7.01 -39.51 18.95
CA LYS C 229 6.21 -39.48 20.16
C LYS C 229 5.34 -38.23 20.16
N GLU C 230 4.19 -38.31 20.82
CA GLU C 230 3.31 -37.15 21.04
C GLU C 230 4.10 -35.89 21.34
N GLY C 231 4.97 -35.99 22.34
CA GLY C 231 5.69 -34.82 22.80
C GLY C 231 6.60 -34.19 21.76
N ASP C 232 6.99 -34.95 20.74
CA ASP C 232 7.79 -34.36 19.66
C ASP C 232 7.06 -33.24 18.95
N LEU C 233 5.73 -33.22 19.07
CA LEU C 233 4.95 -32.27 18.29
C LEU C 233 4.56 -31.04 19.10
N HIS C 234 5.04 -30.96 20.33
CA HIS C 234 4.70 -29.83 21.17
C HIS C 234 5.48 -28.58 20.75
N ARG C 235 6.70 -28.81 20.26
CA ARG C 235 7.60 -27.74 19.84
C ARG C 235 8.38 -28.19 18.63
N ILE C 236 8.04 -27.65 17.47
CA ILE C 236 8.62 -28.14 16.22
C ILE C 236 9.53 -27.07 15.67
N GLU C 237 10.81 -27.39 15.60
CA GLU C 237 11.76 -26.41 15.10
C GLU C 237 12.18 -26.81 13.71
N ILE C 238 11.92 -25.93 12.76
CA ILE C 238 12.28 -26.17 11.38
C ILE C 238 13.27 -25.11 10.89
N PRO C 239 14.57 -25.44 10.93
CA PRO C 239 15.62 -24.58 10.40
C PRO C 239 15.52 -24.63 8.88
N PHE C 240 15.94 -23.56 8.21
CA PHE C 240 15.96 -23.55 6.75
C PHE C 240 17.06 -22.68 6.19
N LYS C 241 17.52 -23.05 5.00
CA LYS C 241 18.50 -22.27 4.26
C LYS C 241 18.09 -22.35 2.78
N PHE C 242 17.50 -21.28 2.26
CA PHE C 242 17.09 -21.28 0.87
C PHE C 242 18.18 -20.67 0.00
N HIS C 243 18.51 -21.34 -1.08
CA HIS C 243 19.33 -20.71 -2.09
C HIS C 243 18.36 -20.03 -3.06
N MET C 244 18.36 -18.69 -3.07
CA MET C 244 17.42 -17.97 -3.90
C MET C 244 17.68 -18.27 -5.37
N LEU C 245 16.62 -18.56 -6.11
CA LEU C 245 16.73 -18.77 -7.55
C LEU C 245 16.24 -17.55 -8.34
N HIS C 246 15.63 -16.58 -7.65
CA HIS C 246 15.11 -15.38 -8.29
C HIS C 246 15.36 -14.20 -7.39
N SER C 247 15.64 -13.05 -8.00
CA SER C 247 15.73 -11.78 -7.28
C SER C 247 14.32 -11.18 -7.12
N GLY C 248 14.11 -10.47 -6.02
CA GLY C 248 12.87 -9.75 -5.83
C GLY C 248 12.51 -9.69 -4.35
N LEU C 249 11.26 -9.36 -4.07
CA LEU C 249 10.76 -9.28 -2.69
C LEU C 249 10.23 -10.60 -2.16
N VAL C 250 10.81 -11.06 -1.06
CA VAL C 250 10.25 -12.20 -0.33
C VAL C 250 9.17 -11.69 0.62
N HIS C 251 7.92 -12.05 0.34
CA HIS C 251 6.80 -11.63 1.19
C HIS C 251 6.45 -12.57 2.33
N GLY C 252 7.07 -13.76 2.34
CA GLY C 252 6.85 -14.74 3.39
C GLY C 252 7.26 -16.14 2.98
N LEU C 253 6.85 -17.15 3.75
CA LEU C 253 7.03 -18.55 3.38
C LEU C 253 5.69 -19.20 3.03
N ALA C 254 5.72 -20.07 2.04
CA ALA C 254 4.55 -20.87 1.71
C ALA C 254 4.80 -22.28 2.26
N PHE C 255 3.72 -22.92 2.75
CA PHE C 255 3.74 -24.24 3.34
C PHE C 255 2.74 -25.17 2.66
N TRP C 256 3.12 -26.44 2.53
CA TRP C 256 2.20 -27.50 2.11
C TRP C 256 2.76 -28.81 2.66
N PHE C 257 2.06 -29.91 2.43
CA PHE C 257 2.55 -31.16 3.00
C PHE C 257 2.11 -32.32 2.14
N ASP C 258 2.89 -33.40 2.23
CA ASP C 258 2.58 -34.70 1.61
C ASP C 258 2.55 -35.71 2.74
N VAL C 259 1.72 -36.74 2.63
CA VAL C 259 1.92 -37.92 3.46
C VAL C 259 2.13 -39.15 2.58
N ALA C 260 2.83 -40.14 3.12
CA ALA C 260 3.05 -41.39 2.41
C ALA C 260 2.48 -42.53 3.18
N PHE C 261 1.80 -43.43 2.47
CA PHE C 261 1.33 -44.68 3.04
C PHE C 261 2.29 -45.74 2.54
N ILE C 262 3.19 -46.19 3.42
CA ILE C 262 4.23 -47.11 3.00
C ILE C 262 3.74 -48.52 3.28
N GLY C 263 3.15 -49.13 2.24
CA GLY C 263 2.55 -50.45 2.41
C GLY C 263 3.47 -51.56 1.96
N SER C 264 3.08 -52.80 2.24
CA SER C 264 3.84 -54.00 1.86
C SER C 264 3.94 -54.17 0.34
N ILE C 265 2.95 -53.69 -0.40
CA ILE C 265 2.94 -53.85 -1.85
C ILE C 265 3.43 -52.61 -2.56
N MET C 266 3.03 -51.45 -2.07
CA MET C 266 3.52 -50.22 -2.66
C MET C 266 3.35 -49.02 -1.74
N THR C 267 4.08 -47.97 -2.04
CA THR C 267 3.99 -46.72 -1.31
C THR C 267 3.12 -45.79 -2.11
N VAL C 268 2.08 -45.25 -1.48
CA VAL C 268 1.22 -44.29 -2.15
C VAL C 268 1.36 -42.97 -1.43
N TRP C 269 1.46 -41.90 -2.22
CA TRP C 269 1.59 -40.55 -1.73
C TRP C 269 0.30 -39.75 -1.89
N LEU C 270 -0.07 -39.00 -0.84
CA LEU C 270 -1.09 -37.97 -0.94
C LEU C 270 -0.40 -36.60 -0.77
N SER C 271 -0.40 -35.80 -1.83
CA SER C 271 0.28 -34.49 -1.83
C SER C 271 -0.71 -33.30 -1.83
N THR C 272 -0.40 -32.26 -1.06
CA THR C 272 -1.16 -31.01 -1.16
C THR C 272 -0.27 -29.92 -1.73
N ALA C 273 0.73 -30.30 -2.53
CA ALA C 273 1.64 -29.33 -3.15
C ALA C 273 0.97 -28.49 -4.23
N PRO C 274 1.44 -27.26 -4.43
CA PRO C 274 0.80 -26.38 -5.40
C PRO C 274 1.03 -26.83 -6.83
N THR C 275 1.97 -27.75 -7.03
CA THR C 275 2.13 -28.37 -8.34
C THR C 275 1.12 -29.50 -8.58
N GLU C 276 0.39 -29.87 -7.54
CA GLU C 276 -0.57 -30.95 -7.63
C GLU C 276 -2.00 -30.44 -7.62
N PRO C 277 -2.94 -31.27 -8.07
CA PRO C 277 -4.33 -30.81 -8.04
C PRO C 277 -4.80 -30.44 -6.65
N LEU C 278 -5.72 -29.49 -6.61
CA LEU C 278 -6.09 -28.81 -5.39
C LEU C 278 -6.81 -29.80 -4.47
N THR C 279 -6.56 -29.68 -3.16
CA THR C 279 -7.30 -30.43 -2.17
C THR C 279 -7.99 -29.42 -1.26
N HIS C 280 -8.84 -29.87 -0.33
CA HIS C 280 -9.47 -28.94 0.59
C HIS C 280 -8.46 -28.38 1.63
N TRP C 281 -7.22 -28.85 1.58
CA TRP C 281 -6.19 -28.20 2.39
C TRP C 281 -5.57 -26.99 1.72
N TYR C 282 -5.80 -26.82 0.42
CA TYR C 282 -5.12 -25.74 -0.30
C TYR C 282 -3.63 -25.72 0.02
N GLN C 283 -3.11 -24.51 0.21
CA GLN C 283 -1.78 -24.27 0.77
C GLN C 283 -1.84 -23.12 1.77
N VAL C 284 -0.77 -22.93 2.53
CA VAL C 284 -0.77 -21.93 3.55
C VAL C 284 0.41 -20.99 3.38
N ARG C 285 0.15 -19.69 3.47
CA ARG C 285 1.23 -18.72 3.37
C ARG C 285 1.32 -17.84 4.58
N CYS C 286 2.52 -17.77 5.13
CA CYS C 286 2.80 -16.86 6.23
C CYS C 286 3.52 -15.64 5.66
N LEU C 287 2.88 -14.47 5.84
CA LEU C 287 3.38 -13.19 5.38
C LEU C 287 4.30 -12.53 6.40
N PHE C 288 5.31 -11.83 5.90
CA PHE C 288 6.13 -10.91 6.70
C PHE C 288 5.51 -9.52 6.62
N GLN C 289 5.50 -8.80 7.73
CA GLN C 289 4.98 -7.43 7.77
C GLN C 289 5.77 -6.48 6.87
N SER C 290 6.98 -6.86 6.54
CA SER C 290 7.74 -6.15 5.52
C SER C 290 8.65 -7.13 4.81
N PRO C 291 8.49 -7.24 3.50
CA PRO C 291 9.24 -8.24 2.74
C PRO C 291 10.75 -8.02 2.86
N LEU C 292 11.51 -9.06 2.55
CA LEU C 292 12.95 -8.94 2.48
C LEU C 292 13.32 -8.86 1.00
N PHE C 293 14.26 -8.00 0.67
CA PHE C 293 14.76 -7.97 -0.69
C PHE C 293 15.83 -9.03 -0.85
N ALA C 294 15.85 -9.70 -1.98
CA ALA C 294 16.95 -10.62 -2.19
C ALA C 294 17.30 -10.81 -3.64
N LYS C 295 18.53 -11.25 -3.86
CA LYS C 295 19.05 -11.49 -5.19
C LYS C 295 19.25 -12.97 -5.44
N ALA C 296 18.97 -13.41 -6.66
CA ALA C 296 19.31 -14.77 -7.06
C ALA C 296 20.70 -15.09 -6.52
N GLY C 297 20.88 -16.29 -5.95
CA GLY C 297 22.19 -16.67 -5.47
C GLY C 297 22.41 -16.38 -4.01
N ASP C 298 21.61 -15.45 -3.45
CA ASP C 298 21.63 -15.21 -2.01
C ASP C 298 21.10 -16.48 -1.29
N THR C 299 21.45 -16.62 -0.02
CA THR C 299 20.84 -17.63 0.82
C THR C 299 19.96 -16.93 1.85
N LEU C 300 18.75 -17.47 2.01
CA LEU C 300 17.82 -16.95 3.00
C LEU C 300 17.68 -18.00 4.08
N SER C 301 18.09 -17.64 5.28
CA SER C 301 18.17 -18.63 6.33
C SER C 301 17.42 -18.17 7.55
N GLY C 302 16.97 -19.15 8.35
CA GLY C 302 16.32 -18.85 9.60
C GLY C 302 15.59 -20.05 10.14
N THR C 303 14.57 -19.79 10.94
CA THR C 303 13.87 -20.85 11.64
C THR C 303 12.38 -20.58 11.64
N CYS C 304 11.63 -21.64 11.40
CA CYS C 304 10.21 -21.63 11.63
C CYS C 304 9.94 -22.49 12.87
N LEU C 305 9.46 -21.85 13.94
CA LEU C 305 9.21 -22.56 15.20
C LEU C 305 7.71 -22.66 15.45
N LEU C 306 7.22 -23.88 15.61
CA LEU C 306 5.81 -24.10 15.91
C LEU C 306 5.66 -24.57 17.34
N ILE C 307 4.91 -23.82 18.12
CA ILE C 307 4.69 -24.12 19.52
C ILE C 307 3.21 -24.44 19.74
N ALA C 308 2.94 -25.66 20.17
CA ALA C 308 1.56 -26.11 20.30
C ALA C 308 0.89 -25.33 21.43
N ASN C 309 -0.38 -24.98 21.25
CA ASN C 309 -1.13 -24.32 22.31
C ASN C 309 -2.36 -25.15 22.66
N LYS C 310 -3.11 -24.70 23.65
CA LYS C 310 -4.24 -25.49 24.11
C LYS C 310 -5.52 -25.17 23.34
N ARG C 311 -5.40 -24.39 22.27
CA ARG C 311 -6.52 -24.20 21.35
C ARG C 311 -6.40 -25.13 20.15
N GLN C 312 -5.70 -26.25 20.35
CA GLN C 312 -5.55 -27.28 19.33
C GLN C 312 -4.85 -26.78 18.09
N SER C 313 -3.98 -25.81 18.26
CA SER C 313 -3.23 -25.25 17.15
C SER C 313 -1.80 -24.88 17.58
N TYR C 314 -1.18 -24.00 16.80
CA TYR C 314 0.20 -23.59 17.04
C TYR C 314 0.37 -22.10 16.95
N ASP C 315 1.24 -21.57 17.82
CA ASP C 315 1.86 -20.28 17.60
C ASP C 315 3.09 -20.47 16.73
N ILE C 316 3.14 -19.73 15.63
CA ILE C 316 4.16 -19.88 14.64
C ILE C 316 5.14 -18.72 14.79
N SER C 317 6.41 -19.06 14.91
CA SER C 317 7.44 -18.03 14.91
C SER C 317 8.30 -18.22 13.68
N ILE C 318 8.44 -17.18 12.87
CA ILE C 318 9.35 -17.26 11.74
C ILE C 318 10.39 -16.16 11.81
N VAL C 319 11.65 -16.57 11.81
CA VAL C 319 12.74 -15.60 11.76
C VAL C 319 13.53 -15.93 10.51
N ALA C 320 13.84 -14.91 9.72
CA ALA C 320 14.53 -15.12 8.47
C ALA C 320 15.48 -13.95 8.23
N GLN C 321 16.61 -14.24 7.59
CA GLN C 321 17.42 -13.14 7.12
C GLN C 321 18.06 -13.42 5.78
N VAL C 322 18.41 -12.35 5.08
CA VAL C 322 19.16 -12.47 3.86
C VAL C 322 20.62 -12.43 4.27
N ASP C 323 21.34 -13.52 4.03
CA ASP C 323 22.65 -13.67 4.64
C ASP C 323 23.61 -12.60 4.11
N GLN C 324 23.49 -12.30 2.81
CA GLN C 324 24.37 -11.34 2.18
C GLN C 324 24.27 -9.91 2.74
N THR C 325 23.07 -9.45 3.12
CA THR C 325 22.90 -8.07 3.59
C THR C 325 22.61 -7.94 5.07
N GLY C 326 22.40 -9.08 5.73
CA GLY C 326 21.96 -9.04 7.11
C GLY C 326 20.54 -8.52 7.26
N SER C 327 19.78 -8.46 6.18
CA SER C 327 18.39 -8.03 6.27
C SER C 327 17.55 -9.12 6.97
N LYS C 328 16.84 -8.73 8.04
CA LYS C 328 16.18 -9.68 8.94
C LYS C 328 14.65 -9.49 9.07
N SER C 329 13.95 -10.61 9.23
CA SER C 329 12.51 -10.57 9.46
C SER C 329 12.10 -11.58 10.55
N SER C 330 11.29 -11.09 11.49
CA SER C 330 10.76 -11.93 12.56
C SER C 330 9.26 -11.76 12.60
N ASN C 331 8.55 -12.87 12.60
CA ASN C 331 7.11 -12.83 12.57
C ASN C 331 6.49 -13.88 13.47
N LEU C 332 5.35 -13.53 14.06
CA LEU C 332 4.61 -14.44 14.93
C LEU C 332 3.19 -14.63 14.40
N LEU C 333 2.79 -15.88 14.25
CA LEU C 333 1.51 -16.14 13.64
C LEU C 333 0.66 -17.06 14.47
N ASP C 334 -0.62 -17.06 14.12
CA ASP C 334 -1.69 -17.56 14.94
C ASP C 334 -2.47 -18.52 14.03
N LEU C 335 -2.05 -19.78 14.00
CA LEU C 335 -2.57 -20.75 13.05
C LEU C 335 -4.03 -21.05 13.35
N LYS C 336 -4.45 -20.85 14.60
CA LYS C 336 -5.85 -21.02 14.97
C LYS C 336 -6.76 -19.90 14.45
N ASN C 337 -6.23 -18.98 13.65
CA ASN C 337 -7.10 -17.95 13.10
C ASN C 337 -6.66 -17.57 11.71
N PRO C 338 -6.71 -18.52 10.76
CA PRO C 338 -6.28 -18.31 9.39
C PRO C 338 -7.29 -17.46 8.59
N PHE C 339 -6.82 -16.71 7.61
CA PHE C 339 -7.69 -16.00 6.67
C PHE C 339 -7.93 -16.86 5.42
N PHE C 340 -9.13 -17.42 5.32
CA PHE C 340 -9.47 -18.24 4.16
C PHE C 340 -9.76 -17.33 2.97
N ARG C 341 -8.78 -17.18 2.09
CA ARG C 341 -8.87 -16.24 0.98
C ARG C 341 -9.43 -16.88 -0.28
N TYR C 342 -9.30 -18.19 -0.42
CA TYR C 342 -9.69 -18.86 -1.65
C TYR C 342 -11.11 -18.56 -2.10
N THR C 343 -11.28 -18.37 -3.40
CA THR C 343 -12.61 -18.21 -3.99
C THR C 343 -12.61 -18.58 -5.47
N GLY C 344 -11.97 -19.59 -5.84
N SER D 1 35.37 29.47 4.21
CA SER D 1 36.05 28.15 4.36
C SER D 1 36.53 27.69 3.01
N VAL D 2 37.29 26.58 2.99
CA VAL D 2 37.75 26.02 1.73
C VAL D 2 36.56 25.72 0.79
N PHE D 3 35.44 25.30 1.37
CA PHE D 3 34.28 24.92 0.59
C PHE D 3 33.58 26.15 0.02
N SER D 4 33.32 27.12 0.88
CA SER D 4 32.60 28.32 0.46
C SER D 4 33.44 29.10 -0.56
N GLU D 5 34.75 28.89 -0.55
CA GLU D 5 35.60 29.62 -1.48
C GLU D 5 35.63 29.07 -2.89
N ARG D 6 35.48 27.75 -3.04
CA ARG D 6 35.45 27.13 -4.36
C ARG D 6 34.04 27.01 -4.93
N THR D 7 33.03 27.45 -4.18
CA THR D 7 31.64 27.15 -4.53
C THR D 7 30.77 28.41 -4.47
N GLU D 8 30.14 28.78 -5.58
CA GLU D 8 29.09 29.79 -5.55
C GLU D 8 28.00 29.44 -4.55
N GLU D 9 27.62 30.42 -3.76
CA GLU D 9 26.57 30.23 -2.77
C GLU D 9 25.33 29.58 -3.36
N SER D 10 24.99 29.92 -4.60
CA SER D 10 23.72 29.46 -5.12
C SER D 10 23.74 28.01 -5.54
N SER D 11 24.89 27.58 -6.08
CA SER D 11 25.14 26.17 -6.38
C SER D 11 25.07 25.30 -5.13
N ALA D 12 25.64 25.79 -4.04
CA ALA D 12 25.65 25.03 -2.80
C ALA D 12 24.24 24.86 -2.21
N VAL D 13 23.43 25.91 -2.31
CA VAL D 13 22.06 25.85 -1.80
C VAL D 13 21.27 24.76 -2.53
N GLN D 14 21.26 24.84 -3.84
CA GLN D 14 20.65 23.82 -4.65
C GLN D 14 21.24 22.44 -4.32
N TYR D 15 22.54 22.37 -4.10
CA TYR D 15 23.21 21.08 -3.93
C TYR D 15 22.73 20.37 -2.67
N PHE D 16 22.72 21.08 -1.56
CA PHE D 16 22.37 20.47 -0.28
C PHE D 16 20.85 20.39 -0.10
N GLN D 17 20.14 21.28 -0.78
CA GLN D 17 18.72 21.13 -0.91
C GLN D 17 18.40 19.76 -1.53
N PHE D 18 19.13 19.41 -2.58
CA PHE D 18 18.87 18.19 -3.32
C PHE D 18 19.09 16.98 -2.39
N TYR D 19 20.20 16.98 -1.66
CA TYR D 19 20.50 15.85 -0.80
C TYR D 19 19.63 15.85 0.48
N GLY D 20 18.88 16.94 0.66
CA GLY D 20 17.94 16.99 1.76
C GLY D 20 16.68 16.15 1.54
N TYR D 21 16.44 15.71 0.30
CA TYR D 21 15.28 14.87 0.06
C TYR D 21 15.51 13.41 0.36
N LEU D 22 14.64 12.86 1.21
CA LEU D 22 14.66 11.44 1.48
C LEU D 22 14.58 10.65 0.18
N SER D 23 13.82 11.14 -0.80
CA SER D 23 13.75 10.40 -2.06
C SER D 23 15.10 10.30 -2.76
N GLN D 24 15.97 11.30 -2.60
CA GLN D 24 17.25 11.23 -3.28
C GLN D 24 18.21 10.29 -2.54
N GLN D 25 18.13 10.31 -1.22
CA GLN D 25 18.88 9.35 -0.42
C GLN D 25 18.42 7.96 -0.78
N GLN D 26 17.10 7.83 -0.90
CA GLN D 26 16.53 6.54 -1.21
C GLN D 26 17.07 6.05 -2.55
N ASN D 27 17.22 6.99 -3.48
CA ASN D 27 17.64 6.62 -4.83
C ASN D 27 19.04 6.00 -4.78
N MET D 28 19.91 6.55 -3.94
CA MET D 28 21.26 6.01 -3.79
C MET D 28 21.24 4.73 -2.97
N MET D 29 20.45 4.72 -1.91
CA MET D 29 20.36 3.49 -1.12
C MET D 29 19.92 2.30 -1.95
N GLN D 30 18.99 2.52 -2.87
CA GLN D 30 18.38 1.43 -3.66
C GLN D 30 19.27 0.96 -4.79
N ASP D 31 20.34 1.69 -5.07
CA ASP D 31 21.33 1.18 -6.00
C ASP D 31 22.03 0.01 -5.28
N TYR D 32 21.65 -1.21 -5.62
CA TYR D 32 22.02 -2.33 -4.81
C TYR D 32 23.49 -2.64 -5.00
N VAL D 33 23.97 -2.55 -6.24
CA VAL D 33 25.38 -2.68 -6.52
C VAL D 33 26.17 -1.68 -5.67
N ARG D 34 25.71 -0.43 -5.63
CA ARG D 34 26.38 0.59 -4.83
C ARG D 34 26.41 0.22 -3.35
N THR D 35 25.23 0.07 -2.77
CA THR D 35 25.09 -0.06 -1.34
C THR D 35 25.61 -1.40 -0.80
N GLY D 36 25.38 -2.46 -1.55
CA GLY D 36 25.80 -3.77 -1.13
C GLY D 36 27.30 -3.97 -1.22
N THR D 37 27.92 -3.33 -2.20
CA THR D 37 29.37 -3.38 -2.30
C THR D 37 30.00 -2.55 -1.17
N TYR D 38 29.42 -1.42 -0.80
CA TYR D 38 29.97 -0.70 0.34
C TYR D 38 29.88 -1.58 1.61
N GLN D 39 28.73 -2.20 1.81
CA GLN D 39 28.55 -3.01 2.98
C GLN D 39 29.56 -4.19 2.97
N ARG D 40 29.69 -4.89 1.83
CA ARG D 40 30.67 -5.98 1.73
C ARG D 40 32.07 -5.49 2.02
N ALA D 41 32.46 -4.36 1.42
CA ALA D 41 33.81 -3.83 1.55
C ALA D 41 34.11 -3.57 3.03
N ILE D 42 33.13 -3.05 3.74
CA ILE D 42 33.33 -2.72 5.14
C ILE D 42 33.31 -3.99 6.00
N LEU D 43 32.29 -4.83 5.84
CA LEU D 43 32.14 -5.99 6.71
C LEU D 43 33.23 -7.03 6.47
N GLN D 44 33.66 -7.17 5.23
CA GLN D 44 34.70 -8.15 4.96
C GLN D 44 36.06 -7.65 5.38
N ASN D 45 36.17 -6.34 5.63
CA ASN D 45 37.41 -5.81 6.19
C ASN D 45 37.23 -5.35 7.62
N HIS D 46 36.55 -6.20 8.41
CA HIS D 46 36.09 -5.80 9.75
C HIS D 46 37.22 -5.44 10.69
N THR D 47 38.39 -6.01 10.46
CA THR D 47 39.55 -5.68 11.26
C THR D 47 39.95 -4.23 11.02
N ASP D 48 39.60 -3.68 9.86
CA ASP D 48 39.89 -2.28 9.64
C ASP D 48 38.92 -1.37 10.39
N PHE D 49 37.88 -1.97 10.97
CA PHE D 49 36.91 -1.16 11.70
C PHE D 49 36.77 -1.48 13.18
N LYS D 50 37.08 -2.74 13.56
CA LYS D 50 36.84 -3.23 14.92
C LYS D 50 37.51 -2.34 15.97
N ASP D 51 36.69 -1.67 16.78
CA ASP D 51 37.16 -0.76 17.84
C ASP D 51 37.87 0.48 17.32
N LYS D 52 37.67 0.80 16.04
CA LYS D 52 38.32 1.96 15.45
C LYS D 52 37.48 3.23 15.58
N ILE D 53 38.14 4.37 15.36
CA ILE D 53 37.47 5.66 15.21
C ILE D 53 37.31 5.94 13.70
N VAL D 54 36.09 6.27 13.29
CA VAL D 54 35.74 6.37 11.87
C VAL D 54 35.15 7.72 11.58
N LEU D 55 35.49 8.27 10.41
CA LEU D 55 34.82 9.46 9.92
C LEU D 55 34.07 9.10 8.64
N ASP D 56 32.77 9.45 8.61
CA ASP D 56 31.91 9.25 7.45
C ASP D 56 31.64 10.63 6.83
N VAL D 57 32.24 10.90 5.69
CA VAL D 57 32.14 12.24 5.11
C VAL D 57 30.89 12.32 4.23
N GLY D 58 29.91 13.09 4.68
CA GLY D 58 28.65 13.14 3.95
C GLY D 58 27.79 11.90 4.14
N CYS D 59 27.37 11.67 5.38
CA CYS D 59 26.78 10.41 5.78
C CYS D 59 25.37 10.20 5.25
N GLY D 60 24.71 11.29 4.82
CA GLY D 60 23.37 11.18 4.26
C GLY D 60 22.46 10.55 5.27
N SER D 61 21.73 9.50 4.90
CA SER D 61 20.87 8.79 5.83
C SER D 61 21.66 8.21 7.01
N GLY D 62 22.97 8.06 6.85
CA GLY D 62 23.76 7.42 7.87
C GLY D 62 24.19 6.02 7.49
N ILE D 63 23.63 5.52 6.38
CA ILE D 63 23.78 4.12 6.03
C ILE D 63 25.21 3.53 6.13
N LEU D 64 26.23 4.27 5.67
CA LEU D 64 27.59 3.76 5.74
C LEU D 64 28.09 3.71 7.18
N SER D 65 27.68 4.69 7.99
CA SER D 65 28.07 4.67 9.39
C SER D 65 27.51 3.45 10.11
N PHE D 66 26.29 3.06 9.75
CA PHE D 66 25.72 1.85 10.30
C PHE D 66 26.52 0.62 9.88
N PHE D 67 27.02 0.62 8.64
CA PHE D 67 27.88 -0.49 8.22
C PHE D 67 29.17 -0.52 9.06
N ALA D 68 29.78 0.66 9.29
CA ALA D 68 30.94 0.75 10.15
C ALA D 68 30.60 0.21 11.55
N ALA D 69 29.44 0.59 12.07
CA ALA D 69 28.96 0.05 13.35
C ALA D 69 28.81 -1.48 13.30
N GLN D 70 28.27 -2.00 12.20
CA GLN D 70 28.06 -3.44 12.13
C GLN D 70 29.40 -4.16 12.11
N ALA D 71 30.44 -3.49 11.66
CA ALA D 71 31.76 -4.07 11.58
C ALA D 71 32.55 -3.87 12.88
N GLY D 72 31.96 -3.18 13.84
CA GLY D 72 32.56 -3.09 15.17
C GLY D 72 33.27 -1.80 15.55
N ALA D 73 33.08 -0.73 14.77
CA ALA D 73 33.78 0.50 15.08
C ALA D 73 33.42 0.96 16.50
N ARG D 74 34.34 1.67 17.14
CA ARG D 74 34.11 2.14 18.49
C ARG D 74 33.33 3.45 18.43
N LYS D 75 33.76 4.32 17.53
CA LYS D 75 33.14 5.64 17.40
C LYS D 75 33.14 6.08 15.96
N ILE D 76 32.01 6.60 15.52
CA ILE D 76 31.89 7.03 14.13
C ILE D 76 31.36 8.44 14.13
N TYR D 77 32.13 9.35 13.54
CA TYR D 77 31.63 10.70 13.33
C TYR D 77 31.05 10.80 11.92
N ALA D 78 29.76 11.08 11.86
CA ALA D 78 29.02 11.10 10.60
C ALA D 78 28.68 12.53 10.29
N VAL D 79 29.42 13.12 9.35
CA VAL D 79 29.28 14.53 9.02
C VAL D 79 28.37 14.71 7.79
N GLU D 80 27.41 15.63 7.91
CA GLU D 80 26.45 15.82 6.84
C GLU D 80 25.94 17.26 6.81
N ALA D 81 26.04 17.86 5.62
CA ALA D 81 25.81 19.27 5.45
C ALA D 81 24.37 19.63 5.14
N SER D 82 23.63 18.71 4.53
CA SER D 82 22.22 18.96 4.23
C SER D 82 21.35 18.70 5.47
N THR D 83 20.09 19.11 5.40
CA THR D 83 19.14 18.82 6.49
C THR D 83 18.90 17.31 6.67
N MET D 84 19.41 16.48 5.77
CA MET D 84 19.40 15.02 5.99
C MET D 84 20.10 14.62 7.31
N ALA D 85 20.94 15.51 7.83
CA ALA D 85 21.63 15.24 9.09
C ALA D 85 20.64 15.00 10.21
N GLN D 86 19.48 15.66 10.16
CA GLN D 86 18.49 15.49 11.21
C GLN D 86 17.84 14.11 11.13
N HIS D 87 17.56 13.63 9.92
CA HIS D 87 16.99 12.32 9.76
C HIS D 87 17.99 11.23 10.17
N ALA D 88 19.26 11.45 9.87
CA ALA D 88 20.30 10.49 10.24
C ALA D 88 20.31 10.35 11.77
N GLU D 89 20.17 11.47 12.46
CA GLU D 89 20.17 11.44 13.92
C GLU D 89 19.00 10.61 14.42
N VAL D 90 17.83 10.81 13.84
CA VAL D 90 16.67 9.99 14.18
C VAL D 90 16.97 8.52 14.03
N LEU D 91 17.57 8.13 12.92
CA LEU D 91 17.89 6.71 12.71
C LEU D 91 18.89 6.18 13.73
N VAL D 92 19.86 7.00 14.11
CA VAL D 92 20.86 6.57 15.09
C VAL D 92 20.22 6.26 16.45
N LYS D 93 19.24 7.09 16.86
CA LYS D 93 18.47 6.80 18.07
C LYS D 93 17.59 5.57 17.94
N SER D 94 16.78 5.53 16.89
CA SER D 94 15.88 4.39 16.75
C SER D 94 16.63 3.07 16.55
N ASN D 95 17.90 3.14 16.17
CA ASN D 95 18.70 1.93 16.03
C ASN D 95 19.59 1.72 17.25
N ASN D 96 19.41 2.58 18.26
CA ASN D 96 20.08 2.43 19.56
C ASN D 96 21.60 2.41 19.41
N LEU D 97 22.11 3.33 18.61
CA LEU D 97 23.53 3.43 18.35
C LEU D 97 24.06 4.80 18.77
N THR D 98 23.34 5.51 19.61
CA THR D 98 23.78 6.83 20.02
C THR D 98 25.13 6.78 20.73
N ASP D 99 25.48 5.62 21.28
CA ASP D 99 26.75 5.48 21.97
C ASP D 99 27.94 5.37 21.01
N ARG D 100 27.66 5.09 19.74
CA ARG D 100 28.74 4.82 18.80
C ARG D 100 28.76 5.69 17.55
N ILE D 101 27.59 6.17 17.12
CA ILE D 101 27.54 7.05 15.95
C ILE D 101 27.17 8.45 16.38
N VAL D 102 28.01 9.40 16.04
CA VAL D 102 27.76 10.77 16.40
C VAL D 102 27.59 11.56 15.12
N VAL D 103 26.39 12.09 14.93
CA VAL D 103 26.08 12.91 13.77
C VAL D 103 26.55 14.33 14.04
N ILE D 104 27.25 14.90 13.05
CA ILE D 104 27.75 16.26 13.13
C ILE D 104 27.28 17.04 11.90
N PRO D 105 26.28 17.92 12.09
CA PRO D 105 25.69 18.73 11.01
C PRO D 105 26.70 19.73 10.51
N GLY D 106 26.86 19.81 9.19
CA GLY D 106 27.70 20.83 8.59
C GLY D 106 28.61 20.31 7.49
N LYS D 107 29.40 21.20 6.89
CA LYS D 107 30.29 20.82 5.83
C LYS D 107 31.55 20.27 6.50
N VAL D 108 32.13 19.22 5.92
CA VAL D 108 33.29 18.61 6.53
C VAL D 108 34.45 19.62 6.56
N GLU D 109 34.40 20.62 5.67
CA GLU D 109 35.39 21.69 5.64
C GLU D 109 35.20 22.71 6.79
N GLU D 110 34.07 22.63 7.48
CA GLU D 110 33.71 23.71 8.41
C GLU D 110 33.44 23.24 9.83
N VAL D 111 33.26 21.93 10.01
CA VAL D 111 32.94 21.42 11.35
C VAL D 111 34.22 21.17 12.14
N SER D 112 34.05 20.84 13.42
CA SER D 112 35.16 20.40 14.25
C SER D 112 34.92 18.96 14.68
N LEU D 113 35.92 18.11 14.47
CA LEU D 113 35.92 16.79 15.09
C LEU D 113 36.64 16.84 16.42
N PRO D 114 36.18 16.06 17.41
CA PRO D 114 36.87 16.04 18.70
C PRO D 114 38.25 15.37 18.64
N GLU D 115 38.42 14.44 17.71
CA GLU D 115 39.65 13.65 17.64
C GLU D 115 39.98 13.18 16.22
N GLN D 116 41.20 12.68 16.04
CA GLN D 116 41.63 12.15 14.76
C GLN D 116 41.05 10.76 14.59
N VAL D 117 40.92 10.30 13.36
CA VAL D 117 40.25 9.03 13.14
C VAL D 117 41.19 8.02 12.50
N ASP D 118 40.82 6.75 12.57
CA ASP D 118 41.64 5.68 12.00
C ASP D 118 41.33 5.48 10.52
N ILE D 119 40.12 5.84 10.13
CA ILE D 119 39.69 5.55 8.79
C ILE D 119 38.55 6.46 8.38
N ILE D 120 38.67 6.97 7.17
CA ILE D 120 37.60 7.76 6.56
C ILE D 120 36.85 6.90 5.55
N ILE D 121 35.54 6.89 5.65
CA ILE D 121 34.70 6.30 4.63
C ILE D 121 33.83 7.38 3.99
N SER D 122 33.52 7.17 2.72
CA SER D 122 32.68 8.11 2.00
C SER D 122 32.20 7.52 0.68
N GLU D 123 31.06 8.02 0.20
CA GLU D 123 30.71 7.81 -1.19
C GLU D 123 30.52 9.20 -1.82
N PRO D 124 31.61 9.74 -2.33
CA PRO D 124 31.76 11.09 -2.87
C PRO D 124 31.80 11.12 -4.40
N MET D 125 31.46 10.03 -5.07
CA MET D 125 31.61 9.93 -6.53
C MET D 125 30.42 10.54 -7.30
N GLY D 126 30.71 11.44 -8.24
CA GLY D 126 29.67 11.87 -9.15
C GLY D 126 29.76 11.19 -10.51
N TYR D 127 28.92 11.63 -11.43
CA TYR D 127 29.05 11.24 -12.83
C TYR D 127 30.51 11.41 -13.26
N MET D 128 31.04 10.44 -14.00
CA MET D 128 32.43 10.58 -14.47
C MET D 128 33.37 10.67 -13.29
N LEU D 129 32.95 10.14 -12.15
CA LEU D 129 33.71 10.22 -10.91
C LEU D 129 33.75 11.60 -10.28
N PHE D 130 34.12 12.62 -11.07
CA PHE D 130 34.51 13.93 -10.54
C PHE D 130 33.40 14.94 -10.32
N ASN D 131 32.25 14.74 -10.97
CA ASN D 131 31.16 15.70 -10.88
C ASN D 131 30.75 15.92 -9.43
N GLU D 132 30.28 17.11 -9.12
CA GLU D 132 29.92 17.52 -7.76
C GLU D 132 31.11 18.00 -6.90
N ARG D 133 32.32 17.61 -7.28
CA ARG D 133 33.54 18.03 -6.59
C ARG D 133 33.53 17.63 -5.14
N MET D 134 32.85 16.54 -4.83
CA MET D 134 32.81 16.08 -3.45
C MET D 134 34.09 15.27 -3.15
N LEU D 135 34.75 14.76 -4.19
CA LEU D 135 36.04 14.14 -3.97
C LEU D 135 37.00 15.08 -3.22
N GLU D 136 36.88 16.39 -3.46
CA GLU D 136 37.76 17.33 -2.77
C GLU D 136 37.47 17.41 -1.28
N SER D 137 36.19 17.26 -0.93
CA SER D 137 35.77 17.27 0.47
C SER D 137 36.27 16.01 1.16
N TYR D 138 36.27 14.91 0.42
CA TYR D 138 36.80 13.66 0.93
C TYR D 138 38.30 13.78 1.18
N LEU D 139 39.04 14.37 0.23
CA LEU D 139 40.48 14.60 0.38
C LEU D 139 40.75 15.58 1.51
N HIS D 140 39.96 16.64 1.58
CA HIS D 140 40.07 17.65 2.62
C HIS D 140 40.00 17.02 4.01
N ALA D 141 39.18 15.97 4.11
CA ALA D 141 38.88 15.37 5.39
C ALA D 141 40.11 14.66 5.96
N LYS D 142 41.13 14.44 5.13
CA LYS D 142 42.36 13.78 5.59
C LYS D 142 43.06 14.59 6.67
N LYS D 143 42.68 15.85 6.83
CA LYS D 143 43.20 16.64 7.94
C LYS D 143 42.82 16.01 9.29
N TYR D 144 41.82 15.12 9.28
CA TYR D 144 41.43 14.42 10.51
C TYR D 144 41.99 13.02 10.60
N LEU D 145 42.77 12.60 9.61
CA LEU D 145 43.19 11.21 9.54
C LEU D 145 44.51 11.02 10.28
N LYS D 146 44.53 10.05 11.18
CA LYS D 146 45.78 9.64 11.81
C LYS D 146 46.79 9.17 10.77
N PRO D 147 48.07 9.29 11.10
CA PRO D 147 49.16 8.81 10.26
C PRO D 147 48.93 7.34 9.95
N SER D 148 48.99 6.99 8.67
CA SER D 148 48.71 5.63 8.24
C SER D 148 47.25 5.22 8.46
N GLY D 149 46.37 6.19 8.67
CA GLY D 149 44.95 5.91 8.60
C GLY D 149 44.56 5.50 7.19
N ASN D 150 43.44 4.80 7.04
CA ASN D 150 43.04 4.33 5.71
C ASN D 150 41.87 5.16 5.15
N MET D 151 41.59 4.94 3.88
CA MET D 151 40.49 5.63 3.16
C MET D 151 39.70 4.61 2.40
N PHE D 152 38.38 4.66 2.57
CA PHE D 152 37.45 3.70 1.97
C PHE D 152 36.36 4.51 1.23
N PRO D 153 36.46 4.59 -0.11
CA PRO D 153 37.40 3.92 -1.03
C PRO D 153 38.81 4.48 -0.98
N THR D 154 39.76 3.68 -1.47
CA THR D 154 41.18 4.03 -1.40
C THR D 154 41.70 4.66 -2.72
N ILE D 155 41.21 4.17 -3.84
CA ILE D 155 41.61 4.74 -5.12
C ILE D 155 40.43 4.80 -6.04
N GLY D 156 40.52 5.68 -7.03
CA GLY D 156 39.52 5.69 -8.08
C GLY D 156 40.16 5.68 -9.44
N ASP D 157 39.64 4.86 -10.33
CA ASP D 157 40.05 4.84 -11.73
C ASP D 157 38.96 5.42 -12.61
N VAL D 158 39.27 6.46 -13.37
CA VAL D 158 38.40 6.87 -14.46
C VAL D 158 38.86 6.20 -15.77
N HIS D 159 37.93 5.56 -16.46
CA HIS D 159 38.19 5.02 -17.79
C HIS D 159 37.60 5.85 -18.93
N LEU D 160 38.37 5.98 -20.00
CA LEU D 160 37.96 6.64 -21.23
C LEU D 160 38.17 5.66 -22.37
N ALA D 161 37.23 5.65 -23.32
CA ALA D 161 37.43 4.91 -24.54
C ALA D 161 36.60 5.56 -25.64
N PRO D 162 37.07 5.51 -26.88
CA PRO D 162 36.36 6.07 -28.03
C PRO D 162 35.18 5.19 -28.43
N PHE D 163 34.08 5.81 -28.85
CA PHE D 163 32.92 5.04 -29.29
C PHE D 163 32.42 5.48 -30.67
N THR D 164 31.73 4.57 -31.33
CA THR D 164 31.04 4.93 -32.52
C THR D 164 29.57 4.74 -32.22
N ASP D 165 28.77 5.77 -32.49
CA ASP D 165 27.34 5.67 -32.33
C ASP D 165 26.62 6.68 -33.18
N GLU D 166 26.41 6.27 -34.43
CA GLU D 166 25.88 7.15 -35.48
C GLU D 166 24.52 7.71 -35.07
N GLN D 167 23.70 6.87 -34.46
CA GLN D 167 22.37 7.25 -33.97
C GLN D 167 22.42 8.33 -32.93
N LEU D 168 23.31 8.22 -31.93
CA LEU D 168 23.43 9.29 -30.93
C LEU D 168 23.91 10.56 -31.60
N TYR D 169 24.88 10.42 -32.48
CA TYR D 169 25.43 11.59 -33.12
C TYR D 169 24.32 12.39 -33.86
N MET D 170 23.50 11.69 -34.65
CA MET D 170 22.62 12.35 -35.59
C MET D 170 21.42 12.93 -34.84
N GLU D 171 21.08 12.30 -33.72
CA GLU D 171 20.04 12.78 -32.83
C GLU D 171 20.21 14.27 -32.56
N GLN D 172 21.45 14.70 -32.38
CA GLN D 172 21.74 16.06 -31.95
C GLN D 172 21.21 17.02 -33.02
N PHE D 173 21.41 16.65 -34.27
CA PHE D 173 21.02 17.50 -35.39
C PHE D 173 19.55 17.44 -35.63
N THR D 174 18.97 16.26 -35.47
CA THR D 174 17.56 16.09 -35.69
C THR D 174 16.82 16.98 -34.71
N LYS D 175 17.35 17.06 -33.49
CA LYS D 175 16.80 17.96 -32.49
C LYS D 175 17.03 19.42 -32.85
N ALA D 176 18.26 19.78 -33.18
CA ALA D 176 18.53 21.17 -33.45
C ALA D 176 17.80 21.66 -34.70
N ASN D 177 17.45 20.75 -35.61
CA ASN D 177 16.88 21.20 -36.90
C ASN D 177 15.43 21.65 -36.71
N PHE D 178 14.88 21.42 -35.52
CA PHE D 178 13.69 22.20 -35.12
C PHE D 178 13.83 23.65 -35.55
N TRP D 179 15.01 24.23 -35.37
CA TRP D 179 15.17 25.66 -35.63
C TRP D 179 15.37 25.94 -37.13
N TYR D 180 15.66 24.89 -37.89
CA TYR D 180 15.94 25.08 -39.32
C TYR D 180 14.65 25.07 -40.11
N GLN D 181 13.81 26.08 -39.89
CA GLN D 181 12.58 26.20 -40.68
C GLN D 181 12.25 27.65 -40.94
N PRO D 182 11.91 27.97 -42.19
CA PRO D 182 11.84 29.35 -42.63
C PRO D 182 10.57 30.03 -42.13
N SER D 183 9.59 29.26 -41.70
CA SER D 183 8.31 29.86 -41.27
C SER D 183 7.54 29.03 -40.26
N PHE D 184 8.05 29.05 -39.04
CA PHE D 184 7.40 28.47 -37.91
C PHE D 184 6.34 29.48 -37.42
N HIS D 185 5.07 29.21 -37.72
CA HIS D 185 4.01 30.19 -37.47
C HIS D 185 4.42 31.52 -38.04
N GLY D 186 5.13 31.47 -39.18
CA GLY D 186 5.50 32.71 -39.84
C GLY D 186 6.86 33.27 -39.51
N VAL D 187 7.59 32.66 -38.57
CA VAL D 187 8.87 33.20 -38.17
C VAL D 187 9.97 32.32 -38.72
N ASP D 188 11.02 32.95 -39.21
CA ASP D 188 12.14 32.18 -39.71
C ASP D 188 13.10 31.91 -38.54
N LEU D 189 13.19 30.65 -38.13
CA LEU D 189 13.91 30.31 -36.90
C LEU D 189 15.37 30.00 -37.22
N SER D 190 15.69 30.00 -38.50
CA SER D 190 16.81 29.22 -38.96
C SER D 190 18.14 29.76 -38.48
N ALA D 191 18.19 31.06 -38.24
CA ALA D 191 19.41 31.71 -37.75
C ALA D 191 19.91 31.19 -36.39
N LEU D 192 19.03 30.53 -35.62
CA LEU D 192 19.44 29.97 -34.34
C LEU D 192 19.86 28.51 -34.42
N ARG D 193 19.95 27.95 -35.61
CA ARG D 193 20.17 26.52 -35.69
C ARG D 193 21.57 26.13 -35.19
N GLY D 194 22.57 26.93 -35.54
CA GLY D 194 23.94 26.68 -35.09
C GLY D 194 24.08 26.74 -33.58
N ALA D 195 23.43 27.71 -32.95
CA ALA D 195 23.45 27.79 -31.49
C ALA D 195 22.75 26.58 -30.86
N ALA D 196 21.62 26.18 -31.42
CA ALA D 196 20.97 25.00 -30.88
C ALA D 196 21.91 23.80 -31.01
N VAL D 197 22.60 23.65 -32.14
CA VAL D 197 23.57 22.56 -32.26
C VAL D 197 24.66 22.67 -31.19
N ASP D 198 25.23 23.85 -31.01
CA ASP D 198 26.28 24.02 -30.03
C ASP D 198 25.74 23.60 -28.67
N GLU D 199 24.51 23.99 -28.39
CA GLU D 199 23.99 23.78 -27.05
C GLU D 199 23.86 22.28 -26.72
N TYR D 200 23.39 21.47 -27.67
CA TYR D 200 23.25 20.06 -27.38
C TYR D 200 24.59 19.39 -27.24
N PHE D 201 25.57 19.82 -28.02
CA PHE D 201 26.87 19.14 -28.00
C PHE D 201 27.64 19.47 -26.73
N ARG D 202 27.31 20.59 -26.09
CA ARG D 202 27.97 20.94 -24.84
C ARG D 202 27.53 20.06 -23.69
N GLN D 203 26.55 19.19 -23.89
CA GLN D 203 26.04 18.36 -22.80
C GLN D 203 26.60 16.95 -22.82
N PRO D 204 27.28 16.52 -21.75
CA PRO D 204 27.59 15.09 -21.73
C PRO D 204 26.31 14.25 -21.64
N VAL D 205 26.32 13.08 -22.26
CA VAL D 205 25.14 12.21 -22.33
C VAL D 205 25.24 11.07 -21.34
N VAL D 206 24.27 11.02 -20.44
CA VAL D 206 24.25 9.98 -19.41
C VAL D 206 23.28 8.89 -19.83
N ASP D 207 23.82 7.69 -20.02
CA ASP D 207 23.03 6.47 -20.09
C ASP D 207 24.00 5.31 -20.28
N THR D 208 23.51 4.14 -20.61
CA THR D 208 24.43 3.04 -20.76
C THR D 208 24.39 2.70 -22.23
N PHE D 209 25.09 1.65 -22.66
CA PHE D 209 25.24 1.34 -24.07
C PHE D 209 25.89 -0.02 -24.16
N ASP D 210 25.81 -0.65 -25.32
CA ASP D 210 26.40 -1.96 -25.56
C ASP D 210 27.91 -1.76 -25.75
N ILE D 211 28.73 -2.62 -25.14
CA ILE D 211 30.17 -2.38 -25.21
C ILE D 211 30.73 -2.56 -26.62
N ARG D 212 29.94 -3.14 -27.51
CA ARG D 212 30.34 -3.26 -28.91
C ARG D 212 30.60 -1.91 -29.59
N ILE D 213 30.02 -0.81 -29.07
CA ILE D 213 30.29 0.49 -29.66
C ILE D 213 31.71 1.00 -29.31
N LEU D 214 32.42 0.32 -28.43
CA LEU D 214 33.73 0.84 -28.04
C LEU D 214 34.75 0.39 -29.07
N MET D 215 35.66 1.29 -29.45
CA MET D 215 36.53 1.11 -30.60
C MET D 215 37.98 0.80 -30.25
N ALA D 216 38.33 1.01 -28.99
CA ALA D 216 39.68 0.72 -28.48
C ALA D 216 39.59 0.43 -26.97
N LYS D 217 40.59 -0.31 -26.49
CA LYS D 217 40.69 -0.60 -25.06
C LYS D 217 40.76 0.73 -24.32
N SER D 218 40.13 0.81 -23.16
CA SER D 218 40.07 2.07 -22.44
C SER D 218 41.44 2.50 -21.97
N VAL D 219 41.61 3.81 -21.82
CA VAL D 219 42.70 4.37 -21.05
C VAL D 219 42.20 4.70 -19.64
N LYS D 220 43.11 4.59 -18.67
CA LYS D 220 42.76 4.67 -17.26
C LYS D 220 43.46 5.87 -16.62
N TYR D 221 42.74 6.64 -15.83
CA TYR D 221 43.37 7.69 -15.05
C TYR D 221 43.07 7.48 -13.59
N THR D 222 44.09 7.48 -12.75
CA THR D 222 43.92 7.00 -11.38
C THR D 222 44.14 8.11 -10.38
N VAL D 223 43.25 8.18 -9.40
CA VAL D 223 43.43 9.08 -8.27
C VAL D 223 43.61 8.19 -7.05
N ASN D 224 44.72 8.39 -6.36
CA ASN D 224 44.99 7.65 -5.14
C ASN D 224 44.59 8.54 -3.97
N PHE D 225 43.55 8.17 -3.24
CA PHE D 225 42.96 9.10 -2.29
C PHE D 225 43.82 9.23 -1.04
N LEU D 226 44.66 8.22 -0.79
CA LEU D 226 45.62 8.30 0.30
C LEU D 226 46.63 9.42 0.02
N GLU D 227 46.91 9.67 -1.24
CA GLU D 227 48.01 10.55 -1.60
C GLU D 227 47.58 11.92 -2.12
N ALA D 228 46.48 11.96 -2.87
CA ALA D 228 46.10 13.18 -3.60
C ALA D 228 45.81 14.35 -2.66
N LYS D 229 46.06 15.56 -3.14
CA LYS D 229 45.60 16.74 -2.44
C LYS D 229 44.41 17.35 -3.19
N GLU D 230 43.57 18.06 -2.44
CA GLU D 230 42.45 18.84 -2.98
C GLU D 230 42.81 19.52 -4.29
N GLY D 231 43.91 20.26 -4.27
CA GLY D 231 44.29 21.04 -5.43
C GLY D 231 44.60 20.19 -6.66
N ASP D 232 44.86 18.89 -6.47
CA ASP D 232 45.13 18.02 -7.62
C ASP D 232 43.89 17.88 -8.49
N LEU D 233 42.74 18.18 -7.92
CA LEU D 233 41.52 17.94 -8.65
C LEU D 233 40.98 19.22 -9.30
N HIS D 234 41.69 20.33 -9.16
CA HIS D 234 41.26 21.58 -9.77
C HIS D 234 41.45 21.57 -11.28
N ARG D 235 42.45 20.82 -11.74
CA ARG D 235 42.80 20.75 -13.14
C ARG D 235 43.29 19.36 -13.44
N ILE D 236 42.46 18.58 -14.12
CA ILE D 236 42.81 17.19 -14.32
C ILE D 236 43.10 16.98 -15.80
N GLU D 237 44.34 16.64 -16.09
CA GLU D 237 44.74 16.46 -17.47
C GLU D 237 44.89 14.99 -17.73
N ILE D 238 44.12 14.49 -18.69
CA ILE D 238 44.15 13.08 -19.00
C ILE D 238 44.56 12.89 -20.46
N PRO D 239 45.84 12.64 -20.70
CA PRO D 239 46.37 12.34 -22.03
C PRO D 239 45.89 10.96 -22.46
N PHE D 240 45.75 10.75 -23.76
CA PHE D 240 45.37 9.43 -24.20
C PHE D 240 45.95 9.12 -25.56
N LYS D 241 46.16 7.83 -25.80
CA LYS D 241 46.61 7.41 -27.12
C LYS D 241 45.97 6.06 -27.43
N PHE D 242 44.82 6.10 -28.08
CA PHE D 242 44.10 4.85 -28.27
C PHE D 242 44.62 4.13 -29.52
N HIS D 243 44.80 2.81 -29.41
CA HIS D 243 45.10 2.00 -30.56
C HIS D 243 43.82 1.31 -31.10
N MET D 244 43.35 1.80 -32.22
CA MET D 244 41.99 1.50 -32.67
C MET D 244 41.84 0.03 -32.97
N LEU D 245 40.95 -0.64 -32.25
CA LEU D 245 40.66 -2.05 -32.51
C LEU D 245 39.65 -2.22 -33.63
N HIS D 246 38.95 -1.14 -33.97
CA HIS D 246 37.92 -1.23 -35.00
C HIS D 246 38.03 -0.06 -35.95
N SER D 247 37.50 -0.24 -37.15
CA SER D 247 37.47 0.82 -38.15
C SER D 247 36.09 1.45 -38.11
N GLY D 248 36.02 2.78 -38.14
CA GLY D 248 34.74 3.45 -38.17
C GLY D 248 34.86 4.92 -37.86
N LEU D 249 33.72 5.60 -37.78
CA LEU D 249 33.65 6.97 -37.30
C LEU D 249 33.60 7.06 -35.77
N VAL D 250 34.63 7.61 -35.17
CA VAL D 250 34.62 7.93 -33.75
C VAL D 250 33.73 9.16 -33.47
N HIS D 251 32.70 9.00 -32.66
CA HIS D 251 31.80 10.11 -32.40
C HIS D 251 32.06 10.79 -31.05
N GLY D 252 32.98 10.23 -30.25
CA GLY D 252 33.26 10.81 -28.95
C GLY D 252 34.03 9.89 -28.00
N LEU D 253 34.18 10.31 -26.74
CA LEU D 253 34.71 9.43 -25.71
C LEU D 253 33.65 9.02 -24.69
N ALA D 254 33.68 7.75 -24.30
CA ALA D 254 32.86 7.26 -23.22
C ALA D 254 33.70 7.16 -21.94
N PHE D 255 33.05 7.49 -20.83
CA PHE D 255 33.68 7.53 -19.53
C PHE D 255 32.90 6.65 -18.57
N TRP D 256 33.63 5.95 -17.69
CA TRP D 256 33.08 5.30 -16.51
C TRP D 256 34.19 5.24 -15.45
N PHE D 257 33.89 4.66 -14.29
CA PHE D 257 34.88 4.67 -13.23
C PHE D 257 34.71 3.50 -12.27
N ASP D 258 35.81 3.13 -11.61
CA ASP D 258 35.80 2.07 -10.61
C ASP D 258 36.41 2.73 -9.39
N VAL D 259 36.01 2.30 -8.21
CA VAL D 259 36.81 2.60 -7.02
C VAL D 259 37.20 1.29 -6.30
N ALA D 260 38.33 1.29 -5.61
CA ALA D 260 38.74 0.12 -4.84
C ALA D 260 38.82 0.48 -3.37
N PHE D 261 38.30 -0.42 -2.54
CA PHE D 261 38.47 -0.34 -1.11
C PHE D 261 39.59 -1.33 -0.79
N ILE D 262 40.78 -0.81 -0.51
CA ILE D 262 41.93 -1.67 -0.27
C ILE D 262 42.03 -1.90 1.24
N GLY D 263 41.44 -2.98 1.72
CA GLY D 263 41.39 -3.23 3.16
C GLY D 263 42.48 -4.19 3.61
N SER D 264 42.61 -4.35 4.91
CA SER D 264 43.61 -5.26 5.47
C SER D 264 43.38 -6.73 5.08
N ILE D 265 42.13 -7.13 4.94
CA ILE D 265 41.83 -8.51 4.61
C ILE D 265 41.68 -8.70 3.11
N MET D 266 40.99 -7.79 2.45
CA MET D 266 40.86 -7.89 1.00
C MET D 266 40.58 -6.57 0.32
N THR D 267 40.76 -6.55 -0.98
CA THR D 267 40.42 -5.40 -1.77
C THR D 267 39.09 -5.68 -2.44
N VAL D 268 38.14 -4.77 -2.25
CA VAL D 268 36.85 -4.86 -2.94
C VAL D 268 36.70 -3.76 -3.97
N TRP D 269 36.24 -4.12 -5.16
CA TRP D 269 36.02 -3.14 -6.22
C TRP D 269 34.54 -2.82 -6.41
N LEU D 270 34.23 -1.53 -6.56
CA LEU D 270 32.92 -1.08 -7.06
C LEU D 270 33.15 -0.49 -8.48
N SER D 271 32.53 -1.11 -9.48
CA SER D 271 32.74 -0.70 -10.88
C SER D 271 31.44 -0.18 -11.51
N THR D 272 31.53 0.90 -12.30
CA THR D 272 30.36 1.39 -13.07
C THR D 272 30.61 1.18 -14.56
N ALA D 273 31.45 0.20 -14.86
CA ALA D 273 31.84 -0.09 -16.24
C ALA D 273 30.65 -0.70 -17.05
N PRO D 274 30.60 -0.40 -18.35
CA PRO D 274 29.48 -0.92 -19.16
C PRO D 274 29.47 -2.45 -19.29
N THR D 275 30.58 -3.10 -18.93
CA THR D 275 30.61 -4.54 -18.88
C THR D 275 30.00 -5.07 -17.58
N GLU D 276 29.70 -4.18 -16.65
CA GLU D 276 29.23 -4.56 -15.34
C GLU D 276 27.78 -4.19 -15.19
N PRO D 277 27.06 -4.81 -14.25
CA PRO D 277 25.65 -4.45 -14.08
C PRO D 277 25.47 -2.96 -13.81
N LEU D 278 24.36 -2.43 -14.30
CA LEU D 278 24.09 -1.00 -14.28
C LEU D 278 24.01 -0.44 -12.86
N THR D 279 24.50 0.77 -12.64
CA THR D 279 24.37 1.45 -11.33
C THR D 279 23.71 2.76 -11.63
N HIS D 280 23.37 3.54 -10.60
CA HIS D 280 22.70 4.81 -10.85
C HIS D 280 23.65 5.88 -11.43
N TRP D 281 24.92 5.52 -11.62
CA TRP D 281 25.86 6.40 -12.33
C TRP D 281 25.86 6.17 -13.84
N TYR D 282 25.24 5.09 -14.27
CA TYR D 282 25.25 4.74 -15.68
C TYR D 282 26.66 4.83 -16.24
N GLN D 283 26.77 5.35 -17.45
CA GLN D 283 28.04 5.83 -18.00
C GLN D 283 27.85 7.19 -18.65
N VAL D 284 28.93 7.82 -19.08
CA VAL D 284 28.87 9.15 -19.62
C VAL D 284 29.57 9.24 -20.97
N ARG D 285 28.90 9.88 -21.93
CA ARG D 285 29.54 10.02 -23.23
C ARG D 285 29.61 11.47 -23.64
N CYS D 286 30.78 11.90 -24.09
CA CYS D 286 30.98 13.26 -24.59
C CYS D 286 31.20 13.14 -26.07
N LEU D 287 30.32 13.76 -26.85
CA LEU D 287 30.41 13.72 -28.30
C LEU D 287 31.46 14.68 -28.83
N PHE D 288 32.02 14.30 -29.97
CA PHE D 288 32.83 15.22 -30.77
C PHE D 288 31.86 15.89 -31.74
N GLN D 289 31.95 17.20 -31.96
CA GLN D 289 30.99 17.74 -32.93
C GLN D 289 31.38 17.38 -34.36
N SER D 290 32.64 17.07 -34.57
CA SER D 290 33.03 16.49 -35.84
C SER D 290 33.63 15.13 -35.57
N PRO D 291 32.98 14.08 -36.06
CA PRO D 291 33.52 12.73 -35.86
C PRO D 291 34.88 12.59 -36.53
N LEU D 292 35.58 11.53 -36.18
CA LEU D 292 36.90 11.29 -36.74
C LEU D 292 36.98 9.86 -37.27
N PHE D 293 37.49 9.71 -38.49
CA PHE D 293 37.61 8.39 -39.10
C PHE D 293 38.94 7.76 -38.77
N ALA D 294 38.89 6.57 -38.20
CA ALA D 294 40.11 5.88 -37.87
C ALA D 294 39.91 4.47 -38.37
N LYS D 295 40.95 3.89 -38.94
CA LYS D 295 40.89 2.51 -39.35
C LYS D 295 41.55 1.69 -38.27
N ALA D 296 41.24 0.40 -38.23
CA ALA D 296 41.79 -0.44 -37.19
C ALA D 296 43.32 -0.36 -37.22
N GLY D 297 43.97 -0.28 -36.05
CA GLY D 297 45.42 -0.15 -36.01
C GLY D 297 45.97 1.28 -36.01
N ASP D 298 45.17 2.23 -36.49
CA ASP D 298 45.48 3.66 -36.28
C ASP D 298 45.58 4.01 -34.80
N THR D 299 46.14 5.18 -34.52
CA THR D 299 46.17 5.68 -33.16
C THR D 299 45.40 6.99 -33.07
N LEU D 300 44.53 7.08 -32.06
CA LEU D 300 43.78 8.28 -31.83
C LEU D 300 44.33 8.88 -30.55
N SER D 301 44.93 10.06 -30.68
CA SER D 301 45.58 10.66 -29.55
C SER D 301 45.05 12.04 -29.26
N GLY D 302 45.17 12.44 -28.00
CA GLY D 302 44.78 13.78 -27.62
C GLY D 302 44.72 13.92 -26.11
N THR D 303 43.91 14.85 -25.65
CA THR D 303 43.85 15.16 -24.24
C THR D 303 42.43 15.44 -23.85
N CYS D 304 42.06 14.94 -22.68
CA CYS D 304 40.84 15.33 -22.02
C CYS D 304 41.20 16.17 -20.79
N LEU D 305 40.87 17.45 -20.82
CA LEU D 305 41.22 18.36 -19.75
C LEU D 305 39.96 18.74 -18.96
N LEU D 306 39.98 18.49 -17.66
CA LEU D 306 38.84 18.86 -16.82
C LEU D 306 39.25 20.01 -15.91
N ILE D 307 38.51 21.12 -16.00
CA ILE D 307 38.84 22.29 -15.24
C ILE D 307 37.69 22.57 -14.30
N ALA D 308 37.97 22.51 -12.99
CA ALA D 308 36.90 22.61 -12.00
C ALA D 308 36.35 24.02 -12.05
N ASN D 309 35.04 24.17 -11.85
CA ASN D 309 34.41 25.50 -11.78
C ASN D 309 33.67 25.66 -10.46
N LYS D 310 33.12 26.83 -10.22
CA LYS D 310 32.49 27.08 -8.93
C LYS D 310 31.03 26.63 -8.90
N ARG D 311 30.59 25.92 -9.93
CA ARG D 311 29.28 25.28 -9.92
C ARG D 311 29.39 23.81 -9.48
N GLN D 312 30.46 23.50 -8.76
CA GLN D 312 30.68 22.15 -8.27
C GLN D 312 30.85 21.11 -9.38
N SER D 313 31.37 21.54 -10.52
CA SER D 313 31.54 20.63 -11.62
C SER D 313 32.78 20.98 -12.42
N TYR D 314 32.83 20.52 -13.66
CA TYR D 314 33.98 20.77 -14.52
C TYR D 314 33.59 21.24 -15.91
N ASP D 315 34.42 22.12 -16.47
CA ASP D 315 34.45 22.34 -17.90
C ASP D 315 35.39 21.31 -18.50
N ILE D 316 34.89 20.61 -19.52
CA ILE D 316 35.58 19.49 -20.13
C ILE D 316 36.08 19.95 -21.48
N SER D 317 37.38 19.79 -21.70
CA SER D 317 37.95 20.07 -22.99
C SER D 317 38.49 18.77 -23.56
N ILE D 318 38.05 18.40 -24.76
CA ILE D 318 38.58 17.23 -25.39
C ILE D 318 39.14 17.61 -26.75
N VAL D 319 40.44 17.33 -26.93
CA VAL D 319 41.07 17.46 -28.21
C VAL D 319 41.56 16.08 -28.66
N ALA D 320 41.28 15.72 -29.91
CA ALA D 320 41.65 14.41 -30.41
C ALA D 320 42.06 14.49 -31.86
N GLN D 321 43.03 13.68 -32.24
CA GLN D 321 43.44 13.58 -33.62
C GLN D 321 43.76 12.14 -34.04
N VAL D 322 43.51 11.84 -35.30
CA VAL D 322 43.98 10.58 -35.86
C VAL D 322 45.39 10.82 -36.38
N ASP D 323 46.38 10.21 -35.73
CA ASP D 323 47.76 10.56 -36.01
C ASP D 323 48.05 10.31 -37.48
N GLN D 324 47.54 9.21 -38.02
CA GLN D 324 47.83 8.85 -39.40
C GLN D 324 47.24 9.81 -40.41
N THR D 325 46.13 10.48 -40.09
CA THR D 325 45.56 11.39 -41.08
C THR D 325 45.73 12.84 -40.69
N GLY D 326 45.99 13.10 -39.42
CA GLY D 326 46.05 14.49 -38.98
C GLY D 326 44.69 15.16 -38.79
N SER D 327 43.59 14.50 -39.13
CA SER D 327 42.29 15.12 -38.86
C SER D 327 42.00 15.22 -37.36
N LYS D 328 41.44 16.35 -36.97
CA LYS D 328 41.39 16.80 -35.59
C LYS D 328 39.97 17.12 -35.19
N SER D 329 39.69 16.97 -33.90
CA SER D 329 38.42 17.36 -33.37
C SER D 329 38.63 17.87 -31.97
N SER D 330 37.87 18.90 -31.60
CA SER D 330 38.02 19.51 -30.29
C SER D 330 36.70 20.03 -29.78
N ASN D 331 36.36 19.66 -28.54
CA ASN D 331 35.03 19.91 -28.02
C ASN D 331 35.03 20.37 -26.56
N LEU D 332 34.06 21.24 -26.23
CA LEU D 332 33.85 21.72 -24.88
C LEU D 332 32.48 21.30 -24.39
N LEU D 333 32.45 20.70 -23.20
CA LEU D 333 31.19 20.32 -22.58
C LEU D 333 31.12 20.85 -21.15
N ASP D 334 29.90 21.01 -20.64
CA ASP D 334 29.68 21.44 -19.27
C ASP D 334 29.17 20.27 -18.48
N LEU D 335 29.99 19.71 -17.61
CA LEU D 335 29.57 18.52 -16.89
C LEU D 335 28.48 18.85 -15.89
N LYS D 336 28.29 20.12 -15.55
CA LYS D 336 27.20 20.48 -14.64
C LYS D 336 25.81 20.33 -15.27
N ASN D 337 25.75 20.10 -16.58
CA ASN D 337 24.46 20.07 -17.25
C ASN D 337 24.38 18.90 -18.19
N PRO D 338 24.46 17.69 -17.65
CA PRO D 338 24.47 16.52 -18.51
C PRO D 338 23.09 16.36 -19.14
N PHE D 339 23.03 15.67 -20.29
CA PHE D 339 21.74 15.27 -20.84
C PHE D 339 21.44 13.88 -20.35
N PHE D 340 20.37 13.74 -19.58
CA PHE D 340 20.01 12.41 -19.11
C PHE D 340 19.15 11.70 -20.16
N ARG D 341 19.74 10.73 -20.84
CA ARG D 341 19.11 10.14 -22.00
C ARG D 341 18.51 8.76 -21.69
N TYR D 342 18.94 8.13 -20.59
CA TYR D 342 18.47 6.77 -20.30
C TYR D 342 16.95 6.73 -20.09
N THR D 343 16.36 5.62 -20.55
CA THR D 343 14.94 5.38 -20.36
C THR D 343 14.72 3.95 -19.88
N GLY D 344 15.27 3.03 -20.52
#